data_6AKK
# 
_entry.id   6AKK 
# 
_audit_conform.dict_name       mmcif_pdbx.dic 
_audit_conform.dict_version    5.387 
_audit_conform.dict_location   http://mmcif.pdb.org/dictionaries/ascii/mmcif_pdbx.dic 
# 
loop_
_database_2.database_id 
_database_2.database_code 
_database_2.pdbx_database_accession 
_database_2.pdbx_DOI 
PDB   6AKK         pdb_00006akk 10.2210/pdb6akk/pdb 
WWPDB D_1300008919 ?            ?                   
# 
loop_
_pdbx_audit_revision_history.ordinal 
_pdbx_audit_revision_history.data_content_type 
_pdbx_audit_revision_history.major_revision 
_pdbx_audit_revision_history.minor_revision 
_pdbx_audit_revision_history.revision_date 
1 'Structure model' 1 0 2019-01-16 
2 'Structure model' 1 1 2019-02-13 
3 'Structure model' 1 2 2024-03-27 
# 
_pdbx_audit_revision_details.ordinal             1 
_pdbx_audit_revision_details.revision_ordinal    1 
_pdbx_audit_revision_details.data_content_type   'Structure model' 
_pdbx_audit_revision_details.provider            repository 
_pdbx_audit_revision_details.type                'Initial release' 
_pdbx_audit_revision_details.description         ? 
_pdbx_audit_revision_details.details             ? 
# 
loop_
_pdbx_audit_revision_group.ordinal 
_pdbx_audit_revision_group.revision_ordinal 
_pdbx_audit_revision_group.data_content_type 
_pdbx_audit_revision_group.group 
1 2 'Structure model' 'Data collection'     
2 2 'Structure model' 'Database references' 
3 3 'Structure model' 'Data collection'     
4 3 'Structure model' 'Database references' 
# 
loop_
_pdbx_audit_revision_category.ordinal 
_pdbx_audit_revision_category.revision_ordinal 
_pdbx_audit_revision_category.data_content_type 
_pdbx_audit_revision_category.category 
1 2 'Structure model' citation        
2 2 'Structure model' citation_author 
3 3 'Structure model' chem_comp_atom  
4 3 'Structure model' chem_comp_bond  
5 3 'Structure model' database_2      
# 
loop_
_pdbx_audit_revision_item.ordinal 
_pdbx_audit_revision_item.revision_ordinal 
_pdbx_audit_revision_item.data_content_type 
_pdbx_audit_revision_item.item 
1  2 'Structure model' '_citation.journal_volume'            
2  2 'Structure model' '_citation.page_first'                
3  2 'Structure model' '_citation.page_last'                 
4  2 'Structure model' '_citation.pdbx_database_id_DOI'      
5  2 'Structure model' '_citation.pdbx_database_id_PubMed'   
6  2 'Structure model' '_citation.title'                     
7  2 'Structure model' '_citation_author.identifier_ORCID'   
8  2 'Structure model' '_citation_author.name'               
9  3 'Structure model' '_database_2.pdbx_DOI'                
10 3 'Structure model' '_database_2.pdbx_database_accession' 
# 
_pdbx_database_status.status_code                     REL 
_pdbx_database_status.status_code_sf                  REL 
_pdbx_database_status.status_code_mr                  ? 
_pdbx_database_status.entry_id                        6AKK 
_pdbx_database_status.recvd_initial_deposition_date   2018-09-02 
_pdbx_database_status.SG_entry                        N 
_pdbx_database_status.deposit_site                    PDBJ 
_pdbx_database_status.process_site                    PDBJ 
_pdbx_database_status.status_code_cs                  ? 
_pdbx_database_status.methods_development_category    ? 
_pdbx_database_status.pdb_format_compatible           Y 
_pdbx_database_status.status_code_nmr_data            ? 
# 
loop_
_audit_author.name 
_audit_author.pdbx_ordinal 
_audit_author.identifier_ORCID 
'Zhou, L.'   1 ? 
'Chen, M.'   2 ? 
'Zhou, Z.C.' 3 ? 
# 
_citation.abstract                  ? 
_citation.abstract_id_CAS           ? 
_citation.book_id_ISBN              ? 
_citation.book_publisher            ? 
_citation.book_publisher_city       ? 
_citation.book_title                ? 
_citation.coordinate_linkage        ? 
_citation.country                   UK 
_citation.database_id_Medline       ? 
_citation.details                   ? 
_citation.id                        primary 
_citation.journal_abbrev            'Cell Discov' 
_citation.journal_id_ASTM           ? 
_citation.journal_id_CSD            ? 
_citation.journal_id_ISSN           2056-5968 
_citation.journal_full              ? 
_citation.journal_issue             ? 
_citation.journal_volume            5 
_citation.language                  ? 
_citation.page_first                3 
_citation.page_last                 3 
_citation.title                     'Architecture, substructures, and dynamic assembly of STRIPAK complexes in Hippo signaling.' 
_citation.year                      2019 
_citation.database_id_CSD           ? 
_citation.pdbx_database_id_DOI      10.1038/s41421-018-0077-3 
_citation.pdbx_database_id_PubMed   30622739 
_citation.unpublished_flag          ? 
# 
loop_
_citation_author.citation_id 
_citation_author.name 
_citation_author.ordinal 
_citation_author.identifier_ORCID 
primary 'Tang, Y.'  1  0000-0001-5490-3385 
primary 'Chen, M.'  2  0000-0002-9790-7244 
primary 'Zhou, L.'  3  ?                   
primary 'Ma, J.'    4  ?                   
primary 'Li, Y.'    5  ?                   
primary 'Zhang, H.' 6  ?                   
primary 'Shi, Z.'   7  0000-0002-9624-4960 
primary 'Xu, Q.'    8  ?                   
primary 'Zhang, X.' 9  ?                   
primary 'Gao, Z.'   10 ?                   
primary 'Zhao, Y.'  11 ?                   
primary 'Cheng, Y.' 12 ?                   
primary 'Jiao, S.'  13 ?                   
primary 'Zhou, Z.'  14 0000-0002-5441-3922 
# 
loop_
_entity.id 
_entity.type 
_entity.src_method 
_entity.pdbx_description 
_entity.formula_weight 
_entity.pdbx_number_of_molecules 
_entity.pdbx_ec 
_entity.pdbx_mutation 
_entity.pdbx_fragment 
_entity.details 
1 polymer     man 'Suppressor of IKBKE 1' 6426.421 2  ? ? ? ? 
2 non-polymer nat GLYCEROL                92.094   1  ? ? ? ? 
3 water       nat water                   18.015   99 ? ? ? ? 
# 
_entity_name_com.entity_id   1 
_entity_name_com.name        'Suppressor of IKK-epsilon' 
# 
_entity_poly.entity_id                      1 
_entity_poly.type                           'polypeptide(L)' 
_entity_poly.nstd_linkage                   no 
_entity_poly.nstd_monomer                   no 
_entity_poly.pdbx_seq_one_letter_code       STMGLLSQENTQIRDLQQENRELWISLEEHQDALELIMSKYRKQMLQLMVAKKA 
_entity_poly.pdbx_seq_one_letter_code_can   STMGLLSQENTQIRDLQQENRELWISLEEHQDALELIMSKYRKQMLQLMVAKKA 
_entity_poly.pdbx_strand_id                 A,B 
_entity_poly.pdbx_target_identifier         ? 
# 
loop_
_pdbx_entity_nonpoly.entity_id 
_pdbx_entity_nonpoly.name 
_pdbx_entity_nonpoly.comp_id 
2 GLYCEROL GOL 
3 water    HOH 
# 
loop_
_entity_poly_seq.entity_id 
_entity_poly_seq.num 
_entity_poly_seq.mon_id 
_entity_poly_seq.hetero 
1 1  SER n 
1 2  THR n 
1 3  MET n 
1 4  GLY n 
1 5  LEU n 
1 6  LEU n 
1 7  SER n 
1 8  GLN n 
1 9  GLU n 
1 10 ASN n 
1 11 THR n 
1 12 GLN n 
1 13 ILE n 
1 14 ARG n 
1 15 ASP n 
1 16 LEU n 
1 17 GLN n 
1 18 GLN n 
1 19 GLU n 
1 20 ASN n 
1 21 ARG n 
1 22 GLU n 
1 23 LEU n 
1 24 TRP n 
1 25 ILE n 
1 26 SER n 
1 27 LEU n 
1 28 GLU n 
1 29 GLU n 
1 30 HIS n 
1 31 GLN n 
1 32 ASP n 
1 33 ALA n 
1 34 LEU n 
1 35 GLU n 
1 36 LEU n 
1 37 ILE n 
1 38 MET n 
1 39 SER n 
1 40 LYS n 
1 41 TYR n 
1 42 ARG n 
1 43 LYS n 
1 44 GLN n 
1 45 MET n 
1 46 LEU n 
1 47 GLN n 
1 48 LEU n 
1 49 MET n 
1 50 VAL n 
1 51 ALA n 
1 52 LYS n 
1 53 LYS n 
1 54 ALA n 
# 
_entity_src_gen.entity_id                          1 
_entity_src_gen.pdbx_src_id                        1 
_entity_src_gen.pdbx_alt_source_flag               sample 
_entity_src_gen.pdbx_seq_type                      'Biological sequence' 
_entity_src_gen.pdbx_beg_seq_num                   1 
_entity_src_gen.pdbx_end_seq_num                   54 
_entity_src_gen.gene_src_common_name               Human 
_entity_src_gen.gene_src_genus                     ? 
_entity_src_gen.pdbx_gene_src_gene                 'SIKE1, SIKE' 
_entity_src_gen.gene_src_species                   ? 
_entity_src_gen.gene_src_strain                    ? 
_entity_src_gen.gene_src_tissue                    ? 
_entity_src_gen.gene_src_tissue_fraction           ? 
_entity_src_gen.gene_src_details                   ? 
_entity_src_gen.pdbx_gene_src_fragment             ? 
_entity_src_gen.pdbx_gene_src_scientific_name      'Homo sapiens' 
_entity_src_gen.pdbx_gene_src_ncbi_taxonomy_id     9606 
_entity_src_gen.pdbx_gene_src_variant              ? 
_entity_src_gen.pdbx_gene_src_cell_line            ? 
_entity_src_gen.pdbx_gene_src_atcc                 ? 
_entity_src_gen.pdbx_gene_src_organ                ? 
_entity_src_gen.pdbx_gene_src_organelle            ? 
_entity_src_gen.pdbx_gene_src_cell                 ? 
_entity_src_gen.pdbx_gene_src_cellular_location    ? 
_entity_src_gen.host_org_common_name               ? 
_entity_src_gen.pdbx_host_org_scientific_name      'Escherichia coli BL21(DE3)' 
_entity_src_gen.pdbx_host_org_ncbi_taxonomy_id     469008 
_entity_src_gen.host_org_genus                     ? 
_entity_src_gen.pdbx_host_org_gene                 ? 
_entity_src_gen.pdbx_host_org_organ                ? 
_entity_src_gen.host_org_species                   ? 
_entity_src_gen.pdbx_host_org_tissue               ? 
_entity_src_gen.pdbx_host_org_tissue_fraction      ? 
_entity_src_gen.pdbx_host_org_strain               'BL21 (DE3)' 
_entity_src_gen.pdbx_host_org_variant              CodonPlus 
_entity_src_gen.pdbx_host_org_cell_line            ? 
_entity_src_gen.pdbx_host_org_atcc                 ? 
_entity_src_gen.pdbx_host_org_culture_collection   ? 
_entity_src_gen.pdbx_host_org_cell                 ? 
_entity_src_gen.pdbx_host_org_organelle            ? 
_entity_src_gen.pdbx_host_org_cellular_location    ? 
_entity_src_gen.pdbx_host_org_vector_type          ? 
_entity_src_gen.pdbx_host_org_vector               ? 
_entity_src_gen.host_org_details                   ? 
_entity_src_gen.expression_system_id               ? 
_entity_src_gen.plasmid_name                       ? 
_entity_src_gen.plasmid_details                    ? 
_entity_src_gen.pdbx_description                   ? 
# 
loop_
_chem_comp.id 
_chem_comp.type 
_chem_comp.mon_nstd_flag 
_chem_comp.name 
_chem_comp.pdbx_synonyms 
_chem_comp.formula 
_chem_comp.formula_weight 
ALA 'L-peptide linking' y ALANINE         ?                               'C3 H7 N O2'     89.093  
ARG 'L-peptide linking' y ARGININE        ?                               'C6 H15 N4 O2 1' 175.209 
ASN 'L-peptide linking' y ASPARAGINE      ?                               'C4 H8 N2 O3'    132.118 
ASP 'L-peptide linking' y 'ASPARTIC ACID' ?                               'C4 H7 N O4'     133.103 
GLN 'L-peptide linking' y GLUTAMINE       ?                               'C5 H10 N2 O3'   146.144 
GLU 'L-peptide linking' y 'GLUTAMIC ACID' ?                               'C5 H9 N O4'     147.129 
GLY 'peptide linking'   y GLYCINE         ?                               'C2 H5 N O2'     75.067  
GOL non-polymer         . GLYCEROL        'GLYCERIN; PROPANE-1,2,3-TRIOL' 'C3 H8 O3'       92.094  
HIS 'L-peptide linking' y HISTIDINE       ?                               'C6 H10 N3 O2 1' 156.162 
HOH non-polymer         . WATER           ?                               'H2 O'           18.015  
ILE 'L-peptide linking' y ISOLEUCINE      ?                               'C6 H13 N O2'    131.173 
LEU 'L-peptide linking' y LEUCINE         ?                               'C6 H13 N O2'    131.173 
LYS 'L-peptide linking' y LYSINE          ?                               'C6 H15 N2 O2 1' 147.195 
MET 'L-peptide linking' y METHIONINE      ?                               'C5 H11 N O2 S'  149.211 
SER 'L-peptide linking' y SERINE          ?                               'C3 H7 N O3'     105.093 
THR 'L-peptide linking' y THREONINE       ?                               'C4 H9 N O3'     119.119 
TRP 'L-peptide linking' y TRYPTOPHAN      ?                               'C11 H12 N2 O2'  204.225 
TYR 'L-peptide linking' y TYROSINE        ?                               'C9 H11 N O3'    181.189 
VAL 'L-peptide linking' y VALINE          ?                               'C5 H11 N O2'    117.146 
# 
loop_
_pdbx_poly_seq_scheme.asym_id 
_pdbx_poly_seq_scheme.entity_id 
_pdbx_poly_seq_scheme.seq_id 
_pdbx_poly_seq_scheme.mon_id 
_pdbx_poly_seq_scheme.ndb_seq_num 
_pdbx_poly_seq_scheme.pdb_seq_num 
_pdbx_poly_seq_scheme.auth_seq_num 
_pdbx_poly_seq_scheme.pdb_mon_id 
_pdbx_poly_seq_scheme.auth_mon_id 
_pdbx_poly_seq_scheme.pdb_strand_id 
_pdbx_poly_seq_scheme.pdb_ins_code 
_pdbx_poly_seq_scheme.hetero 
A 1 1  SER 1  68  ?   ?   ?   A . n 
A 1 2  THR 2  69  ?   ?   ?   A . n 
A 1 3  MET 3  70  ?   ?   ?   A . n 
A 1 4  GLY 4  71  71  GLY GLY A . n 
A 1 5  LEU 5  72  72  LEU LEU A . n 
A 1 6  LEU 6  73  73  LEU LEU A . n 
A 1 7  SER 7  74  74  SER SER A . n 
A 1 8  GLN 8  75  75  GLN GLN A . n 
A 1 9  GLU 9  76  76  GLU GLU A . n 
A 1 10 ASN 10 77  77  ASN ASN A . n 
A 1 11 THR 11 78  78  THR THR A . n 
A 1 12 GLN 12 79  79  GLN GLN A . n 
A 1 13 ILE 13 80  80  ILE ILE A . n 
A 1 14 ARG 14 81  81  ARG ARG A . n 
A 1 15 ASP 15 82  82  ASP ASP A . n 
A 1 16 LEU 16 83  83  LEU LEU A . n 
A 1 17 GLN 17 84  84  GLN GLN A . n 
A 1 18 GLN 18 85  85  GLN GLN A . n 
A 1 19 GLU 19 86  86  GLU GLU A . n 
A 1 20 ASN 20 87  87  ASN ASN A . n 
A 1 21 ARG 21 88  88  ARG ARG A . n 
A 1 22 GLU 22 89  89  GLU GLU A . n 
A 1 23 LEU 23 90  90  LEU LEU A . n 
A 1 24 TRP 24 91  91  TRP TRP A . n 
A 1 25 ILE 25 92  92  ILE ILE A . n 
A 1 26 SER 26 93  93  SER SER A . n 
A 1 27 LEU 27 94  94  LEU LEU A . n 
A 1 28 GLU 28 95  95  GLU GLU A . n 
A 1 29 GLU 29 96  96  GLU GLU A . n 
A 1 30 HIS 30 97  97  HIS HIS A . n 
A 1 31 GLN 31 98  98  GLN GLN A . n 
A 1 32 ASP 32 99  99  ASP ASP A . n 
A 1 33 ALA 33 100 100 ALA ALA A . n 
A 1 34 LEU 34 101 101 LEU LEU A . n 
A 1 35 GLU 35 102 102 GLU GLU A . n 
A 1 36 LEU 36 103 103 LEU LEU A . n 
A 1 37 ILE 37 104 104 ILE ILE A . n 
A 1 38 MET 38 105 105 MET MET A . n 
A 1 39 SER 39 106 106 SER SER A . n 
A 1 40 LYS 40 107 107 LYS LYS A . n 
A 1 41 TYR 41 108 108 TYR TYR A . n 
A 1 42 ARG 42 109 109 ARG ARG A . n 
A 1 43 LYS 43 110 110 LYS LYS A . n 
A 1 44 GLN 44 111 111 GLN GLN A . n 
A 1 45 MET 45 112 112 MET MET A . n 
A 1 46 LEU 46 113 113 LEU LEU A . n 
A 1 47 GLN 47 114 114 GLN GLN A . n 
A 1 48 LEU 48 115 115 LEU LEU A . n 
A 1 49 MET 49 116 116 MET MET A . n 
A 1 50 VAL 50 117 117 VAL VAL A . n 
A 1 51 ALA 51 118 118 ALA ALA A . n 
A 1 52 LYS 52 119 119 LYS LYS A . n 
A 1 53 LYS 53 120 ?   ?   ?   A . n 
A 1 54 ALA 54 121 ?   ?   ?   A . n 
B 1 1  SER 1  68  ?   ?   ?   B . n 
B 1 2  THR 2  69  ?   ?   ?   B . n 
B 1 3  MET 3  70  ?   ?   ?   B . n 
B 1 4  GLY 4  71  71  GLY GLY B . n 
B 1 5  LEU 5  72  72  LEU LEU B . n 
B 1 6  LEU 6  73  73  LEU LEU B . n 
B 1 7  SER 7  74  74  SER SER B . n 
B 1 8  GLN 8  75  75  GLN GLN B . n 
B 1 9  GLU 9  76  76  GLU GLU B . n 
B 1 10 ASN 10 77  77  ASN ASN B . n 
B 1 11 THR 11 78  78  THR THR B . n 
B 1 12 GLN 12 79  79  GLN GLN B . n 
B 1 13 ILE 13 80  80  ILE ILE B . n 
B 1 14 ARG 14 81  81  ARG ARG B . n 
B 1 15 ASP 15 82  82  ASP ASP B . n 
B 1 16 LEU 16 83  83  LEU LEU B . n 
B 1 17 GLN 17 84  84  GLN GLN B . n 
B 1 18 GLN 18 85  85  GLN GLN B . n 
B 1 19 GLU 19 86  86  GLU GLU B . n 
B 1 20 ASN 20 87  87  ASN ASN B . n 
B 1 21 ARG 21 88  88  ARG ARG B . n 
B 1 22 GLU 22 89  89  GLU GLU B . n 
B 1 23 LEU 23 90  90  LEU LEU B . n 
B 1 24 TRP 24 91  91  TRP TRP B . n 
B 1 25 ILE 25 92  92  ILE ILE B . n 
B 1 26 SER 26 93  93  SER SER B . n 
B 1 27 LEU 27 94  94  LEU LEU B . n 
B 1 28 GLU 28 95  95  GLU GLU B . n 
B 1 29 GLU 29 96  96  GLU GLU B . n 
B 1 30 HIS 30 97  97  HIS HIS B . n 
B 1 31 GLN 31 98  98  GLN GLN B . n 
B 1 32 ASP 32 99  99  ASP ASP B . n 
B 1 33 ALA 33 100 100 ALA ALA B . n 
B 1 34 LEU 34 101 101 LEU LEU B . n 
B 1 35 GLU 35 102 102 GLU GLU B . n 
B 1 36 LEU 36 103 103 LEU LEU B . n 
B 1 37 ILE 37 104 104 ILE ILE B . n 
B 1 38 MET 38 105 105 MET MET B . n 
B 1 39 SER 39 106 106 SER SER B . n 
B 1 40 LYS 40 107 107 LYS LYS B . n 
B 1 41 TYR 41 108 108 TYR TYR B . n 
B 1 42 ARG 42 109 109 ARG ARG B . n 
B 1 43 LYS 43 110 110 LYS LYS B . n 
B 1 44 GLN 44 111 111 GLN GLN B . n 
B 1 45 MET 45 112 112 MET MET B . n 
B 1 46 LEU 46 113 113 LEU LEU B . n 
B 1 47 GLN 47 114 114 GLN GLN B . n 
B 1 48 LEU 48 115 115 LEU LEU B . n 
B 1 49 MET 49 116 116 MET MET B . n 
B 1 50 VAL 50 117 117 VAL VAL B . n 
B 1 51 ALA 51 118 118 ALA ALA B . n 
B 1 52 LYS 52 119 ?   ?   ?   B . n 
B 1 53 LYS 53 120 ?   ?   ?   B . n 
B 1 54 ALA 54 121 ?   ?   ?   B . n 
# 
loop_
_pdbx_nonpoly_scheme.asym_id 
_pdbx_nonpoly_scheme.entity_id 
_pdbx_nonpoly_scheme.mon_id 
_pdbx_nonpoly_scheme.ndb_seq_num 
_pdbx_nonpoly_scheme.pdb_seq_num 
_pdbx_nonpoly_scheme.auth_seq_num 
_pdbx_nonpoly_scheme.pdb_mon_id 
_pdbx_nonpoly_scheme.auth_mon_id 
_pdbx_nonpoly_scheme.pdb_strand_id 
_pdbx_nonpoly_scheme.pdb_ins_code 
C 2 GOL 1  201 1   GOL GOL B . 
D 3 HOH 1  201 39  HOH HOH A . 
D 3 HOH 2  202 75  HOH HOH A . 
D 3 HOH 3  203 36  HOH HOH A . 
D 3 HOH 4  204 61  HOH HOH A . 
D 3 HOH 5  205 20  HOH HOH A . 
D 3 HOH 6  206 6   HOH HOH A . 
D 3 HOH 7  207 97  HOH HOH A . 
D 3 HOH 8  208 1   HOH HOH A . 
D 3 HOH 9  209 65  HOH HOH A . 
D 3 HOH 10 210 106 HOH HOH A . 
D 3 HOH 11 211 54  HOH HOH A . 
D 3 HOH 12 212 62  HOH HOH A . 
D 3 HOH 13 213 4   HOH HOH A . 
D 3 HOH 14 214 12  HOH HOH A . 
D 3 HOH 15 215 38  HOH HOH A . 
D 3 HOH 16 216 73  HOH HOH A . 
D 3 HOH 17 217 46  HOH HOH A . 
D 3 HOH 18 218 10  HOH HOH A . 
D 3 HOH 19 219 8   HOH HOH A . 
D 3 HOH 20 220 31  HOH HOH A . 
D 3 HOH 21 221 24  HOH HOH A . 
D 3 HOH 22 222 23  HOH HOH A . 
D 3 HOH 23 223 41  HOH HOH A . 
D 3 HOH 24 224 44  HOH HOH A . 
D 3 HOH 25 225 64  HOH HOH A . 
D 3 HOH 26 226 25  HOH HOH A . 
D 3 HOH 27 227 53  HOH HOH A . 
D 3 HOH 28 228 96  HOH HOH A . 
D 3 HOH 29 229 60  HOH HOH A . 
D 3 HOH 30 230 56  HOH HOH A . 
D 3 HOH 31 231 69  HOH HOH A . 
D 3 HOH 32 232 100 HOH HOH A . 
D 3 HOH 33 233 55  HOH HOH A . 
D 3 HOH 34 234 67  HOH HOH A . 
D 3 HOH 35 235 89  HOH HOH A . 
D 3 HOH 36 236 109 HOH HOH A . 
D 3 HOH 37 237 47  HOH HOH A . 
D 3 HOH 38 238 78  HOH HOH A . 
D 3 HOH 39 239 117 HOH HOH A . 
D 3 HOH 40 240 104 HOH HOH A . 
D 3 HOH 41 241 42  HOH HOH A . 
D 3 HOH 42 242 80  HOH HOH A . 
D 3 HOH 43 243 28  HOH HOH A . 
D 3 HOH 44 244 11  HOH HOH A . 
D 3 HOH 45 245 49  HOH HOH A . 
D 3 HOH 46 246 90  HOH HOH A . 
D 3 HOH 47 247 111 HOH HOH A . 
D 3 HOH 48 248 84  HOH HOH A . 
E 3 HOH 1  301 16  HOH HOH B . 
E 3 HOH 2  302 79  HOH HOH B . 
E 3 HOH 3  303 81  HOH HOH B . 
E 3 HOH 4  304 76  HOH HOH B . 
E 3 HOH 5  305 35  HOH HOH B . 
E 3 HOH 6  306 2   HOH HOH B . 
E 3 HOH 7  307 21  HOH HOH B . 
E 3 HOH 8  308 27  HOH HOH B . 
E 3 HOH 9  309 3   HOH HOH B . 
E 3 HOH 10 310 45  HOH HOH B . 
E 3 HOH 11 311 5   HOH HOH B . 
E 3 HOH 12 312 50  HOH HOH B . 
E 3 HOH 13 313 7   HOH HOH B . 
E 3 HOH 14 314 48  HOH HOH B . 
E 3 HOH 15 315 18  HOH HOH B . 
E 3 HOH 16 316 58  HOH HOH B . 
E 3 HOH 17 317 9   HOH HOH B . 
E 3 HOH 18 318 59  HOH HOH B . 
E 3 HOH 19 319 99  HOH HOH B . 
E 3 HOH 20 320 19  HOH HOH B . 
E 3 HOH 21 321 22  HOH HOH B . 
E 3 HOH 22 322 14  HOH HOH B . 
E 3 HOH 23 323 17  HOH HOH B . 
E 3 HOH 24 324 32  HOH HOH B . 
E 3 HOH 25 325 34  HOH HOH B . 
E 3 HOH 26 326 68  HOH HOH B . 
E 3 HOH 27 327 87  HOH HOH B . 
E 3 HOH 28 328 57  HOH HOH B . 
E 3 HOH 29 329 115 HOH HOH B . 
E 3 HOH 30 330 70  HOH HOH B . 
E 3 HOH 31 331 77  HOH HOH B . 
E 3 HOH 32 332 74  HOH HOH B . 
E 3 HOH 33 333 66  HOH HOH B . 
E 3 HOH 34 334 13  HOH HOH B . 
E 3 HOH 35 335 85  HOH HOH B . 
E 3 HOH 36 336 72  HOH HOH B . 
E 3 HOH 37 337 51  HOH HOH B . 
E 3 HOH 38 338 113 HOH HOH B . 
E 3 HOH 39 339 88  HOH HOH B . 
E 3 HOH 40 340 83  HOH HOH B . 
E 3 HOH 41 341 33  HOH HOH B . 
E 3 HOH 42 342 92  HOH HOH B . 
E 3 HOH 43 343 30  HOH HOH B . 
E 3 HOH 44 344 43  HOH HOH B . 
E 3 HOH 45 345 15  HOH HOH B . 
E 3 HOH 46 346 26  HOH HOH B . 
E 3 HOH 47 347 105 HOH HOH B . 
E 3 HOH 48 348 37  HOH HOH B . 
E 3 HOH 49 349 52  HOH HOH B . 
E 3 HOH 50 350 98  HOH HOH B . 
E 3 HOH 51 351 110 HOH HOH B . 
# 
loop_
_pdbx_unobs_or_zero_occ_atoms.id 
_pdbx_unobs_or_zero_occ_atoms.PDB_model_num 
_pdbx_unobs_or_zero_occ_atoms.polymer_flag 
_pdbx_unobs_or_zero_occ_atoms.occupancy_flag 
_pdbx_unobs_or_zero_occ_atoms.auth_asym_id 
_pdbx_unobs_or_zero_occ_atoms.auth_comp_id 
_pdbx_unobs_or_zero_occ_atoms.auth_seq_id 
_pdbx_unobs_or_zero_occ_atoms.PDB_ins_code 
_pdbx_unobs_or_zero_occ_atoms.auth_atom_id 
_pdbx_unobs_or_zero_occ_atoms.label_alt_id 
_pdbx_unobs_or_zero_occ_atoms.label_asym_id 
_pdbx_unobs_or_zero_occ_atoms.label_comp_id 
_pdbx_unobs_or_zero_occ_atoms.label_seq_id 
_pdbx_unobs_or_zero_occ_atoms.label_atom_id 
1  1 Y 1 A GLU 76  ? CG  ? A GLU 9  CG  
2  1 Y 1 A GLU 76  ? CD  ? A GLU 9  CD  
3  1 Y 1 A GLU 76  ? OE1 ? A GLU 9  OE1 
4  1 Y 1 A GLU 76  ? OE2 ? A GLU 9  OE2 
5  1 Y 1 A GLU 86  ? CG  ? A GLU 19 CG  
6  1 Y 1 A GLU 86  ? CD  ? A GLU 19 CD  
7  1 Y 1 A GLU 86  ? OE1 ? A GLU 19 OE1 
8  1 Y 1 A GLU 86  ? OE2 ? A GLU 19 OE2 
9  1 Y 1 A LYS 119 ? CG  ? A LYS 52 CG  
10 1 Y 1 A LYS 119 ? CD  ? A LYS 52 CD  
11 1 Y 1 A LYS 119 ? CE  ? A LYS 52 CE  
12 1 Y 1 A LYS 119 ? NZ  ? A LYS 52 NZ  
13 1 Y 1 B GLN 75  ? CG  ? B GLN 8  CG  
14 1 Y 1 B GLN 75  ? CD  ? B GLN 8  CD  
15 1 Y 1 B GLN 75  ? OE1 ? B GLN 8  OE1 
16 1 Y 1 B GLN 75  ? NE2 ? B GLN 8  NE2 
17 1 Y 1 B GLU 76  ? CG  ? B GLU 9  CG  
18 1 Y 1 B GLU 76  ? CD  ? B GLU 9  CD  
19 1 Y 1 B GLU 76  ? OE1 ? B GLU 9  OE1 
20 1 Y 1 B GLU 76  ? OE2 ? B GLU 9  OE2 
21 1 Y 1 B GLU 86  ? CD  ? B GLU 19 CD  
22 1 Y 1 B GLU 86  ? OE1 ? B GLU 19 OE1 
23 1 Y 1 B GLU 86  ? OE2 ? B GLU 19 OE2 
# 
loop_
_software.citation_id 
_software.classification 
_software.compiler_name 
_software.compiler_version 
_software.contact_author 
_software.contact_author_email 
_software.date 
_software.description 
_software.dependencies 
_software.hardware 
_software.language 
_software.location 
_software.mods 
_software.name 
_software.os 
_software.os_version 
_software.type 
_software.version 
_software.pdbx_ordinal 
? refinement       ? ? ? ? ? ? ? ? ? ? ? PHENIX   ? ? ? '(1.12_2829: ???)' 1 
? 'data reduction' ? ? ? ? ? ? ? ? ? ? ? HKL-3000 ? ? ? .                  2 
? 'data scaling'   ? ? ? ? ? ? ? ? ? ? ? HKL-3000 ? ? ? .                  3 
? phasing          ? ? ? ? ? ? ? ? ? ? ? PHENIX   ? ? ? .                  4 
# 
_cell.angle_alpha                  90.00 
_cell.angle_alpha_esd              ? 
_cell.angle_beta                   90.00 
_cell.angle_beta_esd               ? 
_cell.angle_gamma                  90.00 
_cell.angle_gamma_esd              ? 
_cell.entry_id                     6AKK 
_cell.details                      ? 
_cell.formula_units_Z              ? 
_cell.length_a                     42.797 
_cell.length_a_esd                 ? 
_cell.length_b                     110.871 
_cell.length_b_esd                 ? 
_cell.length_c                     46.438 
_cell.length_c_esd                 ? 
_cell.volume                       ? 
_cell.volume_esd                   ? 
_cell.Z_PDB                        16 
_cell.reciprocal_angle_alpha       ? 
_cell.reciprocal_angle_beta        ? 
_cell.reciprocal_angle_gamma       ? 
_cell.reciprocal_angle_alpha_esd   ? 
_cell.reciprocal_angle_beta_esd    ? 
_cell.reciprocal_angle_gamma_esd   ? 
_cell.reciprocal_length_a          ? 
_cell.reciprocal_length_b          ? 
_cell.reciprocal_length_c          ? 
_cell.reciprocal_length_a_esd      ? 
_cell.reciprocal_length_b_esd      ? 
_cell.reciprocal_length_c_esd      ? 
_cell.pdbx_unique_axis             ? 
# 
_symmetry.entry_id                         6AKK 
_symmetry.cell_setting                     ? 
_symmetry.Int_Tables_number                20 
_symmetry.space_group_name_Hall            ? 
_symmetry.space_group_name_H-M             'C 2 2 21' 
_symmetry.pdbx_full_space_group_name_H-M   ? 
# 
_exptl.absorpt_coefficient_mu     ? 
_exptl.absorpt_correction_T_max   ? 
_exptl.absorpt_correction_T_min   ? 
_exptl.absorpt_correction_type    ? 
_exptl.absorpt_process_details    ? 
_exptl.entry_id                   6AKK 
_exptl.crystals_number            1 
_exptl.details                    ? 
_exptl.method                     'X-RAY DIFFRACTION' 
_exptl.method_details             ? 
# 
_exptl_crystal.colour                      ? 
_exptl_crystal.density_diffrn              ? 
_exptl_crystal.density_Matthews            2.14 
_exptl_crystal.density_method              ? 
_exptl_crystal.density_percent_sol         42.48 
_exptl_crystal.description                 ? 
_exptl_crystal.F_000                       ? 
_exptl_crystal.id                          1 
_exptl_crystal.preparation                 ? 
_exptl_crystal.size_max                    ? 
_exptl_crystal.size_mid                    ? 
_exptl_crystal.size_min                    ? 
_exptl_crystal.size_rad                    ? 
_exptl_crystal.colour_lustre               ? 
_exptl_crystal.colour_modifier             ? 
_exptl_crystal.colour_primary              ? 
_exptl_crystal.density_meas                ? 
_exptl_crystal.density_meas_esd            ? 
_exptl_crystal.density_meas_gt             ? 
_exptl_crystal.density_meas_lt             ? 
_exptl_crystal.density_meas_temp           ? 
_exptl_crystal.density_meas_temp_esd       ? 
_exptl_crystal.density_meas_temp_gt        ? 
_exptl_crystal.density_meas_temp_lt        ? 
_exptl_crystal.pdbx_crystal_image_url      ? 
_exptl_crystal.pdbx_crystal_image_format   ? 
_exptl_crystal.pdbx_mosaicity              ? 
_exptl_crystal.pdbx_mosaicity_esd          ? 
# 
_exptl_crystal_grow.apparatus       ? 
_exptl_crystal_grow.atmosphere      ? 
_exptl_crystal_grow.crystal_id      1 
_exptl_crystal_grow.details         ? 
_exptl_crystal_grow.method          'VAPOR DIFFUSION, SITTING DROP' 
_exptl_crystal_grow.method_ref      ? 
_exptl_crystal_grow.pH              ? 
_exptl_crystal_grow.pressure        ? 
_exptl_crystal_grow.pressure_esd    ? 
_exptl_crystal_grow.seeding         ? 
_exptl_crystal_grow.seeding_ref     ? 
_exptl_crystal_grow.temp            289 
_exptl_crystal_grow.temp_details    ? 
_exptl_crystal_grow.temp_esd        ? 
_exptl_crystal_grow.time            ? 
_exptl_crystal_grow.pdbx_details    
;1.0 M (NH4)2HPO4 (ammonium dibasic phosphate); 
0.1 M acetate pH 4.5
;
_exptl_crystal_grow.pdbx_pH_range   ? 
# 
_diffrn.ambient_environment              ? 
_diffrn.ambient_temp                     100 
_diffrn.ambient_temp_details             ? 
_diffrn.ambient_temp_esd                 ? 
_diffrn.crystal_id                       1 
_diffrn.crystal_support                  ? 
_diffrn.crystal_treatment                ? 
_diffrn.details                          ? 
_diffrn.id                               1 
_diffrn.ambient_pressure                 ? 
_diffrn.ambient_pressure_esd             ? 
_diffrn.ambient_pressure_gt              ? 
_diffrn.ambient_pressure_lt              ? 
_diffrn.ambient_temp_gt                  ? 
_diffrn.ambient_temp_lt                  ? 
_diffrn.pdbx_serial_crystal_experiment   N 
# 
_diffrn_detector.details                      ? 
_diffrn_detector.detector                     CCD 
_diffrn_detector.diffrn_id                    1 
_diffrn_detector.type                         'ADSC QUANTUM 315' 
_diffrn_detector.area_resol_mean              ? 
_diffrn_detector.dtime                        ? 
_diffrn_detector.pdbx_frames_total            ? 
_diffrn_detector.pdbx_collection_time_total   ? 
_diffrn_detector.pdbx_collection_date         2017-05-27 
_diffrn_detector.pdbx_frequency               ? 
# 
_diffrn_radiation.collimation                      ? 
_diffrn_radiation.diffrn_id                        1 
_diffrn_radiation.filter_edge                      ? 
_diffrn_radiation.inhomogeneity                    ? 
_diffrn_radiation.monochromator                    ? 
_diffrn_radiation.polarisn_norm                    ? 
_diffrn_radiation.polarisn_ratio                   ? 
_diffrn_radiation.probe                            ? 
_diffrn_radiation.type                             ? 
_diffrn_radiation.xray_symbol                      ? 
_diffrn_radiation.wavelength_id                    1 
_diffrn_radiation.pdbx_monochromatic_or_laue_m_l   M 
_diffrn_radiation.pdbx_wavelength_list             ? 
_diffrn_radiation.pdbx_wavelength                  ? 
_diffrn_radiation.pdbx_diffrn_protocol             'SINGLE WAVELENGTH' 
_diffrn_radiation.pdbx_analyzer                    ? 
_diffrn_radiation.pdbx_scattering_type             x-ray 
# 
_diffrn_radiation_wavelength.id           1 
_diffrn_radiation_wavelength.wavelength   0.97915 
_diffrn_radiation_wavelength.wt           1.0 
# 
_diffrn_source.current                     ? 
_diffrn_source.details                     ? 
_diffrn_source.diffrn_id                   1 
_diffrn_source.power                       ? 
_diffrn_source.size                        ? 
_diffrn_source.source                      SYNCHROTRON 
_diffrn_source.target                      ? 
_diffrn_source.type                        'SSRF BEAMLINE BL17U1' 
_diffrn_source.voltage                     ? 
_diffrn_source.take-off_angle              ? 
_diffrn_source.pdbx_wavelength_list        0.97915 
_diffrn_source.pdbx_wavelength             ? 
_diffrn_source.pdbx_synchrotron_beamline   BL17U1 
_diffrn_source.pdbx_synchrotron_site       SSRF 
# 
_reflns.B_iso_Wilson_estimate            ? 
_reflns.entry_id                         6AKK 
_reflns.data_reduction_details           ? 
_reflns.data_reduction_method            ? 
_reflns.d_resolution_high                1.5 
_reflns.d_resolution_low                 50 
_reflns.details                          ? 
_reflns.limit_h_max                      ? 
_reflns.limit_h_min                      ? 
_reflns.limit_k_max                      ? 
_reflns.limit_k_min                      ? 
_reflns.limit_l_max                      ? 
_reflns.limit_l_min                      ? 
_reflns.number_all                       ? 
_reflns.number_obs                       17636 
_reflns.observed_criterion               ? 
_reflns.observed_criterion_F_max         ? 
_reflns.observed_criterion_F_min         ? 
_reflns.observed_criterion_I_max         ? 
_reflns.observed_criterion_I_min         ? 
_reflns.observed_criterion_sigma_F       ? 
_reflns.observed_criterion_sigma_I       ? 
_reflns.percent_possible_obs             97.6 
_reflns.R_free_details                   ? 
_reflns.Rmerge_F_all                     ? 
_reflns.Rmerge_F_obs                     ? 
_reflns.Friedel_coverage                 ? 
_reflns.number_gt                        ? 
_reflns.threshold_expression             ? 
_reflns.pdbx_redundancy                  13.4 
_reflns.pdbx_Rmerge_I_obs                0.091 
_reflns.pdbx_Rmerge_I_all                ? 
_reflns.pdbx_Rsym_value                  ? 
_reflns.pdbx_netI_over_av_sigmaI         ? 
_reflns.pdbx_netI_over_sigmaI            32.5 
_reflns.pdbx_res_netI_over_av_sigmaI_2   ? 
_reflns.pdbx_res_netI_over_sigmaI_2      ? 
_reflns.pdbx_chi_squared                 ? 
_reflns.pdbx_scaling_rejects             ? 
_reflns.pdbx_d_res_high_opt              ? 
_reflns.pdbx_d_res_low_opt               ? 
_reflns.pdbx_d_res_opt_method            ? 
_reflns.phase_calculation_details        ? 
_reflns.pdbx_Rrim_I_all                  0.095 
_reflns.pdbx_Rpim_I_all                  0.026 
_reflns.pdbx_d_opt                       ? 
_reflns.pdbx_number_measured_all         ? 
_reflns.pdbx_diffrn_id                   1 
_reflns.pdbx_ordinal                     1 
_reflns.pdbx_CC_half                     ? 
_reflns.pdbx_R_split                     ? 
# 
_reflns_shell.d_res_high                  1.5 
_reflns_shell.d_res_low                   1.53 
_reflns_shell.meanI_over_sigI_all         ? 
_reflns_shell.meanI_over_sigI_obs         5.1 
_reflns_shell.number_measured_all         ? 
_reflns_shell.number_measured_obs         ? 
_reflns_shell.number_possible             ? 
_reflns_shell.number_unique_all           ? 
_reflns_shell.number_unique_obs           873 
_reflns_shell.percent_possible_all        100 
_reflns_shell.percent_possible_obs        ? 
_reflns_shell.Rmerge_F_all                ? 
_reflns_shell.Rmerge_F_obs                ? 
_reflns_shell.Rmerge_I_all                ? 
_reflns_shell.Rmerge_I_obs                0.582 
_reflns_shell.meanI_over_sigI_gt          ? 
_reflns_shell.meanI_over_uI_all           ? 
_reflns_shell.meanI_over_uI_gt            ? 
_reflns_shell.number_measured_gt          ? 
_reflns_shell.number_unique_gt            ? 
_reflns_shell.percent_possible_gt         ? 
_reflns_shell.Rmerge_F_gt                 ? 
_reflns_shell.Rmerge_I_gt                 ? 
_reflns_shell.pdbx_redundancy             14.1 
_reflns_shell.pdbx_Rsym_value             ? 
_reflns_shell.pdbx_chi_squared            ? 
_reflns_shell.pdbx_netI_over_sigmaI_all   ? 
_reflns_shell.pdbx_netI_over_sigmaI_obs   ? 
_reflns_shell.pdbx_Rrim_I_all             ? 
_reflns_shell.pdbx_Rpim_I_all             ? 
_reflns_shell.pdbx_rejects                ? 
_reflns_shell.pdbx_ordinal                1 
_reflns_shell.pdbx_diffrn_id              1 
_reflns_shell.pdbx_CC_half                0.994 
_reflns_shell.pdbx_R_split                ? 
# 
_refine.aniso_B[1][1]                            ? 
_refine.aniso_B[1][2]                            ? 
_refine.aniso_B[1][3]                            ? 
_refine.aniso_B[2][2]                            ? 
_refine.aniso_B[2][3]                            ? 
_refine.aniso_B[3][3]                            ? 
_refine.B_iso_max                                ? 
_refine.B_iso_mean                               ? 
_refine.B_iso_min                                ? 
_refine.correlation_coeff_Fo_to_Fc               ? 
_refine.correlation_coeff_Fo_to_Fc_free          ? 
_refine.details                                  ? 
_refine.diff_density_max                         ? 
_refine.diff_density_max_esd                     ? 
_refine.diff_density_min                         ? 
_refine.diff_density_min_esd                     ? 
_refine.diff_density_rms                         ? 
_refine.diff_density_rms_esd                     ? 
_refine.entry_id                                 6AKK 
_refine.pdbx_refine_id                           'X-RAY DIFFRACTION' 
_refine.ls_abs_structure_details                 ? 
_refine.ls_abs_structure_Flack                   ? 
_refine.ls_abs_structure_Flack_esd               ? 
_refine.ls_abs_structure_Rogers                  ? 
_refine.ls_abs_structure_Rogers_esd              ? 
_refine.ls_d_res_high                            1.500 
_refine.ls_d_res_low                             35.598 
_refine.ls_extinction_coef                       ? 
_refine.ls_extinction_coef_esd                   ? 
_refine.ls_extinction_expression                 ? 
_refine.ls_extinction_method                     ? 
_refine.ls_goodness_of_fit_all                   ? 
_refine.ls_goodness_of_fit_all_esd               ? 
_refine.ls_goodness_of_fit_obs                   ? 
_refine.ls_goodness_of_fit_obs_esd               ? 
_refine.ls_hydrogen_treatment                    ? 
_refine.ls_matrix_type                           ? 
_refine.ls_number_constraints                    ? 
_refine.ls_number_parameters                     ? 
_refine.ls_number_reflns_all                     ? 
_refine.ls_number_reflns_obs                     16427 
_refine.ls_number_reflns_R_free                  1638 
_refine.ls_number_reflns_R_work                  ? 
_refine.ls_number_restraints                     ? 
_refine.ls_percent_reflns_obs                    90.63 
_refine.ls_percent_reflns_R_free                 9.97 
_refine.ls_R_factor_all                          ? 
_refine.ls_R_factor_obs                          0.2483 
_refine.ls_R_factor_R_free                       0.2674 
_refine.ls_R_factor_R_free_error                 ? 
_refine.ls_R_factor_R_free_error_details         ? 
_refine.ls_R_factor_R_work                       0.2461 
_refine.ls_R_Fsqd_factor_obs                     ? 
_refine.ls_R_I_factor_obs                        ? 
_refine.ls_redundancy_reflns_all                 ? 
_refine.ls_redundancy_reflns_obs                 ? 
_refine.ls_restrained_S_all                      ? 
_refine.ls_restrained_S_obs                      ? 
_refine.ls_shift_over_esd_max                    ? 
_refine.ls_shift_over_esd_mean                   ? 
_refine.ls_structure_factor_coef                 ? 
_refine.ls_weighting_details                     ? 
_refine.ls_weighting_scheme                      ? 
_refine.ls_wR_factor_all                         ? 
_refine.ls_wR_factor_obs                         ? 
_refine.ls_wR_factor_R_free                      ? 
_refine.ls_wR_factor_R_work                      ? 
_refine.occupancy_max                            ? 
_refine.occupancy_min                            ? 
_refine.solvent_model_details                    'FLAT BULK SOLVENT MODEL' 
_refine.solvent_model_param_bsol                 ? 
_refine.solvent_model_param_ksol                 ? 
_refine.ls_R_factor_gt                           ? 
_refine.ls_goodness_of_fit_gt                    ? 
_refine.ls_goodness_of_fit_ref                   ? 
_refine.ls_shift_over_su_max                     ? 
_refine.ls_shift_over_su_max_lt                  ? 
_refine.ls_shift_over_su_mean                    ? 
_refine.ls_shift_over_su_mean_lt                 ? 
_refine.pdbx_ls_sigma_I                          ? 
_refine.pdbx_ls_sigma_F                          0.00 
_refine.pdbx_ls_sigma_Fsqd                       ? 
_refine.pdbx_data_cutoff_high_absF               ? 
_refine.pdbx_data_cutoff_high_rms_absF           ? 
_refine.pdbx_data_cutoff_low_absF                ? 
_refine.pdbx_isotropic_thermal_model             ? 
_refine.pdbx_ls_cross_valid_method               'FREE R-VALUE' 
_refine.pdbx_method_to_determine_struct          SAD 
_refine.pdbx_starting_model                      ? 
_refine.pdbx_stereochemistry_target_values       ML 
_refine.pdbx_R_Free_selection_details            ? 
_refine.pdbx_stereochem_target_val_spec_case     ? 
_refine.pdbx_overall_ESU_R                       ? 
_refine.pdbx_overall_ESU_R_Free                  ? 
_refine.pdbx_solvent_vdw_probe_radii             1.11 
_refine.pdbx_solvent_ion_probe_radii             ? 
_refine.pdbx_solvent_shrinkage_radii             0.90 
_refine.pdbx_real_space_R                        ? 
_refine.pdbx_density_correlation                 ? 
_refine.pdbx_pd_number_of_powder_patterns        ? 
_refine.pdbx_pd_number_of_points                 ? 
_refine.pdbx_pd_meas_number_of_points            ? 
_refine.pdbx_pd_proc_ls_prof_R_factor            ? 
_refine.pdbx_pd_proc_ls_prof_wR_factor           ? 
_refine.pdbx_pd_Marquardt_correlation_coeff      ? 
_refine.pdbx_pd_Fsqrd_R_factor                   ? 
_refine.pdbx_pd_ls_matrix_band_width             ? 
_refine.pdbx_overall_phase_error                 29.21 
_refine.pdbx_overall_SU_R_free_Cruickshank_DPI   ? 
_refine.pdbx_overall_SU_R_free_Blow_DPI          ? 
_refine.pdbx_overall_SU_R_Blow_DPI               ? 
_refine.pdbx_TLS_residual_ADP_flag               ? 
_refine.pdbx_diffrn_id                           1 
_refine.overall_SU_B                             ? 
_refine.overall_SU_ML                            0.15 
_refine.overall_SU_R_Cruickshank_DPI             ? 
_refine.overall_SU_R_free                        ? 
_refine.overall_FOM_free_R_set                   ? 
_refine.overall_FOM_work_R_set                   ? 
_refine.pdbx_average_fsc_overall                 ? 
_refine.pdbx_average_fsc_work                    ? 
_refine.pdbx_average_fsc_free                    ? 
# 
_refine_hist.pdbx_refine_id                   'X-RAY DIFFRACTION' 
_refine_hist.cycle_id                         LAST 
_refine_hist.pdbx_number_atoms_protein        790 
_refine_hist.pdbx_number_atoms_nucleic_acid   0 
_refine_hist.pdbx_number_atoms_ligand         6 
_refine_hist.number_atoms_solvent             99 
_refine_hist.number_atoms_total               895 
_refine_hist.d_res_high                       1.500 
_refine_hist.d_res_low                        35.598 
# 
loop_
_refine_ls_restr.pdbx_refine_id 
_refine_ls_restr.criterion 
_refine_ls_restr.dev_ideal 
_refine_ls_restr.dev_ideal_target 
_refine_ls_restr.number 
_refine_ls_restr.rejects 
_refine_ls_restr.type 
_refine_ls_restr.weight 
_refine_ls_restr.pdbx_restraint_function 
'X-RAY DIFFRACTION' ? 0.005 ? 816  ? f_bond_d           ? ? 
'X-RAY DIFFRACTION' ? 0.757 ? 1095 ? f_angle_d          ? ? 
'X-RAY DIFFRACTION' ? 2.846 ? 616  ? f_dihedral_angle_d ? ? 
'X-RAY DIFFRACTION' ? 0.036 ? 125  ? f_chiral_restr     ? ? 
'X-RAY DIFFRACTION' ? 0.004 ? 140  ? f_plane_restr      ? ? 
# 
loop_
_refine_ls_shell.pdbx_refine_id 
_refine_ls_shell.d_res_high 
_refine_ls_shell.d_res_low 
_refine_ls_shell.number_reflns_all 
_refine_ls_shell.number_reflns_obs 
_refine_ls_shell.number_reflns_R_free 
_refine_ls_shell.number_reflns_R_work 
_refine_ls_shell.percent_reflns_obs 
_refine_ls_shell.percent_reflns_R_free 
_refine_ls_shell.R_factor_all 
_refine_ls_shell.R_factor_obs 
_refine_ls_shell.R_factor_R_free 
_refine_ls_shell.R_factor_R_free_error 
_refine_ls_shell.R_factor_R_work 
_refine_ls_shell.redundancy_reflns_all 
_refine_ls_shell.redundancy_reflns_obs 
_refine_ls_shell.wR_factor_all 
_refine_ls_shell.wR_factor_obs 
_refine_ls_shell.wR_factor_R_free 
_refine_ls_shell.wR_factor_R_work 
_refine_ls_shell.pdbx_total_number_of_bins_used 
_refine_ls_shell.pdbx_phase_error 
_refine_ls_shell.pdbx_fsc_work 
_refine_ls_shell.pdbx_fsc_free 
'X-RAY DIFFRACTION' 1.5000 1.5442  . . 131 1180 89.00  . . . 0.3100 . 0.2617 . . . . . . . . . . 
'X-RAY DIFFRACTION' 1.5442 1.5940  . . 135 1239 92.00  . . . 0.2971 . 0.2302 . . . . . . . . . . 
'X-RAY DIFFRACTION' 1.5940 1.6510  . . 131 1250 93.00  . . . 0.2444 . 0.2360 . . . . . . . . . . 
'X-RAY DIFFRACTION' 1.6510 1.7171  . . 140 1259 94.00  . . . 0.2626 . 0.2339 . . . . . . . . . . 
'X-RAY DIFFRACTION' 1.7171 1.7952  . . 143 1293 96.00  . . . 0.3131 . 0.2502 . . . . . . . . . . 
'X-RAY DIFFRACTION' 1.7952 1.8898  . . 127 1104 84.00  . . . 0.3126 . 0.2693 . . . . . . . . . . 
'X-RAY DIFFRACTION' 1.8898 2.0082  . . 112 1055 78.00  . . . 0.4116 . 0.3390 . . . . . . . . . . 
'X-RAY DIFFRACTION' 2.0082 2.1633  . . 153 1343 99.00  . . . 0.2578 . 0.2364 . . . . . . . . . . 
'X-RAY DIFFRACTION' 2.1633 2.3809  . . 132 1181 87.00  . . . 0.3444 . 0.2906 . . . . . . . . . . 
'X-RAY DIFFRACTION' 2.3809 2.7254  . . 152 1366 100.00 . . . 0.2349 . 0.2195 . . . . . . . . . . 
'X-RAY DIFFRACTION' 2.7254 3.4332  . . 154 1375 99.00  . . . 0.2296 . 0.2234 . . . . . . . . . . 
'X-RAY DIFFRACTION' 3.4332 35.6082 . . 128 1144 78.00  . . . 0.2336 . 0.2363 . . . . . . . . . . 
# 
_struct.entry_id                     6AKK 
_struct.title                        'Crystal structure of the second Coiled-coil domain of SIKE1' 
_struct.pdbx_model_details           ? 
_struct.pdbx_formula_weight          ? 
_struct.pdbx_formula_weight_method   ? 
_struct.pdbx_model_type_details      ? 
_struct.pdbx_CASP_flag               N 
# 
_struct_keywords.entry_id        6AKK 
_struct_keywords.text            'homotetramer, Coiled-coil, PROTEIN BINDING' 
_struct_keywords.pdbx_keywords   'PROTEIN BINDING' 
# 
loop_
_struct_asym.id 
_struct_asym.pdbx_blank_PDB_chainid_flag 
_struct_asym.pdbx_modified 
_struct_asym.entity_id 
_struct_asym.details 
A N N 1 ? 
B N N 1 ? 
C N N 2 ? 
D N N 3 ? 
E N N 3 ? 
# 
_struct_ref.id                         1 
_struct_ref.db_name                    UNP 
_struct_ref.db_code                    SIKE1_HUMAN 
_struct_ref.pdbx_db_accession          Q9BRV8 
_struct_ref.pdbx_db_isoform            ? 
_struct_ref.entity_id                  1 
_struct_ref.pdbx_seq_one_letter_code   LLSQENTQIRDLQQENRELWISLEEHQDALELIMSKYRKQMLQLMVAKKA 
_struct_ref.pdbx_align_begin           72 
# 
loop_
_struct_ref_seq.align_id 
_struct_ref_seq.ref_id 
_struct_ref_seq.pdbx_PDB_id_code 
_struct_ref_seq.pdbx_strand_id 
_struct_ref_seq.seq_align_beg 
_struct_ref_seq.pdbx_seq_align_beg_ins_code 
_struct_ref_seq.seq_align_end 
_struct_ref_seq.pdbx_seq_align_end_ins_code 
_struct_ref_seq.pdbx_db_accession 
_struct_ref_seq.db_align_beg 
_struct_ref_seq.pdbx_db_align_beg_ins_code 
_struct_ref_seq.db_align_end 
_struct_ref_seq.pdbx_db_align_end_ins_code 
_struct_ref_seq.pdbx_auth_seq_align_beg 
_struct_ref_seq.pdbx_auth_seq_align_end 
1 1 6AKK A 5 ? 54 ? Q9BRV8 72 ? 121 ? 72 121 
2 1 6AKK B 5 ? 54 ? Q9BRV8 72 ? 121 ? 72 121 
# 
loop_
_struct_ref_seq_dif.align_id 
_struct_ref_seq_dif.pdbx_pdb_id_code 
_struct_ref_seq_dif.mon_id 
_struct_ref_seq_dif.pdbx_pdb_strand_id 
_struct_ref_seq_dif.seq_num 
_struct_ref_seq_dif.pdbx_pdb_ins_code 
_struct_ref_seq_dif.pdbx_seq_db_name 
_struct_ref_seq_dif.pdbx_seq_db_accession_code 
_struct_ref_seq_dif.db_mon_id 
_struct_ref_seq_dif.pdbx_seq_db_seq_num 
_struct_ref_seq_dif.details 
_struct_ref_seq_dif.pdbx_auth_seq_num 
_struct_ref_seq_dif.pdbx_ordinal 
1 6AKK SER A 1 ? UNP Q9BRV8 ? ? 'expression tag' 68 1 
1 6AKK THR A 2 ? UNP Q9BRV8 ? ? 'expression tag' 69 2 
1 6AKK MET A 3 ? UNP Q9BRV8 ? ? 'expression tag' 70 3 
1 6AKK GLY A 4 ? UNP Q9BRV8 ? ? 'expression tag' 71 4 
2 6AKK SER B 1 ? UNP Q9BRV8 ? ? 'expression tag' 68 5 
2 6AKK THR B 2 ? UNP Q9BRV8 ? ? 'expression tag' 69 6 
2 6AKK MET B 3 ? UNP Q9BRV8 ? ? 'expression tag' 70 7 
2 6AKK GLY B 4 ? UNP Q9BRV8 ? ? 'expression tag' 71 8 
# 
_pdbx_struct_assembly.id                   1 
_pdbx_struct_assembly.details              author_and_software_defined_assembly 
_pdbx_struct_assembly.method_details       PISA 
_pdbx_struct_assembly.oligomeric_details   tetrameric 
_pdbx_struct_assembly.oligomeric_count     4 
# 
loop_
_pdbx_struct_assembly_prop.biol_id 
_pdbx_struct_assembly_prop.type 
_pdbx_struct_assembly_prop.value 
_pdbx_struct_assembly_prop.details 
1 'ABSA (A^2)' 6750  ? 
1 MORE         -76   ? 
1 'SSA (A^2)'  13090 ? 
# 
_pdbx_struct_assembly_gen.assembly_id       1 
_pdbx_struct_assembly_gen.oper_expression   1,2 
_pdbx_struct_assembly_gen.asym_id_list      A,B,C,D,E 
# 
_pdbx_struct_assembly_auth_evidence.id                     1 
_pdbx_struct_assembly_auth_evidence.assembly_id            1 
_pdbx_struct_assembly_auth_evidence.experimental_support   none 
_pdbx_struct_assembly_auth_evidence.details                ? 
# 
loop_
_pdbx_struct_oper_list.id 
_pdbx_struct_oper_list.type 
_pdbx_struct_oper_list.name 
_pdbx_struct_oper_list.symmetry_operation 
_pdbx_struct_oper_list.matrix[1][1] 
_pdbx_struct_oper_list.matrix[1][2] 
_pdbx_struct_oper_list.matrix[1][3] 
_pdbx_struct_oper_list.vector[1] 
_pdbx_struct_oper_list.matrix[2][1] 
_pdbx_struct_oper_list.matrix[2][2] 
_pdbx_struct_oper_list.matrix[2][3] 
_pdbx_struct_oper_list.vector[2] 
_pdbx_struct_oper_list.matrix[3][1] 
_pdbx_struct_oper_list.matrix[3][2] 
_pdbx_struct_oper_list.matrix[3][3] 
_pdbx_struct_oper_list.vector[3] 
1 'identity operation'         1_555 x,y,z         1.0000000000  0.0000000000  0.0000000000 0.0000000000 0.0000000000  1.0000000000 0.0000000000  0.0000000000 0.0000000000 0.0000000000  1.0000000000  0.0000000000  
2 'crystal symmetry operation' 3_655 -x+1,y,-z+1/2 -0.4013984504 -0.7854894640 0.4710473287 7.5479505561 -0.7854894640 0.0307251936 -0.6181118542 1.4470693284 0.4710473287 -0.6181118542 -0.6293267432 -7.1788055717 
# 
loop_
_struct_conf.conf_type_id 
_struct_conf.id 
_struct_conf.pdbx_PDB_helix_id 
_struct_conf.beg_label_comp_id 
_struct_conf.beg_label_asym_id 
_struct_conf.beg_label_seq_id 
_struct_conf.pdbx_beg_PDB_ins_code 
_struct_conf.end_label_comp_id 
_struct_conf.end_label_asym_id 
_struct_conf.end_label_seq_id 
_struct_conf.pdbx_end_PDB_ins_code 
_struct_conf.beg_auth_comp_id 
_struct_conf.beg_auth_asym_id 
_struct_conf.beg_auth_seq_id 
_struct_conf.end_auth_comp_id 
_struct_conf.end_auth_asym_id 
_struct_conf.end_auth_seq_id 
_struct_conf.pdbx_PDB_helix_class 
_struct_conf.details 
_struct_conf.pdbx_PDB_helix_length 
HELX_P HELX_P1 AA1 SER A 7 ? LYS A 52 ? SER A 74 LYS A 119 1 ? 46 
HELX_P HELX_P2 AA2 SER B 7 ? ALA B 51 ? SER B 74 ALA B 118 1 ? 45 
# 
_struct_conf_type.id          HELX_P 
_struct_conf_type.criteria    ? 
_struct_conf_type.reference   ? 
# 
_struct_site.id                   AC1 
_struct_site.pdbx_evidence_code   Software 
_struct_site.pdbx_auth_asym_id    B 
_struct_site.pdbx_auth_comp_id    GOL 
_struct_site.pdbx_auth_seq_id     201 
_struct_site.pdbx_auth_ins_code   ? 
_struct_site.pdbx_num_residues    2 
_struct_site.details              'binding site for residue GOL B 201' 
# 
loop_
_struct_site_gen.id 
_struct_site_gen.site_id 
_struct_site_gen.pdbx_num_res 
_struct_site_gen.label_comp_id 
_struct_site_gen.label_asym_id 
_struct_site_gen.label_seq_id 
_struct_site_gen.pdbx_auth_ins_code 
_struct_site_gen.auth_comp_id 
_struct_site_gen.auth_asym_id 
_struct_site_gen.auth_seq_id 
_struct_site_gen.label_atom_id 
_struct_site_gen.label_alt_id 
_struct_site_gen.symmetry 
_struct_site_gen.details 
1 AC1 2 GLU B 29 ? GLU B 96  . ? 4_555 ? 
2 AC1 2 LYS B 43 ? LYS B 110 . ? 1_555 ? 
# 
loop_
_pdbx_validate_symm_contact.id 
_pdbx_validate_symm_contact.PDB_model_num 
_pdbx_validate_symm_contact.auth_atom_id_1 
_pdbx_validate_symm_contact.auth_asym_id_1 
_pdbx_validate_symm_contact.auth_comp_id_1 
_pdbx_validate_symm_contact.auth_seq_id_1 
_pdbx_validate_symm_contact.PDB_ins_code_1 
_pdbx_validate_symm_contact.label_alt_id_1 
_pdbx_validate_symm_contact.site_symmetry_1 
_pdbx_validate_symm_contact.auth_atom_id_2 
_pdbx_validate_symm_contact.auth_asym_id_2 
_pdbx_validate_symm_contact.auth_comp_id_2 
_pdbx_validate_symm_contact.auth_seq_id_2 
_pdbx_validate_symm_contact.PDB_ins_code_2 
_pdbx_validate_symm_contact.label_alt_id_2 
_pdbx_validate_symm_contact.site_symmetry_2 
_pdbx_validate_symm_contact.dist 
1 1 CG  B ASN 87 ? ? 1_555 OD1 B ASN 87 ? ? 3_655 1.03 
2 1 CB  B GLU 76 ? ? 1_555 CB  B GLU 76 ? ? 3_655 1.64 
3 1 OD1 B ASN 87 ? ? 1_555 ND2 B ASN 87 ? ? 3_655 1.92 
4 1 CG  B ASN 87 ? ? 1_555 CG  B ASN 87 ? ? 3_655 2.03 
# 
_pdbx_struct_special_symmetry.id              1 
_pdbx_struct_special_symmetry.PDB_model_num   1 
_pdbx_struct_special_symmetry.auth_asym_id    B 
_pdbx_struct_special_symmetry.auth_comp_id    ASN 
_pdbx_struct_special_symmetry.auth_seq_id     87 
_pdbx_struct_special_symmetry.PDB_ins_code    ? 
_pdbx_struct_special_symmetry.label_asym_id   B 
_pdbx_struct_special_symmetry.label_comp_id   ASN 
_pdbx_struct_special_symmetry.label_seq_id    20 
# 
loop_
_pdbx_refine_tls.pdbx_refine_id 
_pdbx_refine_tls.id 
_pdbx_refine_tls.details 
_pdbx_refine_tls.method 
_pdbx_refine_tls.origin_x 
_pdbx_refine_tls.origin_y 
_pdbx_refine_tls.origin_z 
_pdbx_refine_tls.T[1][1] 
_pdbx_refine_tls.T[2][2] 
_pdbx_refine_tls.T[3][3] 
_pdbx_refine_tls.T[1][2] 
_pdbx_refine_tls.T[1][3] 
_pdbx_refine_tls.T[2][3] 
_pdbx_refine_tls.L[1][1] 
_pdbx_refine_tls.L[2][2] 
_pdbx_refine_tls.L[3][3] 
_pdbx_refine_tls.L[1][2] 
_pdbx_refine_tls.L[1][3] 
_pdbx_refine_tls.L[2][3] 
_pdbx_refine_tls.S[1][1] 
_pdbx_refine_tls.S[1][2] 
_pdbx_refine_tls.S[1][3] 
_pdbx_refine_tls.S[2][1] 
_pdbx_refine_tls.S[2][2] 
_pdbx_refine_tls.S[2][3] 
_pdbx_refine_tls.S[3][1] 
_pdbx_refine_tls.S[3][2] 
_pdbx_refine_tls.S[3][3] 
'X-RAY DIFFRACTION' 1 ? refined -4.6693 10.6523  -2.6852 0.1449 0.1310 0.1115 -0.0074 0.0090  -0.0319 2.8300 0.4267 2.5177 -0.6543 1.9058 -1.1827 -0.0832 0.0183  0.0155  0.2805  0.1063  0.0253 -0.2467 -0.0867 -0.0672 
'X-RAY DIFFRACTION' 2 ? refined 4.5490  -10.7055 2.1132  0.1247 0.1001 0.1123 -0.0291 -0.0236 -0.0298 3.0382 3.5788 2.7154 -2.4157 1.2780 -2.7042 0.0670  -0.1387 -0.2844 -0.1204 -0.0832 0.1819 0.0811  0.1600  0.0086 
# 
loop_
_pdbx_refine_tls_group.pdbx_refine_id 
_pdbx_refine_tls_group.id 
_pdbx_refine_tls_group.refine_tls_id 
_pdbx_refine_tls_group.beg_auth_asym_id 
_pdbx_refine_tls_group.beg_auth_seq_id 
_pdbx_refine_tls_group.beg_label_asym_id 
_pdbx_refine_tls_group.beg_label_seq_id 
_pdbx_refine_tls_group.end_auth_asym_id 
_pdbx_refine_tls_group.end_auth_seq_id 
_pdbx_refine_tls_group.end_label_asym_id 
_pdbx_refine_tls_group.end_label_seq_id 
_pdbx_refine_tls_group.selection 
_pdbx_refine_tls_group.selection_details 
'X-RAY DIFFRACTION' 1 1 ? ? ? ? ? ? ? ? ? 
;chain 'A' and (resid 71 through 119 )
;
'X-RAY DIFFRACTION' 2 2 ? ? ? ? ? ? ? ? ? 
;chain 'B' and (resid 72 through 118 )
;
# 
_pdbx_distant_solvent_atoms.id                                1 
_pdbx_distant_solvent_atoms.PDB_model_num                     1 
_pdbx_distant_solvent_atoms.auth_atom_id                      O 
_pdbx_distant_solvent_atoms.label_alt_id                      ? 
_pdbx_distant_solvent_atoms.auth_asym_id                      A 
_pdbx_distant_solvent_atoms.auth_comp_id                      HOH 
_pdbx_distant_solvent_atoms.auth_seq_id                       248 
_pdbx_distant_solvent_atoms.PDB_ins_code                      ? 
_pdbx_distant_solvent_atoms.neighbor_macromolecule_distance   6.08 
_pdbx_distant_solvent_atoms.neighbor_ligand_distance          . 
# 
loop_
_pdbx_unobs_or_zero_occ_residues.id 
_pdbx_unobs_or_zero_occ_residues.PDB_model_num 
_pdbx_unobs_or_zero_occ_residues.polymer_flag 
_pdbx_unobs_or_zero_occ_residues.occupancy_flag 
_pdbx_unobs_or_zero_occ_residues.auth_asym_id 
_pdbx_unobs_or_zero_occ_residues.auth_comp_id 
_pdbx_unobs_or_zero_occ_residues.auth_seq_id 
_pdbx_unobs_or_zero_occ_residues.PDB_ins_code 
_pdbx_unobs_or_zero_occ_residues.label_asym_id 
_pdbx_unobs_or_zero_occ_residues.label_comp_id 
_pdbx_unobs_or_zero_occ_residues.label_seq_id 
1  1 Y 1 A SER 68  ? A SER 1  
2  1 Y 1 A THR 69  ? A THR 2  
3  1 Y 1 A MET 70  ? A MET 3  
4  1 Y 1 A LYS 120 ? A LYS 53 
5  1 Y 1 A ALA 121 ? A ALA 54 
6  1 Y 1 B SER 68  ? B SER 1  
7  1 Y 1 B THR 69  ? B THR 2  
8  1 Y 1 B MET 70  ? B MET 3  
9  1 Y 1 B LYS 119 ? B LYS 52 
10 1 Y 1 B LYS 120 ? B LYS 53 
11 1 Y 1 B ALA 121 ? B ALA 54 
# 
loop_
_chem_comp_atom.comp_id 
_chem_comp_atom.atom_id 
_chem_comp_atom.type_symbol 
_chem_comp_atom.pdbx_aromatic_flag 
_chem_comp_atom.pdbx_stereo_config 
_chem_comp_atom.pdbx_ordinal 
ALA N    N N N 1   
ALA CA   C N S 2   
ALA C    C N N 3   
ALA O    O N N 4   
ALA CB   C N N 5   
ALA OXT  O N N 6   
ALA H    H N N 7   
ALA H2   H N N 8   
ALA HA   H N N 9   
ALA HB1  H N N 10  
ALA HB2  H N N 11  
ALA HB3  H N N 12  
ALA HXT  H N N 13  
ARG N    N N N 14  
ARG CA   C N S 15  
ARG C    C N N 16  
ARG O    O N N 17  
ARG CB   C N N 18  
ARG CG   C N N 19  
ARG CD   C N N 20  
ARG NE   N N N 21  
ARG CZ   C N N 22  
ARG NH1  N N N 23  
ARG NH2  N N N 24  
ARG OXT  O N N 25  
ARG H    H N N 26  
ARG H2   H N N 27  
ARG HA   H N N 28  
ARG HB2  H N N 29  
ARG HB3  H N N 30  
ARG HG2  H N N 31  
ARG HG3  H N N 32  
ARG HD2  H N N 33  
ARG HD3  H N N 34  
ARG HE   H N N 35  
ARG HH11 H N N 36  
ARG HH12 H N N 37  
ARG HH21 H N N 38  
ARG HH22 H N N 39  
ARG HXT  H N N 40  
ASN N    N N N 41  
ASN CA   C N S 42  
ASN C    C N N 43  
ASN O    O N N 44  
ASN CB   C N N 45  
ASN CG   C N N 46  
ASN OD1  O N N 47  
ASN ND2  N N N 48  
ASN OXT  O N N 49  
ASN H    H N N 50  
ASN H2   H N N 51  
ASN HA   H N N 52  
ASN HB2  H N N 53  
ASN HB3  H N N 54  
ASN HD21 H N N 55  
ASN HD22 H N N 56  
ASN HXT  H N N 57  
ASP N    N N N 58  
ASP CA   C N S 59  
ASP C    C N N 60  
ASP O    O N N 61  
ASP CB   C N N 62  
ASP CG   C N N 63  
ASP OD1  O N N 64  
ASP OD2  O N N 65  
ASP OXT  O N N 66  
ASP H    H N N 67  
ASP H2   H N N 68  
ASP HA   H N N 69  
ASP HB2  H N N 70  
ASP HB3  H N N 71  
ASP HD2  H N N 72  
ASP HXT  H N N 73  
GLN N    N N N 74  
GLN CA   C N S 75  
GLN C    C N N 76  
GLN O    O N N 77  
GLN CB   C N N 78  
GLN CG   C N N 79  
GLN CD   C N N 80  
GLN OE1  O N N 81  
GLN NE2  N N N 82  
GLN OXT  O N N 83  
GLN H    H N N 84  
GLN H2   H N N 85  
GLN HA   H N N 86  
GLN HB2  H N N 87  
GLN HB3  H N N 88  
GLN HG2  H N N 89  
GLN HG3  H N N 90  
GLN HE21 H N N 91  
GLN HE22 H N N 92  
GLN HXT  H N N 93  
GLU N    N N N 94  
GLU CA   C N S 95  
GLU C    C N N 96  
GLU O    O N N 97  
GLU CB   C N N 98  
GLU CG   C N N 99  
GLU CD   C N N 100 
GLU OE1  O N N 101 
GLU OE2  O N N 102 
GLU OXT  O N N 103 
GLU H    H N N 104 
GLU H2   H N N 105 
GLU HA   H N N 106 
GLU HB2  H N N 107 
GLU HB3  H N N 108 
GLU HG2  H N N 109 
GLU HG3  H N N 110 
GLU HE2  H N N 111 
GLU HXT  H N N 112 
GLY N    N N N 113 
GLY CA   C N N 114 
GLY C    C N N 115 
GLY O    O N N 116 
GLY OXT  O N N 117 
GLY H    H N N 118 
GLY H2   H N N 119 
GLY HA2  H N N 120 
GLY HA3  H N N 121 
GLY HXT  H N N 122 
GOL C1   C N N 123 
GOL O1   O N N 124 
GOL C2   C N N 125 
GOL O2   O N N 126 
GOL C3   C N N 127 
GOL O3   O N N 128 
GOL H11  H N N 129 
GOL H12  H N N 130 
GOL HO1  H N N 131 
GOL H2   H N N 132 
GOL HO2  H N N 133 
GOL H31  H N N 134 
GOL H32  H N N 135 
GOL HO3  H N N 136 
HIS N    N N N 137 
HIS CA   C N S 138 
HIS C    C N N 139 
HIS O    O N N 140 
HIS CB   C N N 141 
HIS CG   C Y N 142 
HIS ND1  N Y N 143 
HIS CD2  C Y N 144 
HIS CE1  C Y N 145 
HIS NE2  N Y N 146 
HIS OXT  O N N 147 
HIS H    H N N 148 
HIS H2   H N N 149 
HIS HA   H N N 150 
HIS HB2  H N N 151 
HIS HB3  H N N 152 
HIS HD1  H N N 153 
HIS HD2  H N N 154 
HIS HE1  H N N 155 
HIS HE2  H N N 156 
HIS HXT  H N N 157 
HOH O    O N N 158 
HOH H1   H N N 159 
HOH H2   H N N 160 
ILE N    N N N 161 
ILE CA   C N S 162 
ILE C    C N N 163 
ILE O    O N N 164 
ILE CB   C N S 165 
ILE CG1  C N N 166 
ILE CG2  C N N 167 
ILE CD1  C N N 168 
ILE OXT  O N N 169 
ILE H    H N N 170 
ILE H2   H N N 171 
ILE HA   H N N 172 
ILE HB   H N N 173 
ILE HG12 H N N 174 
ILE HG13 H N N 175 
ILE HG21 H N N 176 
ILE HG22 H N N 177 
ILE HG23 H N N 178 
ILE HD11 H N N 179 
ILE HD12 H N N 180 
ILE HD13 H N N 181 
ILE HXT  H N N 182 
LEU N    N N N 183 
LEU CA   C N S 184 
LEU C    C N N 185 
LEU O    O N N 186 
LEU CB   C N N 187 
LEU CG   C N N 188 
LEU CD1  C N N 189 
LEU CD2  C N N 190 
LEU OXT  O N N 191 
LEU H    H N N 192 
LEU H2   H N N 193 
LEU HA   H N N 194 
LEU HB2  H N N 195 
LEU HB3  H N N 196 
LEU HG   H N N 197 
LEU HD11 H N N 198 
LEU HD12 H N N 199 
LEU HD13 H N N 200 
LEU HD21 H N N 201 
LEU HD22 H N N 202 
LEU HD23 H N N 203 
LEU HXT  H N N 204 
LYS N    N N N 205 
LYS CA   C N S 206 
LYS C    C N N 207 
LYS O    O N N 208 
LYS CB   C N N 209 
LYS CG   C N N 210 
LYS CD   C N N 211 
LYS CE   C N N 212 
LYS NZ   N N N 213 
LYS OXT  O N N 214 
LYS H    H N N 215 
LYS H2   H N N 216 
LYS HA   H N N 217 
LYS HB2  H N N 218 
LYS HB3  H N N 219 
LYS HG2  H N N 220 
LYS HG3  H N N 221 
LYS HD2  H N N 222 
LYS HD3  H N N 223 
LYS HE2  H N N 224 
LYS HE3  H N N 225 
LYS HZ1  H N N 226 
LYS HZ2  H N N 227 
LYS HZ3  H N N 228 
LYS HXT  H N N 229 
MET N    N N N 230 
MET CA   C N S 231 
MET C    C N N 232 
MET O    O N N 233 
MET CB   C N N 234 
MET CG   C N N 235 
MET SD   S N N 236 
MET CE   C N N 237 
MET OXT  O N N 238 
MET H    H N N 239 
MET H2   H N N 240 
MET HA   H N N 241 
MET HB2  H N N 242 
MET HB3  H N N 243 
MET HG2  H N N 244 
MET HG3  H N N 245 
MET HE1  H N N 246 
MET HE2  H N N 247 
MET HE3  H N N 248 
MET HXT  H N N 249 
SER N    N N N 250 
SER CA   C N S 251 
SER C    C N N 252 
SER O    O N N 253 
SER CB   C N N 254 
SER OG   O N N 255 
SER OXT  O N N 256 
SER H    H N N 257 
SER H2   H N N 258 
SER HA   H N N 259 
SER HB2  H N N 260 
SER HB3  H N N 261 
SER HG   H N N 262 
SER HXT  H N N 263 
THR N    N N N 264 
THR CA   C N S 265 
THR C    C N N 266 
THR O    O N N 267 
THR CB   C N R 268 
THR OG1  O N N 269 
THR CG2  C N N 270 
THR OXT  O N N 271 
THR H    H N N 272 
THR H2   H N N 273 
THR HA   H N N 274 
THR HB   H N N 275 
THR HG1  H N N 276 
THR HG21 H N N 277 
THR HG22 H N N 278 
THR HG23 H N N 279 
THR HXT  H N N 280 
TRP N    N N N 281 
TRP CA   C N S 282 
TRP C    C N N 283 
TRP O    O N N 284 
TRP CB   C N N 285 
TRP CG   C Y N 286 
TRP CD1  C Y N 287 
TRP CD2  C Y N 288 
TRP NE1  N Y N 289 
TRP CE2  C Y N 290 
TRP CE3  C Y N 291 
TRP CZ2  C Y N 292 
TRP CZ3  C Y N 293 
TRP CH2  C Y N 294 
TRP OXT  O N N 295 
TRP H    H N N 296 
TRP H2   H N N 297 
TRP HA   H N N 298 
TRP HB2  H N N 299 
TRP HB3  H N N 300 
TRP HD1  H N N 301 
TRP HE1  H N N 302 
TRP HE3  H N N 303 
TRP HZ2  H N N 304 
TRP HZ3  H N N 305 
TRP HH2  H N N 306 
TRP HXT  H N N 307 
TYR N    N N N 308 
TYR CA   C N S 309 
TYR C    C N N 310 
TYR O    O N N 311 
TYR CB   C N N 312 
TYR CG   C Y N 313 
TYR CD1  C Y N 314 
TYR CD2  C Y N 315 
TYR CE1  C Y N 316 
TYR CE2  C Y N 317 
TYR CZ   C Y N 318 
TYR OH   O N N 319 
TYR OXT  O N N 320 
TYR H    H N N 321 
TYR H2   H N N 322 
TYR HA   H N N 323 
TYR HB2  H N N 324 
TYR HB3  H N N 325 
TYR HD1  H N N 326 
TYR HD2  H N N 327 
TYR HE1  H N N 328 
TYR HE2  H N N 329 
TYR HH   H N N 330 
TYR HXT  H N N 331 
VAL N    N N N 332 
VAL CA   C N S 333 
VAL C    C N N 334 
VAL O    O N N 335 
VAL CB   C N N 336 
VAL CG1  C N N 337 
VAL CG2  C N N 338 
VAL OXT  O N N 339 
VAL H    H N N 340 
VAL H2   H N N 341 
VAL HA   H N N 342 
VAL HB   H N N 343 
VAL HG11 H N N 344 
VAL HG12 H N N 345 
VAL HG13 H N N 346 
VAL HG21 H N N 347 
VAL HG22 H N N 348 
VAL HG23 H N N 349 
VAL HXT  H N N 350 
# 
loop_
_chem_comp_bond.comp_id 
_chem_comp_bond.atom_id_1 
_chem_comp_bond.atom_id_2 
_chem_comp_bond.value_order 
_chem_comp_bond.pdbx_aromatic_flag 
_chem_comp_bond.pdbx_stereo_config 
_chem_comp_bond.pdbx_ordinal 
ALA N   CA   sing N N 1   
ALA N   H    sing N N 2   
ALA N   H2   sing N N 3   
ALA CA  C    sing N N 4   
ALA CA  CB   sing N N 5   
ALA CA  HA   sing N N 6   
ALA C   O    doub N N 7   
ALA C   OXT  sing N N 8   
ALA CB  HB1  sing N N 9   
ALA CB  HB2  sing N N 10  
ALA CB  HB3  sing N N 11  
ALA OXT HXT  sing N N 12  
ARG N   CA   sing N N 13  
ARG N   H    sing N N 14  
ARG N   H2   sing N N 15  
ARG CA  C    sing N N 16  
ARG CA  CB   sing N N 17  
ARG CA  HA   sing N N 18  
ARG C   O    doub N N 19  
ARG C   OXT  sing N N 20  
ARG CB  CG   sing N N 21  
ARG CB  HB2  sing N N 22  
ARG CB  HB3  sing N N 23  
ARG CG  CD   sing N N 24  
ARG CG  HG2  sing N N 25  
ARG CG  HG3  sing N N 26  
ARG CD  NE   sing N N 27  
ARG CD  HD2  sing N N 28  
ARG CD  HD3  sing N N 29  
ARG NE  CZ   sing N N 30  
ARG NE  HE   sing N N 31  
ARG CZ  NH1  sing N N 32  
ARG CZ  NH2  doub N N 33  
ARG NH1 HH11 sing N N 34  
ARG NH1 HH12 sing N N 35  
ARG NH2 HH21 sing N N 36  
ARG NH2 HH22 sing N N 37  
ARG OXT HXT  sing N N 38  
ASN N   CA   sing N N 39  
ASN N   H    sing N N 40  
ASN N   H2   sing N N 41  
ASN CA  C    sing N N 42  
ASN CA  CB   sing N N 43  
ASN CA  HA   sing N N 44  
ASN C   O    doub N N 45  
ASN C   OXT  sing N N 46  
ASN CB  CG   sing N N 47  
ASN CB  HB2  sing N N 48  
ASN CB  HB3  sing N N 49  
ASN CG  OD1  doub N N 50  
ASN CG  ND2  sing N N 51  
ASN ND2 HD21 sing N N 52  
ASN ND2 HD22 sing N N 53  
ASN OXT HXT  sing N N 54  
ASP N   CA   sing N N 55  
ASP N   H    sing N N 56  
ASP N   H2   sing N N 57  
ASP CA  C    sing N N 58  
ASP CA  CB   sing N N 59  
ASP CA  HA   sing N N 60  
ASP C   O    doub N N 61  
ASP C   OXT  sing N N 62  
ASP CB  CG   sing N N 63  
ASP CB  HB2  sing N N 64  
ASP CB  HB3  sing N N 65  
ASP CG  OD1  doub N N 66  
ASP CG  OD2  sing N N 67  
ASP OD2 HD2  sing N N 68  
ASP OXT HXT  sing N N 69  
GLN N   CA   sing N N 70  
GLN N   H    sing N N 71  
GLN N   H2   sing N N 72  
GLN CA  C    sing N N 73  
GLN CA  CB   sing N N 74  
GLN CA  HA   sing N N 75  
GLN C   O    doub N N 76  
GLN C   OXT  sing N N 77  
GLN CB  CG   sing N N 78  
GLN CB  HB2  sing N N 79  
GLN CB  HB3  sing N N 80  
GLN CG  CD   sing N N 81  
GLN CG  HG2  sing N N 82  
GLN CG  HG3  sing N N 83  
GLN CD  OE1  doub N N 84  
GLN CD  NE2  sing N N 85  
GLN NE2 HE21 sing N N 86  
GLN NE2 HE22 sing N N 87  
GLN OXT HXT  sing N N 88  
GLU N   CA   sing N N 89  
GLU N   H    sing N N 90  
GLU N   H2   sing N N 91  
GLU CA  C    sing N N 92  
GLU CA  CB   sing N N 93  
GLU CA  HA   sing N N 94  
GLU C   O    doub N N 95  
GLU C   OXT  sing N N 96  
GLU CB  CG   sing N N 97  
GLU CB  HB2  sing N N 98  
GLU CB  HB3  sing N N 99  
GLU CG  CD   sing N N 100 
GLU CG  HG2  sing N N 101 
GLU CG  HG3  sing N N 102 
GLU CD  OE1  doub N N 103 
GLU CD  OE2  sing N N 104 
GLU OE2 HE2  sing N N 105 
GLU OXT HXT  sing N N 106 
GLY N   CA   sing N N 107 
GLY N   H    sing N N 108 
GLY N   H2   sing N N 109 
GLY CA  C    sing N N 110 
GLY CA  HA2  sing N N 111 
GLY CA  HA3  sing N N 112 
GLY C   O    doub N N 113 
GLY C   OXT  sing N N 114 
GLY OXT HXT  sing N N 115 
GOL C1  O1   sing N N 116 
GOL C1  C2   sing N N 117 
GOL C1  H11  sing N N 118 
GOL C1  H12  sing N N 119 
GOL O1  HO1  sing N N 120 
GOL C2  O2   sing N N 121 
GOL C2  C3   sing N N 122 
GOL C2  H2   sing N N 123 
GOL O2  HO2  sing N N 124 
GOL C3  O3   sing N N 125 
GOL C3  H31  sing N N 126 
GOL C3  H32  sing N N 127 
GOL O3  HO3  sing N N 128 
HIS N   CA   sing N N 129 
HIS N   H    sing N N 130 
HIS N   H2   sing N N 131 
HIS CA  C    sing N N 132 
HIS CA  CB   sing N N 133 
HIS CA  HA   sing N N 134 
HIS C   O    doub N N 135 
HIS C   OXT  sing N N 136 
HIS CB  CG   sing N N 137 
HIS CB  HB2  sing N N 138 
HIS CB  HB3  sing N N 139 
HIS CG  ND1  sing Y N 140 
HIS CG  CD2  doub Y N 141 
HIS ND1 CE1  doub Y N 142 
HIS ND1 HD1  sing N N 143 
HIS CD2 NE2  sing Y N 144 
HIS CD2 HD2  sing N N 145 
HIS CE1 NE2  sing Y N 146 
HIS CE1 HE1  sing N N 147 
HIS NE2 HE2  sing N N 148 
HIS OXT HXT  sing N N 149 
HOH O   H1   sing N N 150 
HOH O   H2   sing N N 151 
ILE N   CA   sing N N 152 
ILE N   H    sing N N 153 
ILE N   H2   sing N N 154 
ILE CA  C    sing N N 155 
ILE CA  CB   sing N N 156 
ILE CA  HA   sing N N 157 
ILE C   O    doub N N 158 
ILE C   OXT  sing N N 159 
ILE CB  CG1  sing N N 160 
ILE CB  CG2  sing N N 161 
ILE CB  HB   sing N N 162 
ILE CG1 CD1  sing N N 163 
ILE CG1 HG12 sing N N 164 
ILE CG1 HG13 sing N N 165 
ILE CG2 HG21 sing N N 166 
ILE CG2 HG22 sing N N 167 
ILE CG2 HG23 sing N N 168 
ILE CD1 HD11 sing N N 169 
ILE CD1 HD12 sing N N 170 
ILE CD1 HD13 sing N N 171 
ILE OXT HXT  sing N N 172 
LEU N   CA   sing N N 173 
LEU N   H    sing N N 174 
LEU N   H2   sing N N 175 
LEU CA  C    sing N N 176 
LEU CA  CB   sing N N 177 
LEU CA  HA   sing N N 178 
LEU C   O    doub N N 179 
LEU C   OXT  sing N N 180 
LEU CB  CG   sing N N 181 
LEU CB  HB2  sing N N 182 
LEU CB  HB3  sing N N 183 
LEU CG  CD1  sing N N 184 
LEU CG  CD2  sing N N 185 
LEU CG  HG   sing N N 186 
LEU CD1 HD11 sing N N 187 
LEU CD1 HD12 sing N N 188 
LEU CD1 HD13 sing N N 189 
LEU CD2 HD21 sing N N 190 
LEU CD2 HD22 sing N N 191 
LEU CD2 HD23 sing N N 192 
LEU OXT HXT  sing N N 193 
LYS N   CA   sing N N 194 
LYS N   H    sing N N 195 
LYS N   H2   sing N N 196 
LYS CA  C    sing N N 197 
LYS CA  CB   sing N N 198 
LYS CA  HA   sing N N 199 
LYS C   O    doub N N 200 
LYS C   OXT  sing N N 201 
LYS CB  CG   sing N N 202 
LYS CB  HB2  sing N N 203 
LYS CB  HB3  sing N N 204 
LYS CG  CD   sing N N 205 
LYS CG  HG2  sing N N 206 
LYS CG  HG3  sing N N 207 
LYS CD  CE   sing N N 208 
LYS CD  HD2  sing N N 209 
LYS CD  HD3  sing N N 210 
LYS CE  NZ   sing N N 211 
LYS CE  HE2  sing N N 212 
LYS CE  HE3  sing N N 213 
LYS NZ  HZ1  sing N N 214 
LYS NZ  HZ2  sing N N 215 
LYS NZ  HZ3  sing N N 216 
LYS OXT HXT  sing N N 217 
MET N   CA   sing N N 218 
MET N   H    sing N N 219 
MET N   H2   sing N N 220 
MET CA  C    sing N N 221 
MET CA  CB   sing N N 222 
MET CA  HA   sing N N 223 
MET C   O    doub N N 224 
MET C   OXT  sing N N 225 
MET CB  CG   sing N N 226 
MET CB  HB2  sing N N 227 
MET CB  HB3  sing N N 228 
MET CG  SD   sing N N 229 
MET CG  HG2  sing N N 230 
MET CG  HG3  sing N N 231 
MET SD  CE   sing N N 232 
MET CE  HE1  sing N N 233 
MET CE  HE2  sing N N 234 
MET CE  HE3  sing N N 235 
MET OXT HXT  sing N N 236 
SER N   CA   sing N N 237 
SER N   H    sing N N 238 
SER N   H2   sing N N 239 
SER CA  C    sing N N 240 
SER CA  CB   sing N N 241 
SER CA  HA   sing N N 242 
SER C   O    doub N N 243 
SER C   OXT  sing N N 244 
SER CB  OG   sing N N 245 
SER CB  HB2  sing N N 246 
SER CB  HB3  sing N N 247 
SER OG  HG   sing N N 248 
SER OXT HXT  sing N N 249 
THR N   CA   sing N N 250 
THR N   H    sing N N 251 
THR N   H2   sing N N 252 
THR CA  C    sing N N 253 
THR CA  CB   sing N N 254 
THR CA  HA   sing N N 255 
THR C   O    doub N N 256 
THR C   OXT  sing N N 257 
THR CB  OG1  sing N N 258 
THR CB  CG2  sing N N 259 
THR CB  HB   sing N N 260 
THR OG1 HG1  sing N N 261 
THR CG2 HG21 sing N N 262 
THR CG2 HG22 sing N N 263 
THR CG2 HG23 sing N N 264 
THR OXT HXT  sing N N 265 
TRP N   CA   sing N N 266 
TRP N   H    sing N N 267 
TRP N   H2   sing N N 268 
TRP CA  C    sing N N 269 
TRP CA  CB   sing N N 270 
TRP CA  HA   sing N N 271 
TRP C   O    doub N N 272 
TRP C   OXT  sing N N 273 
TRP CB  CG   sing N N 274 
TRP CB  HB2  sing N N 275 
TRP CB  HB3  sing N N 276 
TRP CG  CD1  doub Y N 277 
TRP CG  CD2  sing Y N 278 
TRP CD1 NE1  sing Y N 279 
TRP CD1 HD1  sing N N 280 
TRP CD2 CE2  doub Y N 281 
TRP CD2 CE3  sing Y N 282 
TRP NE1 CE2  sing Y N 283 
TRP NE1 HE1  sing N N 284 
TRP CE2 CZ2  sing Y N 285 
TRP CE3 CZ3  doub Y N 286 
TRP CE3 HE3  sing N N 287 
TRP CZ2 CH2  doub Y N 288 
TRP CZ2 HZ2  sing N N 289 
TRP CZ3 CH2  sing Y N 290 
TRP CZ3 HZ3  sing N N 291 
TRP CH2 HH2  sing N N 292 
TRP OXT HXT  sing N N 293 
TYR N   CA   sing N N 294 
TYR N   H    sing N N 295 
TYR N   H2   sing N N 296 
TYR CA  C    sing N N 297 
TYR CA  CB   sing N N 298 
TYR CA  HA   sing N N 299 
TYR C   O    doub N N 300 
TYR C   OXT  sing N N 301 
TYR CB  CG   sing N N 302 
TYR CB  HB2  sing N N 303 
TYR CB  HB3  sing N N 304 
TYR CG  CD1  doub Y N 305 
TYR CG  CD2  sing Y N 306 
TYR CD1 CE1  sing Y N 307 
TYR CD1 HD1  sing N N 308 
TYR CD2 CE2  doub Y N 309 
TYR CD2 HD2  sing N N 310 
TYR CE1 CZ   doub Y N 311 
TYR CE1 HE1  sing N N 312 
TYR CE2 CZ   sing Y N 313 
TYR CE2 HE2  sing N N 314 
TYR CZ  OH   sing N N 315 
TYR OH  HH   sing N N 316 
TYR OXT HXT  sing N N 317 
VAL N   CA   sing N N 318 
VAL N   H    sing N N 319 
VAL N   H2   sing N N 320 
VAL CA  C    sing N N 321 
VAL CA  CB   sing N N 322 
VAL CA  HA   sing N N 323 
VAL C   O    doub N N 324 
VAL C   OXT  sing N N 325 
VAL CB  CG1  sing N N 326 
VAL CB  CG2  sing N N 327 
VAL CB  HB   sing N N 328 
VAL CG1 HG11 sing N N 329 
VAL CG1 HG12 sing N N 330 
VAL CG1 HG13 sing N N 331 
VAL CG2 HG21 sing N N 332 
VAL CG2 HG22 sing N N 333 
VAL CG2 HG23 sing N N 334 
VAL OXT HXT  sing N N 335 
# 
_atom_sites.entry_id                    6AKK 
_atom_sites.fract_transf_matrix[1][1]   0.01702451 
_atom_sites.fract_transf_matrix[1][2]   0.00362599 
_atom_sites.fract_transf_matrix[1][3]   -0.01558807 
_atom_sites.fract_transf_matrix[2][1]   -0.00493415 
_atom_sites.fract_transf_matrix[2][2]   0.00647463 
_atom_sites.fract_transf_matrix[2][3]   -0.00388275 
_atom_sites.fract_transf_matrix[3][1]   0.00887447 
_atom_sites.fract_transf_matrix[3][2]   0.01461389 
_atom_sites.fract_transf_matrix[3][3]   0.01309164 
_atom_sites.fract_transf_vector[1]      0.377172 
_atom_sites.fract_transf_vector[2]      0.017270 
_atom_sites.fract_transf_vector[3]      0.252924 
# 
loop_
_atom_type.symbol 
C 
N 
O 
S 
# 
loop_
_atom_site.group_PDB 
_atom_site.id 
_atom_site.type_symbol 
_atom_site.label_atom_id 
_atom_site.label_alt_id 
_atom_site.label_comp_id 
_atom_site.label_asym_id 
_atom_site.label_entity_id 
_atom_site.label_seq_id 
_atom_site.pdbx_PDB_ins_code 
_atom_site.Cartn_x 
_atom_site.Cartn_y 
_atom_site.Cartn_z 
_atom_site.occupancy 
_atom_site.B_iso_or_equiv 
_atom_site.pdbx_formal_charge 
_atom_site.auth_seq_id 
_atom_site.auth_comp_id 
_atom_site.auth_asym_id 
_atom_site.auth_atom_id 
_atom_site.pdbx_PDB_model_num 
ATOM   1   N N   . GLY A 1 4  ? -25.367 35.151  -15.775 1.00 56.99 ? 71  GLY A N   1 
ATOM   2   C CA  . GLY A 1 4  ? -25.091 34.248  -16.875 1.00 48.52 ? 71  GLY A CA  1 
ATOM   3   C C   . GLY A 1 4  ? -24.431 32.968  -16.408 1.00 42.77 ? 71  GLY A C   1 
ATOM   4   O O   . GLY A 1 4  ? -23.863 32.218  -17.206 1.00 37.28 ? 71  GLY A O   1 
ATOM   5   N N   . LEU A 1 5  ? -24.508 32.718  -15.098 1.00 38.01 ? 72  LEU A N   1 
ATOM   6   C CA  . LEU A 1 5  ? -23.900 31.524  -14.525 1.00 38.36 ? 72  LEU A CA  1 
ATOM   7   C C   . LEU A 1 5  ? -24.549 30.239  -15.014 1.00 32.31 ? 72  LEU A C   1 
ATOM   8   O O   . LEU A 1 5  ? -23.989 29.164  -14.800 1.00 25.91 ? 72  LEU A O   1 
ATOM   9   C CB  . LEU A 1 5  ? -23.966 31.573  -12.995 1.00 45.43 ? 72  LEU A CB  1 
ATOM   10  C CG  . LEU A 1 5  ? -23.056 32.584  -12.299 1.00 50.77 ? 72  LEU A CG  1 
ATOM   11  C CD1 . LEU A 1 5  ? -23.088 32.386  -10.795 1.00 49.10 ? 72  LEU A CD1 1 
ATOM   12  C CD2 . LEU A 1 5  ? -21.633 32.459  -12.822 1.00 47.44 ? 72  LEU A CD2 1 
ATOM   13  N N   . LEU A 1 6  ? -25.697 30.323  -15.672 1.00 40.48 ? 73  LEU A N   1 
ATOM   14  C CA  . LEU A 1 6  ? -26.422 29.147  -16.121 1.00 33.06 ? 73  LEU A CA  1 
ATOM   15  C C   . LEU A 1 6  ? -26.093 28.773  -17.558 1.00 35.68 ? 73  LEU A C   1 
ATOM   16  O O   . LEU A 1 6  ? -26.620 27.772  -18.057 1.00 34.12 ? 73  LEU A O   1 
ATOM   17  C CB  . LEU A 1 6  ? -27.923 29.395  -15.953 1.00 34.87 ? 73  LEU A CB  1 
ATOM   18  C CG  . LEU A 1 6  ? -28.426 29.042  -14.548 1.00 35.98 ? 73  LEU A CG  1 
ATOM   19  C CD1 . LEU A 1 6  ? -29.930 28.920  -14.563 1.00 37.48 ? 73  LEU A CD1 1 
ATOM   20  C CD2 . LEU A 1 6  ? -27.792 27.749  -14.032 1.00 38.08 ? 73  LEU A CD2 1 
ATOM   21  N N   . SER A 1 7  ? -25.227 29.545  -18.220 1.00 28.07 ? 74  SER A N   1 
ATOM   22  C CA  . SER A 1 7  ? -24.830 29.272  -19.593 1.00 29.51 ? 74  SER A CA  1 
ATOM   23  C C   . SER A 1 7  ? -24.223 27.880  -19.711 1.00 35.81 ? 74  SER A C   1 
ATOM   24  O O   . SER A 1 7  ? -23.728 27.302  -18.739 1.00 31.20 ? 74  SER A O   1 
ATOM   25  C CB  . SER A 1 7  ? -23.818 30.309  -20.077 1.00 33.68 ? 74  SER A CB  1 
ATOM   26  O OG  . SER A 1 7  ? -22.599 30.173  -19.366 1.00 30.60 ? 74  SER A OG  1 
ATOM   27  N N   . GLN A 1 8  ? -24.265 27.344  -20.931 1.00 33.77 ? 75  GLN A N   1 
ATOM   28  C CA  . GLN A 1 8  ? -23.673 26.037  -21.186 1.00 35.81 ? 75  GLN A CA  1 
ATOM   29  C C   . GLN A 1 8  ? -22.200 26.022  -20.793 1.00 37.61 ? 75  GLN A C   1 
ATOM   30  O O   . GLN A 1 8  ? -21.697 25.024  -20.261 1.00 28.03 ? 75  GLN A O   1 
ATOM   31  C CB  . GLN A 1 8  ? -23.853 25.670  -22.660 1.00 45.24 ? 75  GLN A CB  1 
ATOM   32  C CG  . GLN A 1 8  ? -23.349 24.293  -23.041 1.00 54.55 ? 75  GLN A CG  1 
ATOM   33  C CD  . GLN A 1 8  ? -23.556 23.987  -24.514 1.00 64.04 ? 75  GLN A CD  1 
ATOM   34  O OE1 . GLN A 1 8  ? -23.619 24.894  -25.349 1.00 67.85 ? 75  GLN A OE1 1 
ATOM   35  N NE2 . GLN A 1 8  ? -23.669 22.704  -24.841 1.00 65.54 ? 75  GLN A NE2 1 
ATOM   36  N N   . GLU A 1 9  ? -21.503 27.140  -21.015 1.00 31.78 ? 76  GLU A N   1 
ATOM   37  C CA  . GLU A 1 9  ? -20.080 27.202  -20.708 1.00 27.66 ? 76  GLU A CA  1 
ATOM   38  C C   . GLU A 1 9  ? -19.836 27.229  -19.203 1.00 27.56 ? 76  GLU A C   1 
ATOM   39  O O   . GLU A 1 9  ? -18.950 26.531  -18.700 1.00 22.85 ? 76  GLU A O   1 
ATOM   40  C CB  . GLU A 1 9  ? -19.455 28.423  -21.386 1.00 35.99 ? 76  GLU A CB  1 
ATOM   41  N N   . ASN A 1 10 ? -20.608 28.032  -18.465 1.00 27.68 ? 77  ASN A N   1 
ATOM   42  C CA  . ASN A 1 10 ? -20.404 28.116  -17.023 1.00 25.94 ? 77  ASN A CA  1 
ATOM   43  C C   . ASN A 1 10 ? -20.788 26.805  -16.344 1.00 22.95 ? 77  ASN A C   1 
ATOM   44  O O   . ASN A 1 10 ? -20.150 26.386  -15.373 1.00 23.46 ? 77  ASN A O   1 
ATOM   45  C CB  . ASN A 1 10 ? -21.209 29.277  -16.443 1.00 29.14 ? 77  ASN A CB  1 
ATOM   46  C CG  . ASN A 1 10 ? -20.517 30.618  -16.616 1.00 35.78 ? 77  ASN A CG  1 
ATOM   47  O OD1 . ASN A 1 10 ? -19.304 30.732  -16.452 1.00 33.44 ? 77  ASN A OD1 1 
ATOM   48  N ND2 . ASN A 1 10 ? -21.292 31.643  -16.951 1.00 40.23 ? 77  ASN A ND2 1 
ATOM   49  N N   . THR A 1 11 ? -21.839 26.151  -16.839 1.00 26.94 ? 78  THR A N   1 
ATOM   50  C CA  . THR A 1 11 ? -22.176 24.827  -16.336 1.00 27.61 ? 78  THR A CA  1 
ATOM   51  C C   . THR A 1 11 ? -21.049 23.837  -16.613 1.00 23.36 ? 78  THR A C   1 
ATOM   52  O O   . THR A 1 11 ? -20.692 23.036  -15.743 1.00 24.23 ? 78  THR A O   1 
ATOM   53  C CB  . THR A 1 11 ? -23.491 24.352  -16.955 1.00 36.76 ? 78  THR A CB  1 
ATOM   54  O OG1 . THR A 1 11 ? -24.476 25.388  -16.834 1.00 33.45 ? 78  THR A OG1 1 
ATOM   55  C CG2 . THR A 1 11 ? -23.990 23.102  -16.253 1.00 35.73 ? 78  THR A CG2 1 
ATOM   56  N N   . GLN A 1 12 ? -20.452 23.895  -17.808 1.00 25.93 ? 79  GLN A N   1 
ATOM   57  C CA  . GLN A 1 12 ? -19.349 22.981  -18.097 1.00 23.95 ? 79  GLN A CA  1 
ATOM   58  C C   . GLN A 1 12 ? -18.141 23.271  -17.216 1.00 23.16 ? 79  GLN A C   1 
ATOM   59  O O   . GLN A 1 12 ? -17.450 22.342  -16.788 1.00 20.83 ? 79  GLN A O   1 
ATOM   60  C CB  . GLN A 1 12 ? -18.956 23.045  -19.572 1.00 30.52 ? 79  GLN A CB  1 
ATOM   61  C CG  . GLN A 1 12 ? -17.941 21.969  -19.952 1.00 29.31 ? 79  GLN A CG  1 
ATOM   62  C CD  . GLN A 1 12 ? -17.625 21.935  -21.429 1.00 33.90 ? 79  GLN A CD  1 
ATOM   63  O OE1 . GLN A 1 12 ? -18.132 22.743  -22.207 1.00 37.34 ? 79  GLN A OE1 1 
ATOM   64  N NE2 . GLN A 1 12 ? -16.784 20.990  -21.828 1.00 33.39 ? 79  GLN A NE2 1 
ATOM   65  N N   . ILE A 1 13 ? -17.866 24.550  -16.938 1.00 18.40 ? 80  ILE A N   1 
ATOM   66  C CA  . ILE A 1 13 ? -16.759 24.897  -16.047 1.00 18.11 ? 80  ILE A CA  1 
ATOM   67  C C   . ILE A 1 13 ? -16.948 24.243  -14.683 1.00 21.68 ? 80  ILE A C   1 
ATOM   68  O O   . ILE A 1 13 ? -16.022 23.647  -14.128 1.00 19.12 ? 80  ILE A O   1 
ATOM   69  C CB  . ILE A 1 13 ? -16.613 26.424  -15.918 1.00 19.88 ? 80  ILE A CB  1 
ATOM   70  C CG1 . ILE A 1 13 ? -16.062 27.033  -17.213 1.00 20.37 ? 80  ILE A CG1 1 
ATOM   71  C CG2 . ILE A 1 13 ? -15.733 26.765  -14.724 1.00 20.50 ? 80  ILE A CG2 1 
ATOM   72  C CD1 . ILE A 1 13 ? -16.394 28.506  -17.378 1.00 25.13 ? 80  ILE A CD1 1 
ATOM   73  N N   . ARG A 1 14 ? -18.155 24.332  -14.126 1.00 21.81 ? 81  ARG A N   1 
ATOM   74  C CA  . ARG A 1 14 ? -18.364 23.743  -12.807 1.00 18.14 ? 81  ARG A CA  1 
ATOM   75  C C   . ARG A 1 14 ? -18.260 22.227  -12.845 1.00 18.10 ? 81  ARG A C   1 
ATOM   76  O O   . ARG A 1 14 ? -17.736 21.624  -11.899 1.00 18.71 ? 81  ARG A O   1 
ATOM   77  C CB  . ARG A 1 14 ? -19.719 24.169  -12.251 1.00 19.60 ? 81  ARG A CB  1 
ATOM   78  C CG  . ARG A 1 14 ? -19.775 25.634  -11.848 1.00 22.23 ? 81  ARG A CG  1 
ATOM   79  C CD  . ARG A 1 14 ? -21.076 25.976  -11.159 1.00 24.49 ? 81  ARG A CD  1 
ATOM   80  N NE  . ARG A 1 14 ? -22.227 25.797  -12.036 1.00 22.30 ? 81  ARG A NE  1 
ATOM   81  C CZ  . ARG A 1 14 ? -22.701 26.732  -12.850 1.00 24.25 ? 81  ARG A CZ  1 
ATOM   82  N NH1 . ARG A 1 14 ? -22.100 27.907  -12.921 1.00 24.40 ? 81  ARG A NH1 1 
ATOM   83  N NH2 . ARG A 1 14 ? -23.762 26.480  -13.604 1.00 26.59 ? 81  ARG A NH2 1 
ATOM   84  N N   . ASP A 1 15 ? -18.703 21.604  -13.938 1.00 17.76 ? 82  ASP A N   1 
ATOM   85  C CA  . ASP A 1 15 ? -18.538 20.161  -14.097 1.00 17.83 ? 82  ASP A CA  1 
ATOM   86  C C   . ASP A 1 15 ? -17.063 19.780  -14.149 1.00 20.79 ? 82  ASP A C   1 
ATOM   87  O O   . ASP A 1 15 ? -16.635 18.824  -13.491 1.00 17.61 ? 82  ASP A O   1 
ATOM   88  C CB  . ASP A 1 15 ? -19.250 19.683  -15.359 1.00 24.44 ? 82  ASP A CB  1 
ATOM   89  C CG  . ASP A 1 15 ? -20.589 19.040  -15.067 1.00 50.04 ? 82  ASP A CG  1 
ATOM   90  O OD1 . ASP A 1 15 ? -20.622 18.043  -14.313 1.00 59.87 ? 82  ASP A OD1 1 
ATOM   91  O OD2 . ASP A 1 15 ? -21.608 19.529  -15.597 1.00 57.86 ? 82  ASP A OD2 1 
ATOM   92  N N   . LEU A 1 16 ? -16.271 20.511  -14.942 1.00 17.89 ? 83  LEU A N   1 
ATOM   93  C CA  . LEU A 1 16 ? -14.839 20.228  -15.028 1.00 13.83 ? 83  LEU A CA  1 
ATOM   94  C C   . LEU A 1 16 ? -14.127 20.482  -13.708 1.00 17.65 ? 83  LEU A C   1 
ATOM   95  O O   . LEU A 1 16 ? -13.169 19.773  -13.376 1.00 16.20 ? 83  LEU A O   1 
ATOM   96  C CB  . LEU A 1 16 ? -14.191 21.064  -16.133 1.00 20.08 ? 83  LEU A CB  1 
ATOM   97  C CG  . LEU A 1 16 ? -14.477 20.641  -17.575 1.00 20.39 ? 83  LEU A CG  1 
ATOM   98  C CD1 . LEU A 1 16 ? -14.223 21.784  -18.558 1.00 18.80 ? 83  LEU A CD1 1 
ATOM   99  C CD2 . LEU A 1 16 ? -13.631 19.437  -17.928 1.00 22.43 ? 83  LEU A CD2 1 
ATOM   100 N N   . GLN A 1 17 ? -14.570 21.484  -12.940 1.00 16.35 ? 84  GLN A N   1 
ATOM   101 C CA  . GLN A 1 17 ? -13.953 21.728  -11.640 1.00 15.55 ? 84  GLN A CA  1 
ATOM   102 C C   . GLN A 1 17 ? -14.248 20.585  -10.676 1.00 18.25 ? 84  GLN A C   1 
ATOM   103 O O   . GLN A 1 17 ? -13.402 20.240  -9.848  1.00 17.34 ? 84  GLN A O   1 
ATOM   104 C CB  . GLN A 1 17 ? -14.446 23.059  -11.069 1.00 17.11 ? 84  GLN A CB  1 
ATOM   105 C CG  . GLN A 1 17 ? -13.861 24.275  -11.769 1.00 18.26 ? 84  GLN A CG  1 
ATOM   106 C CD  . GLN A 1 17 ? -14.582 25.574  -11.428 1.00 26.59 ? 84  GLN A CD  1 
ATOM   107 O OE1 . GLN A 1 17 ? -15.766 25.583  -11.052 1.00 27.50 ? 84  GLN A OE1 1 
ATOM   108 N NE2 . GLN A 1 17 ? -13.872 26.691  -11.574 1.00 27.85 ? 84  GLN A NE2 1 
ATOM   109 N N   . GLN A 1 18 ? -15.407 19.965  -10.793 1.00 14.68 ? 85  GLN A N   1 
ATOM   110 C CA  . GLN A 1 18 ? -15.792 18.820  -9.935  1.00 15.56 ? 85  GLN A CA  1 
ATOM   111 C C   . GLN A 1 18 ? -14.945 17.621  -10.347 1.00 15.30 ? 85  GLN A C   1 
ATOM   112 O O   . GLN A 1 18 ? -14.501 16.945  -9.481  1.00 15.85 ? 85  GLN A O   1 
ATOM   113 C CB  . GLN A 1 18 ? -17.294 18.545  -10.085 1.00 14.99 ? 85  GLN A CB  1 
ATOM   114 C CG  . GLN A 1 18 ? -17.826 17.464  -9.153  1.00 17.14 ? 85  GLN A CG  1 
ATOM   115 C CD  . GLN A 1 18 ? -17.958 17.880  -7.706  1.00 25.10 ? 85  GLN A CD  1 
ATOM   116 O OE1 . GLN A 1 18 ? -17.517 18.936  -7.268  1.00 30.66 ? 85  GLN A OE1 1 
ATOM   117 N NE2 . GLN A 1 18 ? -18.586 17.039  -6.918  1.00 25.37 ? 85  GLN A NE2 1 
ATOM   118 N N   . GLU A 1 19 ? -14.761 17.403  -11.631 1.00 15.11 ? 86  GLU A N   1 
ATOM   119 C CA  . GLU A 1 19 ? -13.884 16.330  -12.094 1.00 17.29 ? 86  GLU A CA  1 
ATOM   120 C C   . GLU A 1 19 ? -12.457 16.537  -11.601 1.00 20.50 ? 86  GLU A C   1 
ATOM   121 O O   . GLU A 1 19 ? -11.821 15.608  -11.096 1.00 18.57 ? 86  GLU A O   1 
ATOM   122 C CB  . GLU A 1 19 ? -13.912 16.257  -13.625 1.00 22.17 ? 86  GLU A CB  1 
ATOM   123 N N   A ASN A 1 20 ? -11.934 17.755  -11.795 0.57 15.13 ? 87  ASN A N   1 
ATOM   124 N N   B ASN A 1 20 ? -11.936 17.754  -11.713 0.43 15.26 ? 87  ASN A N   1 
ATOM   125 C CA  A ASN A 1 20 ? -10.626 18.147  -11.271 0.57 16.90 ? 87  ASN A CA  1 
ATOM   126 C CA  B ASN A 1 20 ? -10.556 17.948  -11.290 0.43 17.24 ? 87  ASN A CA  1 
ATOM   127 C C   A ASN A 1 20 ? -10.478 17.729  -9.817  0.57 19.66 ? 87  ASN A C   1 
ATOM   128 C C   B ASN A 1 20 ? -10.395 17.873  -9.769  0.43 20.71 ? 87  ASN A C   1 
ATOM   129 O O   A ASN A 1 20 ? -9.498  17.076  -9.432  0.57 17.76 ? 87  ASN A O   1 
ATOM   130 O O   B ASN A 1 20 ? -9.290  17.586  -9.289  0.43 21.46 ? 87  ASN A O   1 
ATOM   131 C CB  A ASN A 1 20 ? -10.457 19.666  -11.419 0.57 20.35 ? 87  ASN A CB  1 
ATOM   132 C CB  B ASN A 1 20 ? -10.032 19.267  -11.857 0.43 19.98 ? 87  ASN A CB  1 
ATOM   133 C CG  A ASN A 1 20 ? -9.129  20.182  -10.872 0.57 17.57 ? 87  ASN A CG  1 
ATOM   134 C CG  B ASN A 1 20 ? -9.776  19.188  -13.361 0.43 21.00 ? 87  ASN A CG  1 
ATOM   135 O OD1 A ASN A 1 20 ? -8.147  20.278  -11.605 0.57 19.11 ? 87  ASN A OD1 1 
ATOM   136 O OD1 B ASN A 1 20 ? -9.933  18.134  -13.977 0.43 18.95 ? 87  ASN A OD1 1 
ATOM   137 N ND2 A ASN A 1 20 ? -9.103  20.540  -9.590  0.57 19.35 ? 87  ASN A ND2 1 
ATOM   138 N ND2 B ASN A 1 20 ? -9.399  20.310  -13.956 0.43 21.24 ? 87  ASN A ND2 1 
ATOM   139 N N   . ARG A 1 21 ? -11.467 18.085  -8.999  1.00 21.03 ? 88  ARG A N   1 
ATOM   140 C CA  . ARG A 1 21 ? -11.404 17.798  -7.571  1.00 20.65 ? 88  ARG A CA  1 
ATOM   141 C C   . ARG A 1 21 ? -11.385 16.298  -7.323  1.00 22.35 ? 88  ARG A C   1 
ATOM   142 O O   . ARG A 1 21 ? -10.688 15.822  -6.419  1.00 17.83 ? 88  ARG A O   1 
ATOM   143 C CB  . ARG A 1 21 ? -12.580 18.447  -6.845  1.00 25.65 ? 88  ARG A CB  1 
ATOM   144 C CG  . ARG A 1 21 ? -12.355 19.924  -6.523  1.00 27.49 ? 88  ARG A CG  1 
ATOM   145 C CD  . ARG A 1 21 ? -13.430 20.489  -5.601  1.00 29.15 ? 88  ARG A CD  1 
ATOM   146 N NE  . ARG A 1 21 ? -14.754 20.501  -6.209  1.00 20.74 ? 88  ARG A NE  1 
ATOM   147 C CZ  . ARG A 1 21 ? -15.240 21.531  -6.896  1.00 22.04 ? 88  ARG A CZ  1 
ATOM   148 N NH1 . ARG A 1 21 ? -14.507 22.622  -7.060  1.00 35.45 ? 88  ARG A NH1 1 
ATOM   149 N NH2 . ARG A 1 21 ? -16.444 21.464  -7.428  1.00 26.87 ? 88  ARG A NH2 1 
ATOM   150 N N   . GLU A 1 22 ? -12.139 15.537  -8.117  1.00 14.58 ? 89  GLU A N   1 
ATOM   151 C CA  . GLU A 1 22 ? -12.184 14.092  -7.919  1.00 13.63 ? 89  GLU A CA  1 
ATOM   152 C C   . GLU A 1 22 ? -10.852 13.443  -8.268  1.00 14.29 ? 89  GLU A C   1 
ATOM   153 O O   . GLU A 1 22 ? -10.436 12.477  -7.612  1.00 12.75 ? 89  GLU A O   1 
ATOM   154 C CB  . GLU A 1 22 ? -13.314 13.483  -8.747  1.00 20.00 ? 89  GLU A CB  1 
ATOM   155 C CG  . GLU A 1 22 ? -13.845 12.181  -8.189  1.00 20.18 ? 89  GLU A CG  1 
ATOM   156 C CD  . GLU A 1 22 ? -14.589 12.353  -6.874  1.00 23.56 ? 89  GLU A CD  1 
ATOM   157 O OE1 . GLU A 1 22 ? -14.932 13.501  -6.502  1.00 26.93 ? 89  GLU A OE1 1 
ATOM   158 O OE2 . GLU A 1 22 ? -14.867 11.334  -6.221  1.00 22.25 ? 89  GLU A OE2 1 
ATOM   159 N N   . LEU A 1 23 ? -10.173 13.950  -9.306  1.00 14.83 ? 90  LEU A N   1 
ATOM   160 C CA  . LEU A 1 23 ? -8.848  13.449  -9.653  1.00 11.49 ? 90  LEU A CA  1 
ATOM   161 C C   . LEU A 1 23 ? -7.848  13.714  -8.535  1.00 16.39 ? 90  LEU A C   1 
ATOM   162 O O   . LEU A 1 23 ? -7.073  12.822  -8.154  1.00 15.84 ? 90  LEU A O   1 
ATOM   163 C CB  . LEU A 1 23 ? -8.387  14.093  -10.963 1.00 15.32 ? 90  LEU A CB  1 
ATOM   164 C CG  . LEU A 1 23 ? -9.165  13.621  -12.184 1.00 18.13 ? 90  LEU A CG  1 
ATOM   165 C CD1 . LEU A 1 23 ? -8.914  14.548  -13.372 1.00 21.47 ? 90  LEU A CD1 1 
ATOM   166 C CD2 . LEU A 1 23 ? -8.804  12.190  -12.525 1.00 26.60 ? 90  LEU A CD2 1 
ATOM   167 N N   . TRP A 1 24 ? -7.851  14.941  -8.001  1.00 14.60 ? 91  TRP A N   1 
ATOM   168 C CA  . TRP A 1 24 ? -7.008  15.293  -6.859  1.00 16.23 ? 91  TRP A CA  1 
ATOM   169 C C   . TRP A 1 24 ? -7.288  14.410  -5.648  1.00 16.80 ? 91  TRP A C   1 
ATOM   170 O O   . TRP A 1 24 ? -6.355  14.006  -4.942  1.00 15.25 ? 91  TRP A O   1 
ATOM   171 C CB  . TRP A 1 24 ? -7.212  16.767  -6.483  1.00 18.79 ? 91  TRP A CB  1 
ATOM   172 C CG  . TRP A 1 24 ? -6.250  17.681  -7.135  1.00 23.57 ? 91  TRP A CG  1 
ATOM   173 C CD1 . TRP A 1 24 ? -6.536  18.659  -8.040  1.00 17.93 ? 91  TRP A CD1 1 
ATOM   174 C CD2 . TRP A 1 24 ? -4.829  17.715  -6.944  1.00 25.83 ? 91  TRP A CD2 1 
ATOM   175 N NE1 . TRP A 1 24 ? -5.383  19.294  -8.436  1.00 24.40 ? 91  TRP A NE1 1 
ATOM   176 C CE2 . TRP A 1 24 ? -4.323  18.737  -7.771  1.00 18.53 ? 91  TRP A CE2 1 
ATOM   177 C CE3 . TRP A 1 24 ? -3.938  16.987  -6.155  1.00 24.67 ? 91  TRP A CE3 1 
ATOM   178 C CZ2 . TRP A 1 24 ? -2.970  19.045  -7.830  1.00 22.04 ? 91  TRP A CZ2 1 
ATOM   179 C CZ3 . TRP A 1 24 ? -2.590  17.300  -6.215  1.00 20.78 ? 91  TRP A CZ3 1 
ATOM   180 C CH2 . TRP A 1 24 ? -2.122  18.314  -7.049  1.00 26.15 ? 91  TRP A CH2 1 
ATOM   181 N N   . ILE A 1 25 ? -8.560  14.152  -5.341  1.00 13.46 ? 92  ILE A N   1 
ATOM   182 C CA  . ILE A 1 25 ? -8.868  13.287  -4.207  1.00 14.62 ? 92  ILE A CA  1 
ATOM   183 C C   . ILE A 1 25 ? -8.323  11.888  -4.452  1.00 17.57 ? 92  ILE A C   1 
ATOM   184 O O   . ILE A 1 25 ? -7.773  11.249  -3.546  1.00 14.63 ? 92  ILE A O   1 
ATOM   185 C CB  . ILE A 1 25 ? -10.380 13.277  -3.936  1.00 18.02 ? 92  ILE A CB  1 
ATOM   186 C CG1 . ILE A 1 25 ? -10.786 14.645  -3.396  1.00 19.40 ? 92  ILE A CG1 1 
ATOM   187 C CG2 . ILE A 1 25 ? -10.764 12.166  -2.957  1.00 19.00 ? 92  ILE A CG2 1 
ATOM   188 C CD1 . ILE A 1 25 ? -12.250 14.897  -3.472  1.00 20.55 ? 92  ILE A CD1 1 
ATOM   189 N N   . SER A 1 26 ? -8.452  11.397  -5.685  1.00 13.66 ? 93  SER A N   1 
ATOM   190 C CA  . SER A 1 26 ? -7.864  10.100  -6.014  1.00 11.26 ? 93  SER A CA  1 
ATOM   191 C C   . SER A 1 26 ? -6.359  10.093  -5.769  1.00 11.75 ? 93  SER A C   1 
ATOM   192 O O   . SER A 1 26 ? -5.820  9.134   -5.199  1.00 11.19 ? 93  SER A O   1 
ATOM   193 C CB  . SER A 1 26 ? -8.161  9.753   -7.470  1.00 15.08 ? 93  SER A CB  1 
ATOM   194 O OG  . SER A 1 26 ? -9.552  9.693   -7.683  1.00 16.93 ? 93  SER A OG  1 
ATOM   195 N N   . LEU A 1 27 ? -5.657  11.156  -6.178  1.00 13.52 ? 94  LEU A N   1 
ATOM   196 C CA  . LEU A 1 27 ? -4.216  11.218  -5.936  1.00 11.58 ? 94  LEU A CA  1 
ATOM   197 C C   . LEU A 1 27 ? -3.921  11.307  -4.446  1.00 10.57 ? 94  LEU A C   1 
ATOM   198 O O   . LEU A 1 27 ? -2.978  10.669  -3.951  1.00 11.78 ? 94  LEU A O   1 
ATOM   199 C CB  . LEU A 1 27 ? -3.611  12.419  -6.671  1.00 13.42 ? 94  LEU A CB  1 
ATOM   200 C CG  . LEU A 1 27 ? -3.547  12.312  -8.196  1.00 13.13 ? 94  LEU A CG  1 
ATOM   201 C CD1 . LEU A 1 27 ? -3.495  13.681  -8.866  1.00 17.48 ? 94  LEU A CD1 1 
ATOM   202 C CD2 . LEU A 1 27 ? -2.325  11.500  -8.587  1.00 13.92 ? 94  LEU A CD2 1 
ATOM   203 N N   . GLU A 1 28 ? -4.721  12.086  -3.707  1.00 13.01 ? 95  GLU A N   1 
ATOM   204 C CA  . GLU A 1 28 ? -4.441  12.306  -2.292  1.00 14.02 ? 95  GLU A CA  1 
ATOM   205 C C   . GLU A 1 28 ? -4.706  11.043  -1.477  1.00 17.05 ? 95  GLU A C   1 
ATOM   206 O O   . GLU A 1 28 ? -3.926  10.686  -0.583  1.00 15.44 ? 95  GLU A O   1 
ATOM   207 C CB  . GLU A 1 28 ? -5.277  13.486  -1.790  1.00 14.78 ? 95  GLU A CB  1 
ATOM   208 C CG  . GLU A 1 28 ? -4.813  14.805  -2.380  1.00 16.29 ? 95  GLU A CG  1 
ATOM   209 C CD  . GLU A 1 28 ? -5.874  15.898  -2.318  1.00 24.11 ? 95  GLU A CD  1 
ATOM   210 O OE1 . GLU A 1 28 ? -7.035  15.618  -1.938  1.00 22.74 ? 95  GLU A OE1 1 
ATOM   211 O OE2 . GLU A 1 28 ? -5.529  17.049  -2.639  1.00 23.36 ? 95  GLU A OE2 1 
ATOM   212 N N   . GLU A 1 29 ? -5.792  10.339  -1.780  1.00 14.37 ? 96  GLU A N   1 
ATOM   213 C CA  . GLU A 1 29 ? -6.102  9.122   -1.044  1.00 11.93 ? 96  GLU A CA  1 
ATOM   214 C C   . GLU A 1 29 ? -5.018  8.078   -1.253  1.00 14.88 ? 96  GLU A C   1 
ATOM   215 O O   . GLU A 1 29 ? -4.579  7.439   -0.295  1.00 13.79 ? 96  GLU A O   1 
ATOM   216 C CB  . GLU A 1 29 ? -7.467  8.596   -1.479  1.00 14.43 ? 96  GLU A CB  1 
ATOM   217 C CG  . GLU A 1 29 ? -7.870  7.301   -0.805  1.00 29.98 ? 96  GLU A CG  1 
ATOM   218 C CD  . GLU A 1 29 ? -8.210  7.488   0.662   1.00 45.48 ? 96  GLU A CD  1 
ATOM   219 O OE1 . GLU A 1 29 ? -8.516  8.632   1.067   1.00 47.69 ? 96  GLU A OE1 1 
ATOM   220 O OE2 . GLU A 1 29 ? -8.173  6.485   1.407   1.00 55.40 ? 96  GLU A OE2 1 
ATOM   221 N N   . HIS A 1 30 ? -4.508  7.957   -2.481  1.00 11.78 ? 97  HIS A N   1 
ATOM   222 C CA  . HIS A 1 30 ? -3.441  6.986   -2.715  1.00 10.31 ? 97  HIS A CA  1 
ATOM   223 C C   . HIS A 1 30 ? -2.112  7.428   -2.090  1.00 9.86  ? 97  HIS A C   1 
ATOM   224 O O   . HIS A 1 30 ? -1.344  6.577   -1.627  1.00 11.46 ? 97  HIS A O   1 
ATOM   225 C CB  . HIS A 1 30 ? -3.294  6.728   -4.209  1.00 9.67  ? 97  HIS A CB  1 
ATOM   226 C CG  . HIS A 1 30 ? -2.230  5.732   -4.535  1.00 9.77  ? 97  HIS A CG  1 
ATOM   227 N ND1 . HIS A 1 30 ? -2.342  4.391   -4.231  1.00 12.48 ? 97  HIS A ND1 1 
ATOM   228 C CD2 . HIS A 1 30 ? -1.008  5.886   -5.098  1.00 9.84  ? 97  HIS A CD2 1 
ATOM   229 C CE1 . HIS A 1 30 ? -1.251  3.759   -4.622  1.00 11.63 ? 97  HIS A CE1 1 
ATOM   230 N NE2 . HIS A 1 30 ? -0.418  4.643   -5.142  1.00 12.58 ? 97  HIS A NE2 1 
ATOM   231 N N   . GLN A 1 31 ? -1.840  8.739   -2.014  1.00 9.82  ? 98  GLN A N   1 
ATOM   232 C CA  . GLN A 1 31 ? -0.662  9.199   -1.282  1.00 10.89 ? 98  GLN A CA  1 
ATOM   233 C C   . GLN A 1 31 ? -0.704  8.716   0.159   1.00 13.20 ? 98  GLN A C   1 
ATOM   234 O O   . GLN A 1 31 ? 0.308   8.246   0.700   1.00 13.05 ? 98  GLN A O   1 
ATOM   235 C CB  . GLN A 1 31 ? -0.577  10.729  -1.347  1.00 13.35 ? 98  GLN A CB  1 
ATOM   236 C CG  . GLN A 1 31 ? 0.331   11.346  -0.288  1.00 18.75 ? 98  GLN A CG  1 
ATOM   237 C CD  . GLN A 1 31 ? 1.782   11.049  -0.556  1.00 17.10 ? 98  GLN A CD  1 
ATOM   238 O OE1 . GLN A 1 31 ? 2.146   10.648  -1.660  1.00 21.48 ? 98  GLN A OE1 1 
ATOM   239 N NE2 . GLN A 1 31 ? 2.629   11.259  0.445   1.00 18.97 ? 98  GLN A NE2 1 
ATOM   240 N N   . ASP A 1 32 ? -1.876  8.787   0.785   1.00 13.85 ? 99  ASP A N   1 
ATOM   241 C CA  . ASP A 1 32 ? -2.011  8.292   2.153   1.00 15.36 ? 99  ASP A CA  1 
ATOM   242 C C   . ASP A 1 32 ? -1.804  6.782   2.222   1.00 12.05 ? 99  ASP A C   1 
ATOM   243 O O   . ASP A 1 32 ? -1.163  6.272   3.150   1.00 13.63 ? 99  ASP A O   1 
ATOM   244 C CB  . ASP A 1 32 ? -3.385  8.685   2.697   1.00 15.77 ? 99  ASP A CB  1 
ATOM   245 C CG  . ASP A 1 32 ? -3.508  8.445   4.181   1.00 22.17 ? 99  ASP A CG  1 
ATOM   246 O OD1 . ASP A 1 32 ? -2.712  9.032   4.939   1.00 26.70 ? 99  ASP A OD1 1 
ATOM   247 O OD2 . ASP A 1 32 ? -4.394  7.661   4.583   1.00 37.14 ? 99  ASP A OD2 1 
ATOM   248 N N   . ALA A 1 33 ? -2.319  6.041   1.239   1.00 10.91 ? 100 ALA A N   1 
ATOM   249 C CA  . ALA A 1 33 ? -2.148  4.595   1.241   1.00 13.68 ? 100 ALA A CA  1 
ATOM   250 C C   . ALA A 1 33 ? -0.679  4.221   1.102   1.00 10.48 ? 100 ALA A C   1 
ATOM   251 O O   . ALA A 1 33 ? -0.194  3.305   1.783   1.00 12.12 ? 100 ALA A O   1 
ATOM   252 C CB  . ALA A 1 33 ? -2.981  3.979   0.114   1.00 16.16 ? 100 ALA A CB  1 
ATOM   253 N N   . LEU A 1 34 ? 0.052   4.932   0.235   1.00 12.82 ? 101 LEU A N   1 
ATOM   254 C CA  . LEU A 1 34 ? 1.484   4.686   0.069   1.00 13.67 ? 101 LEU A CA  1 
ATOM   255 C C   . LEU A 1 34 ? 2.232   4.934   1.366   1.00 12.96 ? 101 LEU A C   1 
ATOM   256 O O   . LEU A 1 34 ? 3.124   4.169   1.739   1.00 13.24 ? 101 LEU A O   1 
ATOM   257 C CB  . LEU A 1 34 ? 2.062   5.599   -1.008  1.00 17.37 ? 101 LEU A CB  1 
ATOM   258 C CG  . LEU A 1 34 ? 1.731   5.265   -2.455  1.00 11.87 ? 101 LEU A CG  1 
ATOM   259 C CD1 . LEU A 1 34 ? 2.148   6.461   -3.308  1.00 15.29 ? 101 LEU A CD1 1 
ATOM   260 C CD2 . LEU A 1 34 ? 2.485   4.008   -2.876  1.00 14.54 ? 101 LEU A CD2 1 
ATOM   261 N N   . GLU A 1 35 ? 1.896   6.016   2.057   1.00 11.75 ? 102 GLU A N   1 
ATOM   262 C CA  . GLU A 1 35 ? 2.574   6.323   3.305   1.00 12.26 ? 102 GLU A CA  1 
ATOM   263 C C   . GLU A 1 35 ? 2.294   5.247   4.346   1.00 13.07 ? 102 GLU A C   1 
ATOM   264 O O   . GLU A 1 35 ? 3.196   4.824   5.076   1.00 12.83 ? 102 GLU A O   1 
ATOM   265 C CB  . GLU A 1 35 ? 2.125   7.693   3.802   1.00 16.45 ? 102 GLU A CB  1 
ATOM   266 C CG  . GLU A 1 35 ? 2.869   8.818   3.163   1.00 21.66 ? 102 GLU A CG  1 
ATOM   267 C CD  . GLU A 1 35 ? 4.302   8.836   3.608   1.00 23.35 ? 102 GLU A CD  1 
ATOM   268 O OE1 . GLU A 1 35 ? 5.187   8.866   2.731   1.00 27.80 ? 102 GLU A OE1 1 
ATOM   269 O OE2 . GLU A 1 35 ? 4.546   8.797   4.833   1.00 25.48 ? 102 GLU A OE2 1 
ATOM   270 N N   . LEU A 1 36 ? 1.045   4.795   4.430   1.00 14.33 ? 103 LEU A N   1 
ATOM   271 C CA  . LEU A 1 36 ? 0.692   3.772   5.409   1.00 14.00 ? 103 LEU A CA  1 
ATOM   272 C C   . LEU A 1 36 ? 1.432   2.466   5.138   1.00 16.27 ? 103 LEU A C   1 
ATOM   273 O O   . LEU A 1 36 ? 1.975   1.843   6.058   1.00 15.53 ? 103 LEU A O   1 
ATOM   274 C CB  . LEU A 1 36 ? -0.815  3.556   5.414   1.00 15.53 ? 103 LEU A CB  1 
ATOM   275 C CG  . LEU A 1 36 ? -1.549  4.796   5.942   1.00 25.59 ? 103 LEU A CG  1 
ATOM   276 C CD1 . LEU A 1 36 ? -3.064  4.659   5.804   1.00 32.84 ? 103 LEU A CD1 1 
ATOM   277 C CD2 . LEU A 1 36 ? -1.146  5.101   7.382   1.00 20.68 ? 103 LEU A CD2 1 
ATOM   278 N N   . ILE A 1 37 ? 1.488   2.041   3.881   1.00 11.99 ? 104 ILE A N   1 
ATOM   279 C CA  . ILE A 1 37 ? 2.146   0.768   3.601   1.00 11.75 ? 104 ILE A CA  1 
ATOM   280 C C   . ILE A 1 37 ? 3.655   0.864   3.848   1.00 11.72 ? 104 ILE A C   1 
ATOM   281 O O   . ILE A 1 37 ? 4.261   -0.084  4.363   1.00 14.83 ? 104 ILE A O   1 
ATOM   282 C CB  . ILE A 1 37 ? 1.804   0.283   2.177   1.00 12.73 ? 104 ILE A CB  1 
ATOM   283 C CG1 . ILE A 1 37 ? 1.998   -1.228  2.090   1.00 20.89 ? 104 ILE A CG1 1 
ATOM   284 C CG2 . ILE A 1 37 ? 2.633   0.988   1.124   1.00 17.41 ? 104 ILE A CG2 1 
ATOM   285 C CD1 . ILE A 1 37 ? 1.712   -1.811  0.723   1.00 21.91 ? 104 ILE A CD1 1 
ATOM   286 N N   . MET A 1 38 ? 4.278   2.011   3.530   1.00 14.29 ? 105 MET A N   1 
ATOM   287 C CA  . MET A 1 38 ? 5.705   2.181   3.801   1.00 13.33 ? 105 MET A CA  1 
ATOM   288 C C   . MET A 1 38 ? 5.973   2.195   5.300   1.00 17.09 ? 105 MET A C   1 
ATOM   289 O O   . MET A 1 38 ? 6.974   1.625   5.765   1.00 16.58 ? 105 MET A O   1 
ATOM   290 C CB  . MET A 1 38 ? 6.238   3.456   3.136   1.00 16.42 ? 105 MET A CB  1 
ATOM   291 C CG  . MET A 1 38 ? 7.720   3.695   3.417   1.00 18.91 ? 105 MET A CG  1 
ATOM   292 S SD  . MET A 1 38 ? 8.811   2.340   2.881   1.00 22.73 ? 105 MET A SD  1 
ATOM   293 C CE  . MET A 1 38 ? 9.192   2.877   1.218   1.00 28.26 ? 105 MET A CE  1 
ATOM   294 N N   A SER A 1 39 ? 5.099   2.834   6.079   0.47 15.59 ? 106 SER A N   1 
ATOM   295 N N   B SER A 1 39 ? 5.099   2.855   6.065   0.53 15.39 ? 106 SER A N   1 
ATOM   296 C CA  A SER A 1 39 ? 5.301   2.855   7.524   0.47 13.64 ? 106 SER A CA  1 
ATOM   297 C CA  B SER A 1 39 ? 5.232   2.879   7.520   0.53 13.32 ? 106 SER A CA  1 
ATOM   298 C C   A SER A 1 39 ? 5.153   1.461   8.119   0.47 13.99 ? 106 SER A C   1 
ATOM   299 C C   B SER A 1 39 ? 5.152   1.472   8.097   0.53 13.70 ? 106 SER A C   1 
ATOM   300 O O   A SER A 1 39 ? 5.920   1.072   9.011   0.47 16.10 ? 106 SER A O   1 
ATOM   301 O O   B SER A 1 39 ? 5.959   1.088   8.957   0.53 16.79 ? 106 SER A O   1 
ATOM   302 C CB  A SER A 1 39 ? 4.328   3.833   8.176   0.47 16.26 ? 106 SER A CB  1 
ATOM   303 C CB  B SER A 1 39 ? 4.146   3.773   8.120   0.53 17.10 ? 106 SER A CB  1 
ATOM   304 O OG  A SER A 1 39 ? 4.533   5.137   7.665   0.47 23.13 ? 106 SER A OG  1 
ATOM   305 O OG  B SER A 1 39 ? 4.269   3.859   9.524   0.53 19.14 ? 106 SER A OG  1 
ATOM   306 N N   . LYS A 1 40 ? 4.189   0.678   7.626   1.00 12.98 ? 107 LYS A N   1 
ATOM   307 C CA  . LYS A 1 40 ? 4.066   -0.697  8.101   1.00 13.31 ? 107 LYS A CA  1 
ATOM   308 C C   . LYS A 1 40 ? 5.266   -1.537  7.672   1.00 15.30 ? 107 LYS A C   1 
ATOM   309 O O   . LYS A 1 40 ? 5.735   -2.401  8.431   1.00 16.90 ? 107 LYS A O   1 
ATOM   310 C CB  . LYS A 1 40 ? 2.769   -1.321  7.586   1.00 17.96 ? 107 LYS A CB  1 
ATOM   311 C CG  . LYS A 1 40 ? 1.502   -0.650  8.116   1.00 22.86 ? 107 LYS A CG  1 
ATOM   312 C CD  . LYS A 1 40 ? 0.275   -1.518  7.851   1.00 32.58 ? 107 LYS A CD  1 
ATOM   313 C CE  . LYS A 1 40 ? -0.848  -0.723  7.210   1.00 43.86 ? 107 LYS A CE  1 
ATOM   314 N NZ  . LYS A 1 40 ? -2.170  -1.353  7.483   1.00 50.05 ? 107 LYS A NZ  1 
ATOM   315 N N   . TYR A 1 41 ? 5.766   -1.309  6.484   1.00 19.41 ? 108 TYR A N   1 
ATOM   316 C CA  . TYR A 1 41 ? 6.902   -2.091  5.934   1.00 15.57 ? 108 TYR A CA  1 
ATOM   317 C C   . TYR A 1 41 ? 8.143   -1.815  6.785   1.00 14.67 ? 108 TYR A C   1 
ATOM   318 O O   . TYR A 1 41 ? 8.786   -2.739  7.153   1.00 15.75 ? 108 TYR A O   1 
ATOM   319 C CB  . TYR A 1 41 ? 7.134   -1.735  4.461   1.00 16.22 ? 108 TYR A CB  1 
ATOM   320 C CG  . TYR A 1 41 ? 8.153   -2.579  3.737   1.00 17.63 ? 108 TYR A CG  1 
ATOM   321 C CD1 . TYR A 1 41 ? 7.807   -3.791  3.181   1.00 16.78 ? 108 TYR A CD1 1 
ATOM   322 C CD2 . TYR A 1 41 ? 9.454   -2.160  3.572   1.00 23.39 ? 108 TYR A CD2 1 
ATOM   323 C CE1 . TYR A 1 41 ? 8.722   -4.553  2.493   1.00 19.02 ? 108 TYR A CE1 1 
ATOM   324 C CE2 . TYR A 1 41 ? 10.392  -2.897  2.878   1.00 22.43 ? 108 TYR A CE2 1 
ATOM   325 C CZ  . TYR A 1 41 ? 10.016  -4.107  2.336   1.00 23.04 ? 108 TYR A CZ  1 
ATOM   326 O OH  . TYR A 1 41 ? 10.879  -4.869  1.638   1.00 24.52 ? 108 TYR A OH  1 
ATOM   327 N N   . ARG A 1 42 ? 8.385   -0.553  7.109   1.00 16.30 ? 109 ARG A N   1 
ATOM   328 C CA  . ARG A 1 42 ? 9.559   -0.206  7.905   1.00 14.85 ? 109 ARG A CA  1 
ATOM   329 C C   . ARG A 1 42 ? 9.388   -0.616  9.362   1.00 14.60 ? 109 ARG A C   1 
ATOM   330 O O   . ARG A 1 42 ? 10.373  -0.948  10.035  1.00 17.42 ? 109 ARG A O   1 
ATOM   331 C CB  . ARG A 1 42 ? 9.826   1.297   7.779   1.00 15.20 ? 109 ARG A CB  1 
ATOM   332 C CG  . ARG A 1 42 ? 10.269  1.728   6.369   1.00 17.52 ? 109 ARG A CG  1 
ATOM   333 C CD  . ARG A 1 42 ? 10.269  3.241   6.263   1.00 32.24 ? 109 ARG A CD  1 
ATOM   334 N NE  . ARG A 1 42 ? 10.864  3.792   5.048   1.00 43.49 ? 109 ARG A NE  1 
ATOM   335 C CZ  . ARG A 1 42 ? 10.739  5.064   4.676   1.00 45.03 ? 109 ARG A CZ  1 
ATOM   336 N NH1 . ARG A 1 42 ? 10.052  5.910   5.430   1.00 47.30 ? 109 ARG A NH1 1 
ATOM   337 N NH2 . ARG A 1 42 ? 11.305  5.495   3.557   1.00 40.23 ? 109 ARG A NH2 1 
ATOM   338 N N   . LYS A 1 43 ? 8.158   -0.589  9.883   1.00 18.31 ? 110 LYS A N   1 
ATOM   339 C CA  . LYS A 1 43 ? 7.946   -1.064  11.247  1.00 17.06 ? 110 LYS A CA  1 
ATOM   340 C C   . LYS A 1 43 ? 8.212   -2.562  11.361  1.00 16.19 ? 110 LYS A C   1 
ATOM   341 O O   . LYS A 1 43 ? 8.711   -3.025  12.391  1.00 17.98 ? 110 LYS A O   1 
ATOM   342 C CB  . LYS A 1 43 ? 6.518   -0.742  11.707  1.00 19.24 ? 110 LYS A CB  1 
ATOM   343 C CG  . LYS A 1 43 ? 6.314   0.705   12.167  1.00 30.97 ? 110 LYS A CG  1 
ATOM   344 C CD  . LYS A 1 43 ? 4.839   1.034   12.359  1.00 35.43 ? 110 LYS A CD  1 
ATOM   345 C CE  . LYS A 1 43 ? 4.646   2.288   13.203  1.00 39.48 ? 110 LYS A CE  1 
ATOM   346 N NZ  . LYS A 1 43 ? 4.925   2.044   14.647  1.00 44.63 ? 110 LYS A NZ  1 
ATOM   347 N N   . GLN A 1 44 ? 7.904   -3.332  10.309  1.00 16.43 ? 111 GLN A N   1 
ATOM   348 C CA  . GLN A 1 44 ? 8.183   -4.769  10.341  1.00 15.81 ? 111 GLN A CA  1 
ATOM   349 C C   . GLN A 1 44 ? 9.679   -5.053  10.243  1.00 16.86 ? 111 GLN A C   1 
ATOM   350 O O   . GLN A 1 44 ? 10.192  -5.970  10.910  1.00 19.17 ? 111 GLN A O   1 
ATOM   351 C CB  . GLN A 1 44 ? 7.411   -5.464  9.212   1.00 17.16 ? 111 GLN A CB  1 
ATOM   352 C CG  . GLN A 1 44 ? 7.746   -6.917  8.970   1.00 20.54 ? 111 GLN A CG  1 
ATOM   353 C CD  . GLN A 1 44 ? 7.553   -7.778  10.205  1.00 26.23 ? 111 GLN A CD  1 
ATOM   354 O OE1 . GLN A 1 44 ? 6.827   -7.406  11.127  1.00 25.90 ? 111 GLN A OE1 1 
ATOM   355 N NE2 . GLN A 1 44 ? 8.194   -8.938  10.225  1.00 25.70 ? 111 GLN A NE2 1 
ATOM   356 N N   . MET A 1 45 ? 10.402  -4.299  9.405   1.00 20.49 ? 112 MET A N   1 
ATOM   357 C CA  . MET A 1 45 ? 11.851  -4.468  9.349   1.00 19.70 ? 112 MET A CA  1 
ATOM   358 C C   . MET A 1 45 ? 12.475  -4.218  10.718  1.00 20.26 ? 112 MET A C   1 
ATOM   359 O O   . MET A 1 45 ? 13.414  -4.918  11.121  1.00 24.59 ? 112 MET A O   1 
ATOM   360 C CB  . MET A 1 45 ? 12.468  -3.544  8.294   1.00 24.26 ? 112 MET A CB  1 
ATOM   361 C CG  . MET A 1 45 ? 12.521  -4.136  6.874   1.00 30.90 ? 112 MET A CG  1 
ATOM   362 S SD  . MET A 1 45 ? 13.046  -2.937  5.614   1.00 31.94 ? 112 MET A SD  1 
ATOM   363 C CE  . MET A 1 45 ? 14.800  -3.324  5.554   1.00 23.87 ? 112 MET A CE  1 
ATOM   364 N N   . LEU A 1 46 ? 11.944  -3.245  11.464  1.00 20.37 ? 113 LEU A N   1 
ATOM   365 C CA  . LEU A 1 46 ? 12.461  -2.992  12.805  1.00 19.12 ? 113 LEU A CA  1 
ATOM   366 C C   . LEU A 1 46 ? 12.077  -4.112  13.770  1.00 19.86 ? 113 LEU A C   1 
ATOM   367 O O   . LEU A 1 46 ? 12.896  -4.534  14.589  1.00 16.95 ? 113 LEU A O   1 
ATOM   368 C CB  . LEU A 1 46 ? 11.969  -1.636  13.315  1.00 16.91 ? 113 LEU A CB  1 
ATOM   369 C CG  . LEU A 1 46 ? 12.453  -1.271  14.723  1.00 17.81 ? 113 LEU A CG  1 
ATOM   370 C CD1 . LEU A 1 46 ? 13.993  -1.173  14.777  1.00 19.63 ? 113 LEU A CD1 1 
ATOM   371 C CD2 . LEU A 1 46 ? 11.788  0.025   15.185  1.00 21.62 ? 113 LEU A CD2 1 
ATOM   372 N N   . GLN A 1 47 ? 10.843  -4.621  13.683  1.00 22.09 ? 114 GLN A N   1 
ATOM   373 C CA  . GLN A 1 47 ? 10.454  -5.712  14.569  1.00 25.90 ? 114 GLN A CA  1 
ATOM   374 C C   . GLN A 1 47 ? 11.317  -6.946  14.331  1.00 22.80 ? 114 GLN A C   1 
ATOM   375 O O   . GLN A 1 47 ? 11.688  -7.645  15.283  1.00 22.51 ? 114 GLN A O   1 
ATOM   376 C CB  . GLN A 1 47 ? 8.968   -6.031  14.397  1.00 24.03 ? 114 GLN A CB  1 
ATOM   377 C CG  . GLN A 1 47 ? 8.062   -5.079  15.178  1.00 35.72 ? 114 GLN A CG  1 
ATOM   378 C CD  . GLN A 1 47 ? 6.583   -5.266  14.873  1.00 52.17 ? 114 GLN A CD  1 
ATOM   379 O OE1 . GLN A 1 47 ? 6.185   -5.389  13.715  1.00 59.68 ? 114 GLN A OE1 1 
ATOM   380 N NE2 . GLN A 1 47 ? 5.763   -5.284  15.918  1.00 56.61 ? 114 GLN A NE2 1 
ATOM   381 N N   . LEU A 1 48 ? 11.679  -7.210  13.072  1.00 18.52 ? 115 LEU A N   1 
ATOM   382 C CA  . LEU A 1 48 ? 12.592  -8.316  12.785  1.00 19.12 ? 115 LEU A CA  1 
ATOM   383 C C   . LEU A 1 48 ? 13.955  -8.077  13.420  1.00 24.13 ? 115 LEU A C   1 
ATOM   384 O O   . LEU A 1 48 ? 14.548  -8.992  14.011  1.00 24.10 ? 115 LEU A O   1 
ATOM   385 C CB  . LEU A 1 48 ? 12.748  -8.501  11.275  1.00 23.14 ? 115 LEU A CB  1 
ATOM   386 C CG  . LEU A 1 48 ? 11.565  -9.037  10.468  1.00 25.04 ? 115 LEU A CG  1 
ATOM   387 C CD1 . LEU A 1 48 ? 11.706  -8.674  8.987   1.00 27.39 ? 115 LEU A CD1 1 
ATOM   388 C CD2 . LEU A 1 48 ? 11.421  -10.537 10.646  1.00 26.33 ? 115 LEU A CD2 1 
ATOM   389 N N   . MET A 1 49 ? 14.475  -6.853  13.294  1.00 21.00 ? 116 MET A N   1 
ATOM   390 C CA  . MET A 1 49 ? 15.763  -6.530  13.891  1.00 21.50 ? 116 MET A CA  1 
ATOM   391 C C   . MET A 1 49 ? 15.721  -6.665  15.408  1.00 21.10 ? 116 MET A C   1 
ATOM   392 O O   . MET A 1 49 ? 16.656  -7.199  16.018  1.00 22.48 ? 116 MET A O   1 
ATOM   393 C CB  . MET A 1 49 ? 16.188  -5.119  13.491  1.00 26.64 ? 116 MET A CB  1 
ATOM   394 C CG  . MET A 1 49 ? 16.626  -4.990  12.044  1.00 29.80 ? 116 MET A CG  1 
ATOM   395 S SD  . MET A 1 49 ? 17.601  -3.494  11.796  1.00 41.80 ? 116 MET A SD  1 
ATOM   396 C CE  . MET A 1 49 ? 16.414  -2.249  12.270  1.00 37.42 ? 116 MET A CE  1 
ATOM   397 N N   . VAL A 1 50 ? 14.633  -6.205  16.032  1.00 26.31 ? 117 VAL A N   1 
ATOM   398 C CA  . VAL A 1 50 ? 14.515  -6.276  17.487  1.00 21.19 ? 117 VAL A CA  1 
ATOM   399 C C   . VAL A 1 50 ? 14.473  -7.731  17.953  1.00 23.13 ? 117 VAL A C   1 
ATOM   400 O O   . VAL A 1 50 ? 15.115  -8.099  18.945  1.00 26.10 ? 117 VAL A O   1 
ATOM   401 C CB  . VAL A 1 50 ? 13.279  -5.482  17.955  1.00 24.30 ? 117 VAL A CB  1 
ATOM   402 C CG1 . VAL A 1 50 ? 12.967  -5.771  19.425  1.00 26.08 ? 117 VAL A CG1 1 
ATOM   403 C CG2 . VAL A 1 50 ? 13.497  -3.982  17.731  1.00 25.72 ? 117 VAL A CG2 1 
ATOM   404 N N   . ALA A 1 51 ? 13.726  -8.581  17.242  1.00 26.70 ? 118 ALA A N   1 
ATOM   405 C CA  . ALA A 1 51 ? 13.646  -9.991  17.604  1.00 31.59 ? 118 ALA A CA  1 
ATOM   406 C C   . ALA A 1 51 ? 14.975  -10.701 17.393  1.00 36.75 ? 118 ALA A C   1 
ATOM   407 O O   . ALA A 1 51 ? 15.249  -11.707 18.056  1.00 39.05 ? 118 ALA A O   1 
ATOM   408 C CB  . ALA A 1 51 ? 12.540  -10.673 16.797  1.00 33.57 ? 118 ALA A CB  1 
ATOM   409 N N   . LYS A 1 52 ? 15.804  -10.203 16.481  1.00 37.22 ? 119 LYS A N   1 
ATOM   410 C CA  . LYS A 1 52 ? 17.114  -10.788 16.240  1.00 37.48 ? 119 LYS A CA  1 
ATOM   411 C C   . LYS A 1 52 ? 18.067  -10.444 17.381  1.00 44.35 ? 119 LYS A C   1 
ATOM   412 O O   . LYS A 1 52 ? 17.950  -10.979 18.486  1.00 50.94 ? 119 LYS A O   1 
ATOM   413 C CB  . LYS A 1 52 ? 17.683  -10.300 14.906  1.00 37.68 ? 119 LYS A CB  1 
ATOM   414 N N   . GLY B 1 4  ? 21.988  -36.171 18.388  1.00 44.02 ? 71  GLY B N   1 
ATOM   415 C CA  . GLY B 1 4  ? 22.373  -35.016 19.178  1.00 42.41 ? 71  GLY B CA  1 
ATOM   416 C C   . GLY B 1 4  ? 21.690  -33.729 18.750  1.00 40.19 ? 71  GLY B C   1 
ATOM   417 O O   . GLY B 1 4  ? 22.344  -32.772 18.328  1.00 45.41 ? 71  GLY B O   1 
ATOM   418 N N   . LEU B 1 5  ? 20.371  -33.720 18.865  1.00 42.67 ? 72  LEU B N   1 
ATOM   419 C CA  . LEU B 1 5  ? 19.568  -32.547 18.441  1.00 42.25 ? 72  LEU B CA  1 
ATOM   420 C C   . LEU B 1 5  ? 19.789  -31.313 19.318  1.00 38.96 ? 72  LEU B C   1 
ATOM   421 O O   . LEU B 1 5  ? 19.412  -30.228 18.921  1.00 31.53 ? 72  LEU B O   1 
ATOM   422 C CB  . LEU B 1 5  ? 18.134  -33.018 18.276  1.00 53.36 ? 72  LEU B CB  1 
ATOM   423 C CG  . LEU B 1 5  ? 18.036  -33.943 17.064  1.00 58.77 ? 72  LEU B CG  1 
ATOM   424 C CD1 . LEU B 1 5  ? 16.617  -34.170 16.631  1.00 63.14 ? 72  LEU B CD1 1 
ATOM   425 C CD2 . LEU B 1 5  ? 18.908  -33.422 15.927  1.00 62.80 ? 72  LEU B CD2 1 
ATOM   426 N N   . LEU B 1 6  ? 20.356  -31.469 20.491  1.00 42.35 ? 73  LEU B N   1 
ATOM   427 C CA  . LEU B 1 6  ? 20.723  -30.329 21.320  1.00 32.95 ? 73  LEU B CA  1 
ATOM   428 C C   . LEU B 1 6  ? 22.136  -29.836 21.036  1.00 38.42 ? 73  LEU B C   1 
ATOM   429 O O   . LEU B 1 6  ? 22.644  -28.985 21.775  1.00 41.46 ? 73  LEU B O   1 
ATOM   430 C CB  . LEU B 1 6  ? 20.584  -30.684 22.805  1.00 37.89 ? 73  LEU B CB  1 
ATOM   431 C CG  . LEU B 1 6  ? 19.160  -30.947 23.289  1.00 33.05 ? 73  LEU B CG  1 
ATOM   432 C CD1 . LEU B 1 6  ? 19.166  -31.214 24.786  1.00 34.73 ? 73  LEU B CD1 1 
ATOM   433 C CD2 . LEU B 1 6  ? 18.255  -29.771 22.935  1.00 39.18 ? 73  LEU B CD2 1 
ATOM   434 N N   . SER B 1 7  ? 22.779  -30.346 19.987  1.00 40.01 ? 74  SER B N   1 
ATOM   435 C CA  . SER B 1 7  ? 24.072  -29.820 19.578  1.00 37.75 ? 74  SER B CA  1 
ATOM   436 C C   . SER B 1 7  ? 23.948  -28.332 19.266  1.00 44.66 ? 74  SER B C   1 
ATOM   437 O O   . SER B 1 7  ? 22.868  -27.833 18.932  1.00 35.45 ? 74  SER B O   1 
ATOM   438 C CB  . SER B 1 7  ? 24.590  -30.571 18.349  1.00 42.88 ? 74  SER B CB  1 
ATOM   439 O OG  . SER B 1 7  ? 23.707  -30.424 17.246  1.00 43.18 ? 74  SER B OG  1 
ATOM   440 N N   . GLN B 1 8  ? 25.065  -27.614 19.403  1.00 43.09 ? 75  GLN B N   1 
ATOM   441 C CA  . GLN B 1 8  ? 25.079  -26.211 19.000  1.00 48.31 ? 75  GLN B CA  1 
ATOM   442 C C   . GLN B 1 8  ? 24.657  -26.081 17.543  1.00 43.13 ? 75  GLN B C   1 
ATOM   443 O O   . GLN B 1 8  ? 23.812  -25.246 17.194  1.00 38.68 ? 75  GLN B O   1 
ATOM   444 C CB  . GLN B 1 8  ? 26.470  -25.616 19.227  1.00 39.43 ? 75  GLN B CB  1 
ATOM   445 N N   . GLU B 1 9  ? 25.060  -27.056 16.750  1.00 48.12 ? 76  GLU B N   1 
ATOM   446 C CA  . GLU B 1 9  ? 24.752  -27.052 15.296  1.00 55.69 ? 76  GLU B CA  1 
ATOM   447 C C   . GLU B 1 9  ? 23.246  -27.092 15.058  1.00 45.46 ? 76  GLU B C   1 
ATOM   448 O O   . GLU B 1 9  ? 22.768  -26.157 14.415  1.00 33.94 ? 76  GLU B O   1 
ATOM   449 C CB  . GLU B 1 9  ? 25.498  -28.135 14.517  1.00 65.09 ? 76  GLU B CB  1 
ATOM   450 N N   . ASN B 1 10 ? 22.604  -28.149 15.525  1.00 38.31 ? 77  ASN B N   1 
ATOM   451 C CA  . ASN B 1 10 ? 21.149  -28.305 15.360  1.00 40.78 ? 77  ASN B CA  1 
ATOM   452 C C   . ASN B 1 10 ? 20.374  -27.163 16.061  1.00 38.51 ? 77  ASN B C   1 
ATOM   453 O O   . ASN B 1 10 ? 19.372  -26.791 15.505  1.00 34.35 ? 77  ASN B O   1 
ATOM   454 C CB  . ASN B 1 10 ? 20.768  -29.742 15.689  1.00 42.91 ? 77  ASN B CB  1 
ATOM   455 C CG  . ASN B 1 10 ? 21.230  -30.743 14.654  1.00 47.18 ? 77  ASN B CG  1 
ATOM   456 O OD1 . ASN B 1 10 ? 21.119  -30.532 13.466  1.00 47.12 ? 77  ASN B OD1 1 
ATOM   457 N ND2 . ASN B 1 10 ? 21.731  -31.871 15.097  1.00 53.25 ? 77  ASN B ND2 1 
ATOM   458 N N   . THR B 1 11 ? 20.805  -26.585 17.169  1.00 34.45 ? 78  THR B N   1 
ATOM   459 C CA  . THR B 1 11 ? 20.128  -25.489 17.854  1.00 38.55 ? 78  THR B CA  1 
ATOM   460 C C   . THR B 1 11 ? 20.173  -24.211 17.021  1.00 28.12 ? 78  THR B C   1 
ATOM   461 O O   . THR B 1 11 ? 19.151  -23.532 16.845  1.00 30.42 ? 78  THR B O   1 
ATOM   462 C CB  . THR B 1 11 ? 20.750  -25.260 19.234  1.00 48.68 ? 78  THR B CB  1 
ATOM   463 O OG1 . THR B 1 11 ? 20.431  -26.366 20.089  1.00 40.14 ? 78  THR B OG1 1 
ATOM   464 C CG2 . THR B 1 11 ? 20.202  -23.978 19.857  1.00 52.81 ? 78  THR B CG2 1 
ATOM   465 N N   . GLN B 1 12 ? 21.351  -23.867 16.490  1.00 37.18 ? 79  GLN B N   1 
ATOM   466 C CA  . GLN B 1 12 ? 21.472  -22.657 15.681  1.00 38.67 ? 79  GLN B CA  1 
ATOM   467 C C   . GLN B 1 12 ? 20.756  -22.812 14.345  1.00 30.08 ? 79  GLN B C   1 
ATOM   468 O O   . GLN B 1 12 ? 20.186  -21.844 13.821  1.00 31.65 ? 79  GLN B O   1 
ATOM   469 C CB  . GLN B 1 12 ? 22.946  -22.305 15.469  1.00 42.87 ? 79  GLN B CB  1 
ATOM   470 C CG  . GLN B 1 12 ? 23.212  -20.809 15.417  1.00 47.47 ? 79  GLN B CG  1 
ATOM   471 C CD  . GLN B 1 12 ? 24.569  -20.473 14.836  1.00 52.14 ? 79  GLN B CD  1 
ATOM   472 O OE1 . GLN B 1 12 ? 24.685  -20.126 13.664  1.00 53.92 ? 79  GLN B OE1 1 
ATOM   473 N NE2 . GLN B 1 12 ? 25.607  -20.571 15.656  1.00 56.39 ? 79  GLN B NE2 1 
ATOM   474 N N   . ILE B 1 13 ? 20.768  -24.027 13.785  1.00 24.64 ? 80  ILE B N   1 
ATOM   475 C CA  . ILE B 1 13 ? 19.949  -24.314 12.609  1.00 23.97 ? 80  ILE B CA  1 
ATOM   476 C C   . ILE B 1 13 ? 18.500  -23.907 12.860  1.00 23.21 ? 80  ILE B C   1 
ATOM   477 O O   . ILE B 1 13 ? 17.889  -23.196 12.053  1.00 24.47 ? 80  ILE B O   1 
ATOM   478 C CB  . ILE B 1 13 ? 20.062  -25.798 12.221  1.00 27.05 ? 80  ILE B CB  1 
ATOM   479 C CG1 . ILE B 1 13 ? 21.438  -26.078 11.612  1.00 32.87 ? 80  ILE B CG1 1 
ATOM   480 C CG2 . ILE B 1 13 ? 18.973  -26.167 11.242  1.00 29.81 ? 80  ILE B CG2 1 
ATOM   481 C CD1 . ILE B 1 13 ? 21.695  -27.551 11.294  1.00 36.24 ? 80  ILE B CD1 1 
ATOM   482 N N   . ARG B 1 14 ? 17.943  -24.320 14.001  1.00 24.77 ? 81  ARG B N   1 
ATOM   483 C CA  . ARG B 1 14 ? 16.533  -24.052 14.276  1.00 24.19 ? 81  ARG B CA  1 
ATOM   484 C C   . ARG B 1 14 ? 16.250  -22.559 14.399  1.00 23.92 ? 81  ARG B C   1 
ATOM   485 O O   . ARG B 1 14 ? 15.215  -22.074 13.920  1.00 21.15 ? 81  ARG B O   1 
ATOM   486 C CB  . ARG B 1 14 ? 16.117  -24.804 15.535  1.00 26.07 ? 81  ARG B CB  1 
ATOM   487 C CG  . ARG B 1 14 ? 16.065  -26.290 15.298  1.00 23.15 ? 81  ARG B CG  1 
ATOM   488 C CD  . ARG B 1 14 ? 15.370  -27.011 16.423  1.00 29.37 ? 81  ARG B CD  1 
ATOM   489 N NE  . ARG B 1 14 ? 16.107  -26.932 17.679  1.00 24.80 ? 81  ARG B NE  1 
ATOM   490 C CZ  . ARG B 1 14 ? 17.058  -27.785 18.044  1.00 29.02 ? 81  ARG B CZ  1 
ATOM   491 N NH1 . ARG B 1 14 ? 17.410  -28.778 17.238  1.00 30.59 ? 81  ARG B NH1 1 
ATOM   492 N NH2 . ARG B 1 14 ? 17.666  -27.636 19.212  1.00 29.96 ? 81  ARG B NH2 1 
ATOM   493 N N   . ASP B 1 15 ? 17.159  -21.805 15.016  1.00 22.63 ? 82  ASP B N   1 
ATOM   494 C CA  . ASP B 1 15 ? 16.948  -20.367 15.133  1.00 25.02 ? 82  ASP B CA  1 
ATOM   495 C C   . ASP B 1 15 ? 17.000  -19.681 13.772  1.00 25.19 ? 82  ASP B C   1 
ATOM   496 O O   . ASP B 1 15 ? 16.152  -18.836 13.468  1.00 25.67 ? 82  ASP B O   1 
ATOM   497 C CB  . ASP B 1 15 ? 17.960  -19.760 16.104  1.00 42.53 ? 82  ASP B CB  1 
ATOM   498 C CG  . ASP B 1 15 ? 17.459  -19.778 17.531  1.00 61.16 ? 82  ASP B CG  1 
ATOM   499 O OD1 . ASP B 1 15 ? 16.831  -20.783 17.927  1.00 68.91 ? 82  ASP B OD1 1 
ATOM   500 O OD2 . ASP B 1 15 ? 17.678  -18.786 18.254  1.00 68.74 ? 82  ASP B OD2 1 
ATOM   501 N N   . LEU B 1 16 ? 17.987  -20.037 12.937  1.00 21.70 ? 83  LEU B N   1 
ATOM   502 C CA  . LEU B 1 16 ? 18.092  -19.455 11.602  1.00 21.26 ? 83  LEU B CA  1 
ATOM   503 C C   . LEU B 1 16 ? 16.902  -19.835 10.731  1.00 17.36 ? 83  LEU B C   1 
ATOM   504 O O   . LEU B 1 16 ? 16.466  -19.045 9.883   1.00 18.46 ? 83  LEU B O   1 
ATOM   505 C CB  . LEU B 1 16 ? 19.392  -19.895 10.926  1.00 25.14 ? 83  LEU B CB  1 
ATOM   506 C CG  . LEU B 1 16 ? 20.677  -19.192 11.363  1.00 29.72 ? 83  LEU B CG  1 
ATOM   507 C CD1 . LEU B 1 16 ? 21.880  -20.082 11.091  1.00 29.75 ? 83  LEU B CD1 1 
ATOM   508 C CD2 . LEU B 1 16 ? 20.821  -17.859 10.663  1.00 33.10 ? 83  LEU B CD2 1 
ATOM   509 N N   . GLN B 1 17 ? 16.369  -21.043 10.926  1.00 20.35 ? 84  GLN B N   1 
ATOM   510 C CA  . GLN B 1 17 ? 15.177  -21.449 10.187  1.00 19.20 ? 84  GLN B CA  1 
ATOM   511 C C   . GLN B 1 17 ? 13.970  -20.618 10.597  1.00 16.08 ? 84  GLN B C   1 
ATOM   512 O O   . GLN B 1 17 ? 13.154  -20.238 9.749   1.00 16.96 ? 84  GLN B O   1 
ATOM   513 C CB  . GLN B 1 17 ? 14.903  -22.932 10.420  1.00 17.81 ? 84  GLN B CB  1 
ATOM   514 C CG  . GLN B 1 17 ? 15.890  -23.835 9.735   1.00 20.11 ? 84  GLN B CG  1 
ATOM   515 C CD  . GLN B 1 17 ? 15.771  -25.254 10.205  1.00 31.33 ? 84  GLN B CD  1 
ATOM   516 O OE1 . GLN B 1 17 ? 15.611  -25.510 11.401  1.00 27.68 ? 84  GLN B OE1 1 
ATOM   517 N NE2 . GLN B 1 17 ? 15.844  -26.192 9.270   1.00 37.52 ? 84  GLN B NE2 1 
ATOM   518 N N   . GLN B 1 18 ? 13.829  -20.343 11.896  1.00 16.94 ? 85  GLN B N   1 
ATOM   519 C CA  . GLN B 1 18 ? 12.734  -19.498 12.355  1.00 16.08 ? 85  GLN B CA  1 
ATOM   520 C C   . GLN B 1 18 ? 12.849  -18.091 11.781  1.00 15.19 ? 85  GLN B C   1 
ATOM   521 O O   . GLN B 1 18 ? 11.857  -17.511 11.316  1.00 15.19 ? 85  GLN B O   1 
ATOM   522 C CB  . GLN B 1 18 ? 12.711  -19.468 13.881  1.00 17.27 ? 85  GLN B CB  1 
ATOM   523 C CG  . GLN B 1 18 ? 11.504  -18.732 14.466  1.00 22.54 ? 85  GLN B CG  1 
ATOM   524 C CD  . GLN B 1 18 ? 10.223  -19.568 14.432  1.00 32.23 ? 85  GLN B CD  1 
ATOM   525 O OE1 . GLN B 1 18 ? 10.147  -20.591 13.741  1.00 28.62 ? 85  GLN B OE1 1 
ATOM   526 N NE2 . GLN B 1 18 ? 9.211   -19.133 15.186  1.00 27.27 ? 85  GLN B NE2 1 
ATOM   527 N N   . GLU B 1 19 ? 14.058  -17.523 11.789  1.00 19.73 ? 86  GLU B N   1 
ATOM   528 C CA  . GLU B 1 19 ? 14.239  -16.181 11.242  1.00 15.73 ? 86  GLU B CA  1 
ATOM   529 C C   . GLU B 1 19 ? 13.943  -16.153 9.756   1.00 18.27 ? 86  GLU B C   1 
ATOM   530 O O   . GLU B 1 19 ? 13.284  -15.234 9.259   1.00 16.31 ? 86  GLU B O   1 
ATOM   531 C CB  . GLU B 1 19 ? 15.661  -15.687 11.490  1.00 20.90 ? 86  GLU B CB  1 
ATOM   532 C CG  . GLU B 1 19 ? 16.072  -15.724 12.937  1.00 29.67 ? 86  GLU B CG  1 
ATOM   533 N N   . ASN B 1 20 ? 14.436  -17.137 9.067   1.00 16.95 ? 87  ASN B N   1 
ATOM   534 C CA  . ASN B 1 20 ? 14.216  -17.236 7.610   1.00 17.97 ? 87  ASN B CA  1 
ATOM   535 C C   . ASN B 1 20 ? 12.706  -17.370 7.313   1.00 15.31 ? 87  ASN B C   1 
ATOM   536 O O   . ASN B 1 20 ? 12.245  -16.760 6.366   1.00 14.79 ? 87  ASN B O   1 
ATOM   537 C CB  . ASN B 1 20 ? 15.200  -18.224 6.977   1.00 25.24 ? 87  ASN B CB  1 
ATOM   538 C CG  . ASN B 1 20 ? 16.684  -17.834 6.898   1.00 29.32 ? 87  ASN B CG  1 
ATOM   539 O OD1 . ASN B 1 20 ? 17.157  -16.739 7.082   0.5  21.54 ? 87  ASN B OD1 1 
ATOM   540 N ND2 . ASN B 1 20 ? 17.484  -18.800 6.581   1.00 24.69 ? 87  ASN B ND2 1 
ATOM   541 N N   . ARG B 1 21 ? 11.981  -18.168 8.054   1.00 15.39 ? 88  ARG B N   1 
ATOM   542 C CA  . ARG B 1 21 ? 10.533  -18.254 7.869   1.00 13.79 ? 88  ARG B CA  1 
ATOM   543 C C   . ARG B 1 21 ? 9.877   -16.903 8.103   1.00 12.51 ? 88  ARG B C   1 
ATOM   544 O O   . ARG B 1 21 ? 8.967   -16.509 7.362   1.00 13.08 ? 88  ARG B O   1 
ATOM   545 C CB  . ARG B 1 21 ? 9.926   -19.308 8.802   1.00 17.96 ? 88  ARG B CB  1 
ATOM   546 C CG  . ARG B 1 21 ? 10.149  -20.745 8.358   1.00 17.80 ? 88  ARG B CG  1 
ATOM   547 C CD  . ARG B 1 21 ? 9.300   -21.729 9.148   1.00 21.65 ? 88  ARG B CD  1 
ATOM   548 N NE  . ARG B 1 21 ? 9.685   -21.791 10.556  1.00 20.48 ? 88  ARG B NE  1 
ATOM   549 C CZ  . ARG B 1 21 ? 10.586  -22.628 11.052  1.00 25.98 ? 88  ARG B CZ  1 
ATOM   550 N NH1 . ARG B 1 21 ? 11.216  -23.486 10.259  1.00 28.23 ? 88  ARG B NH1 1 
ATOM   551 N NH2 . ARG B 1 21 ? 10.865  -22.598 12.344  1.00 27.70 ? 88  ARG B NH2 1 
ATOM   552 N N   . GLU B 1 22 ? 10.335  -16.160 9.114   1.00 15.05 ? 89  GLU B N   1 
ATOM   553 C CA  . GLU B 1 22 ? 9.745   -14.851 9.376   1.00 15.39 ? 89  GLU B CA  1 
ATOM   554 C C   . GLU B 1 22 ? 10.045  -13.872 8.242   1.00 16.35 ? 89  GLU B C   1 
ATOM   555 O O   . GLU B 1 22 ? 9.200   -13.028 7.900   1.00 14.65 ? 89  GLU B O   1 
ATOM   556 C CB  . GLU B 1 22 ? 10.262  -14.310 10.709  1.00 16.99 ? 89  GLU B CB  1 
ATOM   557 C CG  . GLU B 1 22 ? 9.309   -13.349 11.407  1.00 19.93 ? 89  GLU B CG  1 
ATOM   558 C CD  . GLU B 1 22 ? 8.081   -14.017 12.033  1.00 21.16 ? 89  GLU B CD  1 
ATOM   559 O OE1 . GLU B 1 22 ? 7.160   -13.286 12.440  1.00 28.69 ? 89  GLU B OE1 1 
ATOM   560 O OE2 . GLU B 1 22 ? 8.027   -15.260 12.163  1.00 22.76 ? 89  GLU B OE2 1 
ATOM   561 N N   . LEU B 1 23 ? 11.234  -13.975 7.630   1.00 13.39 ? 90  LEU B N   1 
ATOM   562 C CA  . LEU B 1 23 ? 11.560  -13.079 6.518   1.00 13.40 ? 90  LEU B CA  1 
ATOM   563 C C   . LEU B 1 23 ? 10.702  -13.382 5.294   1.00 13.97 ? 90  LEU B C   1 
ATOM   564 O O   . LEU B 1 23 ? 10.181  -12.460 4.645   1.00 14.28 ? 90  LEU B O   1 
ATOM   565 C CB  . LEU B 1 23 ? 13.048  -13.185 6.187   1.00 15.66 ? 90  LEU B CB  1 
ATOM   566 C CG  . LEU B 1 23 ? 13.997  -12.589 7.227   1.00 15.24 ? 90  LEU B CG  1 
ATOM   567 C CD1 . LEU B 1 23 ? 15.421  -13.139 7.052   1.00 17.96 ? 90  LEU B CD1 1 
ATOM   568 C CD2 . LEU B 1 23 ? 14.003  -11.082 7.111   1.00 21.86 ? 90  LEU B CD2 1 
ATOM   569 N N   . TRP B 1 24 ? 10.518  -14.665 4.982   1.00 14.07 ? 91  TRP B N   1 
ATOM   570 C CA  . TRP B 1 24 ? 9.617   -15.063 3.904   1.00 11.23 ? 91  TRP B CA  1 
ATOM   571 C C   . TRP B 1 24 ? 8.186   -14.592 4.152   1.00 16.84 ? 91  TRP B C   1 
ATOM   572 O O   . TRP B 1 24 ? 7.515   -14.132 3.219   1.00 14.89 ? 91  TRP B O   1 
ATOM   573 C CB  . TRP B 1 24 ? 9.667   -16.584 3.744   1.00 17.64 ? 91  TRP B CB  1 
ATOM   574 C CG  . TRP B 1 24 ? 10.797  -17.058 2.881   1.00 17.70 ? 91  TRP B CG  1 
ATOM   575 C CD1 . TRP B 1 24 ? 11.918  -17.718 3.285   1.00 22.41 ? 91  TRP B CD1 1 
ATOM   576 C CD2 . TRP B 1 24 ? 10.923  -16.885 1.459   1.00 20.61 ? 91  TRP B CD2 1 
ATOM   577 N NE1 . TRP B 1 24 ? 12.732  -17.980 2.204   1.00 23.77 ? 91  TRP B NE1 1 
ATOM   578 C CE2 . TRP B 1 24 ? 12.138  -17.483 1.076   1.00 24.83 ? 91  TRP B CE2 1 
ATOM   579 C CE3 . TRP B 1 24 ? 10.118  -16.293 0.473   1.00 25.33 ? 91  TRP B CE3 1 
ATOM   580 C CZ2 . TRP B 1 24 ? 12.578  -17.502 -0.246  1.00 33.73 ? 91  TRP B CZ2 1 
ATOM   581 C CZ3 . TRP B 1 24 ? 10.557  -16.320 -0.844  1.00 24.71 ? 91  TRP B CZ3 1 
ATOM   582 C CH2 . TRP B 1 24 ? 11.776  -16.919 -1.185  1.00 23.51 ? 91  TRP B CH2 1 
ATOM   583 N N   . ILE B 1 25 ? 7.693   -14.704 5.392   1.00 14.73 ? 92  ILE B N   1 
ATOM   584 C CA  . ILE B 1 25 ? 6.335   -14.244 5.697   1.00 13.19 ? 92  ILE B CA  1 
ATOM   585 C C   . ILE B 1 25 ? 6.243   -12.731 5.529   1.00 13.63 ? 92  ILE B C   1 
ATOM   586 O O   . ILE B 1 25 ? 5.247   -12.202 5.010   1.00 15.32 ? 92  ILE B O   1 
ATOM   587 C CB  . ILE B 1 25 ? 5.923   -14.681 7.117   1.00 16.06 ? 92  ILE B CB  1 
ATOM   588 C CG1 . ILE B 1 25 ? 5.746   -16.208 7.191   1.00 15.51 ? 92  ILE B CG1 1 
ATOM   589 C CG2 . ILE B 1 25 ? 4.652   -13.933 7.567   1.00 15.05 ? 92  ILE B CG2 1 
ATOM   590 C CD1 . ILE B 1 25 ? 5.514   -16.736 8.598   1.00 18.11 ? 92  ILE B CD1 1 
ATOM   591 N N   . SER B 1 26 ? 7.286   -12.012 5.956   1.00 14.63 ? 93  SER B N   1 
ATOM   592 C CA  . SER B 1 26 ? 7.313   -10.563 5.786   1.00 13.11 ? 93  SER B CA  1 
ATOM   593 C C   . SER B 1 26 ? 7.233   -10.180 4.317   1.00 17.46 ? 93  SER B C   1 
ATOM   594 O O   . SER B 1 26 ? 6.460   -9.294  3.935   1.00 17.31 ? 93  SER B O   1 
ATOM   595 C CB  . SER B 1 26 ? 8.585   -9.993  6.409   1.00 16.57 ? 93  SER B CB  1 
ATOM   596 O OG  . SER B 1 26 ? 8.641   -10.280 7.790   1.00 18.89 ? 93  SER B OG  1 
ATOM   597 N N   . LEU B 1 27 ? 7.992   -10.869 3.472   1.00 15.28 ? 94  LEU B N   1 
ATOM   598 C CA  . LEU B 1 27 ? 7.991   -10.545 2.053   1.00 14.96 ? 94  LEU B CA  1 
ATOM   599 C C   . LEU B 1 27 ? 6.619   -10.763 1.441   1.00 17.53 ? 94  LEU B C   1 
ATOM   600 O O   . LEU B 1 27 ? 6.142   -9.928  0.661   1.00 16.97 ? 94  LEU B O   1 
ATOM   601 C CB  . LEU B 1 27 ? 9.034   -11.383 1.328   1.00 16.07 ? 94  LEU B CB  1 
ATOM   602 C CG  . LEU B 1 27 ? 10.482  -10.911 1.474   1.00 20.48 ? 94  LEU B CG  1 
ATOM   603 C CD1 . LEU B 1 27 ? 11.425  -12.005 1.034   1.00 20.38 ? 94  LEU B CD1 1 
ATOM   604 C CD2 . LEU B 1 27 ? 10.744  -9.659  0.664   1.00 18.99 ? 94  LEU B CD2 1 
ATOM   605 N N   . GLU B 1 28 ? 5.961   -11.866 1.792   1.00 16.90 ? 95  GLU B N   1 
ATOM   606 C CA  . GLU B 1 28 ? 4.670   -12.162 1.182   1.00 16.66 ? 95  GLU B CA  1 
ATOM   607 C C   . GLU B 1 28 ? 3.563   -11.288 1.766   1.00 19.77 ? 95  GLU B C   1 
ATOM   608 O O   . GLU B 1 28 ? 2.673   -10.844 1.031   1.00 18.12 ? 95  GLU B O   1 
ATOM   609 C CB  . GLU B 1 28 ? 4.350   -13.653 1.328   1.00 21.22 ? 95  GLU B CB  1 
ATOM   610 C CG  . GLU B 1 28 ? 2.929   -14.072 0.884   1.00 17.01 ? 95  GLU B CG  1 
ATOM   611 C CD  . GLU B 1 28 ? 2.709   -14.060 -0.635  1.00 25.23 ? 95  GLU B CD  1 
ATOM   612 O OE1 . GLU B 1 28 ? 3.669   -13.864 -1.415  1.00 24.74 ? 95  GLU B OE1 1 
ATOM   613 O OE2 . GLU B 1 28 ? 1.550   -14.249 -1.046  1.00 21.74 ? 95  GLU B OE2 1 
ATOM   614 N N   . GLU B 1 29 ? 3.614   -10.979 3.066   1.00 17.09 ? 96  GLU B N   1 
ATOM   615 C CA  . GLU B 1 29 ? 2.604   -10.083 3.624   1.00 15.90 ? 96  GLU B CA  1 
ATOM   616 C C   . GLU B 1 29 ? 2.660   -8.713  2.960   1.00 16.51 ? 96  GLU B C   1 
ATOM   617 O O   . GLU B 1 29 ? 1.615   -8.123  2.646   1.00 16.93 ? 96  GLU B O   1 
ATOM   618 C CB  . GLU B 1 29 ? 2.779   -9.958  5.136   1.00 20.71 ? 96  GLU B CB  1 
ATOM   619 C CG  . GLU B 1 29 ? 2.129   -11.109 5.893   1.00 34.44 ? 96  GLU B CG  1 
ATOM   620 C CD  . GLU B 1 29 ? 0.743   -11.439 5.356   1.00 50.48 ? 96  GLU B CD  1 
ATOM   621 O OE1 . GLU B 1 29 ? 0.535   -12.583 4.890   1.00 51.82 ? 96  GLU B OE1 1 
ATOM   622 O OE2 . GLU B 1 29 ? -0.135  -10.550 5.397   1.00 53.03 ? 96  GLU B OE2 1 
ATOM   623 N N   . HIS B 1 30 ? 3.864   -8.196  2.718   1.00 17.33 ? 97  HIS B N   1 
ATOM   624 C CA  . HIS B 1 30 ? 3.949   -6.919  2.021   1.00 13.36 ? 97  HIS B CA  1 
ATOM   625 C C   . HIS B 1 30 ? 3.471   -7.045  0.583   1.00 17.80 ? 97  HIS B C   1 
ATOM   626 O O   . HIS B 1 30 ? 2.837   -6.123  0.051   1.00 17.68 ? 97  HIS B O   1 
ATOM   627 C CB  . HIS B 1 30 ? 5.358   -6.366  2.047   1.00 13.56 ? 97  HIS B CB  1 
ATOM   628 C CG  . HIS B 1 30 ? 5.474   -5.100  1.271   1.00 17.48 ? 97  HIS B CG  1 
ATOM   629 N ND1 . HIS B 1 30 ? 4.841   -3.939  1.665   1.00 16.59 ? 97  HIS B ND1 1 
ATOM   630 C CD2 . HIS B 1 30 ? 6.057   -4.832  0.082   1.00 19.69 ? 97  HIS B CD2 1 
ATOM   631 C CE1 . HIS B 1 30 ? 5.063   -2.999  0.764   1.00 17.73 ? 97  HIS B CE1 1 
ATOM   632 N NE2 . HIS B 1 30 ? 5.793   -3.515  -0.208  1.00 19.16 ? 97  HIS B NE2 1 
ATOM   633 N N   . GLN B 1 31 ? 3.769   -8.173  -0.063  1.00 16.90 ? 98  GLN B N   1 
ATOM   634 C CA  . GLN B 1 31 ? 3.227   -8.435  -1.392  1.00 20.53 ? 98  GLN B CA  1 
ATOM   635 C C   . GLN B 1 31 ? 1.711   -8.278  -1.394  1.00 18.50 ? 98  GLN B C   1 
ATOM   636 O O   . GLN B 1 31 ? 1.149   -7.553  -2.229  1.00 18.05 ? 98  GLN B O   1 
ATOM   637 C CB  . GLN B 1 31 ? 3.644   -9.836  -1.843  1.00 23.44 ? 98  GLN B CB  1 
ATOM   638 C CG  . GLN B 1 31 ? 3.489   -10.095 -3.323  1.00 36.27 ? 98  GLN B CG  1 
ATOM   639 C CD  . GLN B 1 31 ? 2.074   -10.477 -3.687  1.00 39.73 ? 98  GLN B CD  1 
ATOM   640 O OE1 . GLN B 1 31 ? 1.319   -10.970 -2.850  1.00 47.29 ? 98  GLN B OE1 1 
ATOM   641 N NE2 . GLN B 1 31 ? 1.704   -10.249 -4.936  1.00 30.27 ? 98  GLN B NE2 1 
ATOM   642 N N   . ASP B 1 32 ? 1.034   -8.933  -0.443  1.00 19.77 ? 99  ASP B N   1 
ATOM   643 C CA  . ASP B 1 32 ? -0.424  -8.863  -0.369  1.00 23.87 ? 99  ASP B CA  1 
ATOM   644 C C   . ASP B 1 32 ? -0.895  -7.436  -0.130  1.00 13.45 ? 99  ASP B C   1 
ATOM   645 O O   . ASP B 1 32 ? -1.921  -7.007  -0.679  1.00 17.21 ? 99  ASP B O   1 
ATOM   646 C CB  . ASP B 1 32 ? -0.941  -9.780  0.741   1.00 24.65 ? 99  ASP B CB  1 
ATOM   647 C CG  . ASP B 1 32 ? -0.782  -11.243 0.400   1.00 27.14 ? 99  ASP B CG  1 
ATOM   648 O OD1 . ASP B 1 32 ? -0.428  -11.536 -0.759  1.00 32.07 ? 99  ASP B OD1 1 
ATOM   649 O OD2 . ASP B 1 32 ? -1.002  -12.094 1.285   1.00 27.92 ? 99  ASP B OD2 1 
ATOM   650 N N   . ALA B 1 33 ? -0.140  -6.672  0.662   1.00 14.85 ? 100 ALA B N   1 
ATOM   651 C CA  . ALA B 1 33 ? -0.561  -5.318  0.998   1.00 14.67 ? 100 ALA B CA  1 
ATOM   652 C C   . ALA B 1 33 ? -0.413  -4.387  -0.193  1.00 17.17 ? 100 ALA B C   1 
ATOM   653 O O   . ALA B 1 33 ? -1.263  -3.518  -0.417  1.00 14.24 ? 100 ALA B O   1 
ATOM   654 C CB  . ALA B 1 33 ? 0.249   -4.793  2.182   1.00 15.62 ? 100 ALA B CB  1 
ATOM   655 N N   . LEU B 1 34 ? 0.657   -4.553  -0.967  1.00 15.25 ? 101 LEU B N   1 
ATOM   656 C CA  . LEU B 1 34 ? 0.854   -3.690  -2.128  1.00 17.58 ? 101 LEU B CA  1 
ATOM   657 C C   . LEU B 1 34 ? -0.121  -4.057  -3.237  1.00 13.77 ? 101 LEU B C   1 
ATOM   658 O O   . LEU B 1 34 ? -0.707  -3.173  -3.879  1.00 12.98 ? 101 LEU B O   1 
ATOM   659 C CB  . LEU B 1 34 ? 2.297   -3.778  -2.622  1.00 20.80 ? 101 LEU B CB  1 
ATOM   660 C CG  . LEU B 1 34 ? 2.628   -2.869  -3.804  1.00 20.98 ? 101 LEU B CG  1 
ATOM   661 C CD1 . LEU B 1 34 ? 2.453   -1.403  -3.415  1.00 23.52 ? 101 LEU B CD1 1 
ATOM   662 C CD2 . LEU B 1 34 ? 4.034   -3.146  -4.316  1.00 22.96 ? 101 LEU B CD2 1 
ATOM   663 N N   . GLU B 1 35 ? -0.347  -5.356  -3.429  1.00 15.41 ? 102 GLU B N   1 
ATOM   664 C CA  . GLU B 1 35 ? -1.332  -5.830  -4.388  1.00 11.55 ? 102 GLU B CA  1 
ATOM   665 C C   . GLU B 1 35 ? -2.708  -5.240  -4.106  1.00 13.41 ? 102 GLU B C   1 
ATOM   666 O O   . GLU B 1 35 ? -3.431  -4.851  -5.036  1.00 15.11 ? 102 GLU B O   1 
ATOM   667 C CB  . GLU B 1 35 ? -1.364  -7.362  -4.346  1.00 16.97 ? 102 GLU B CB  1 
ATOM   668 C CG  . GLU B 1 35 ? -2.313  -8.026  -5.332  1.00 24.09 ? 102 GLU B CG  1 
ATOM   669 C CD  . GLU B 1 35 ? -2.281  -9.539  -5.225  1.00 31.45 ? 102 GLU B CD  1 
ATOM   670 O OE1 . GLU B 1 35 ? -2.940  -10.103 -4.317  1.00 33.79 ? 102 GLU B OE1 1 
ATOM   671 O OE2 . GLU B 1 35 ? -1.574  -10.161 -6.040  1.00 35.06 ? 102 GLU B OE2 1 
ATOM   672 N N   . LEU B 1 36 ? -3.068  -5.110  -2.829  1.00 13.19 ? 103 LEU B N   1 
ATOM   673 C CA  . LEU B 1 36 ? -4.388  -4.594  -2.486  1.00 13.47 ? 103 LEU B CA  1 
ATOM   674 C C   . LEU B 1 36 ? -4.484  -3.092  -2.733  1.00 12.06 ? 103 LEU B C   1 
ATOM   675 O O   . LEU B 1 36 ? -5.508  -2.609  -3.227  1.00 12.78 ? 103 LEU B O   1 
ATOM   676 C CB  . LEU B 1 36 ? -4.718  -4.929  -1.032  1.00 16.85 ? 103 LEU B CB  1 
ATOM   677 C CG  . LEU B 1 36 ? -6.057  -4.437  -0.470  1.00 19.06 ? 103 LEU B CG  1 
ATOM   678 C CD1 . LEU B 1 36 ? -7.239  -4.916  -1.321  1.00 23.19 ? 103 LEU B CD1 1 
ATOM   679 C CD2 . LEU B 1 36 ? -6.227  -4.869  0.981   1.00 24.34 ? 103 LEU B CD2 1 
ATOM   680 N N   . ILE B 1 37 ? -3.435  -2.329  -2.420  1.00 11.80 ? 104 ILE B N   1 
ATOM   681 C CA  . ILE B 1 37 ? -3.538  -0.900  -2.685  1.00 9.13  ? 104 ILE B CA  1 
ATOM   682 C C   . ILE B 1 37 ? -3.454  -0.648  -4.193  1.00 11.61 ? 104 ILE B C   1 
ATOM   683 O O   . ILE B 1 37 ? -4.071  0.295   -4.708  1.00 12.54 ? 104 ILE B O   1 
ATOM   684 C CB  . ILE B 1 37 ? -2.497  -0.079  -1.886  1.00 17.12 ? 104 ILE B CB  1 
ATOM   685 C CG1 . ILE B 1 37 ? -1.074  -0.277  -2.408  1.00 16.68 ? 104 ILE B CG1 1 
ATOM   686 C CG2 . ILE B 1 37 ? -2.601  -0.359  -0.378  1.00 20.42 ? 104 ILE B CG2 1 
ATOM   687 C CD1 . ILE B 1 37 ? -0.153  0.901   -2.088  1.00 22.02 ? 104 ILE B CD1 1 
ATOM   688 N N   . MET B 1 38 ? -2.742  -1.501  -4.934  1.00 12.13 ? 105 MET B N   1 
ATOM   689 C CA  . MET B 1 38 ? -2.757  -1.391  -6.393  1.00 12.13 ? 105 MET B CA  1 
ATOM   690 C C   . MET B 1 38 ? -4.140  -1.718  -6.957  1.00 12.92 ? 105 MET B C   1 
ATOM   691 O O   . MET B 1 38 ? -4.612  -1.079  -7.919  1.00 13.18 ? 105 MET B O   1 
ATOM   692 C CB  . MET B 1 38 ? -1.695  -2.313  -6.990  1.00 11.67 ? 105 MET B CB  1 
ATOM   693 C CG  . MET B 1 38 ? -0.275  -1.892  -6.665  1.00 13.96 ? 105 MET B CG  1 
ATOM   694 S SD  . MET B 1 38 ? 0.904   -3.113  -7.305  1.00 21.23 ? 105 MET B SD  1 
ATOM   695 C CE  . MET B 1 38 ? 0.466   -3.040  -9.053  1.00 19.86 ? 105 MET B CE  1 
ATOM   696 N N   . SER B 1 39 ? -4.806  -2.722  -6.381  1.00 13.30 ? 106 SER B N   1 
ATOM   697 C CA  . SER B 1 39 ? -6.169  -3.033  -6.788  1.00 11.53 ? 106 SER B CA  1 
ATOM   698 C C   . SER B 1 39 ? -7.094  -1.837  -6.588  1.00 12.31 ? 106 SER B C   1 
ATOM   699 O O   . SER B 1 39 ? -7.838  -1.453  -7.500  1.00 13.03 ? 106 SER B O   1 
ATOM   700 C CB  . SER B 1 39 ? -6.655  -4.252  -6.001  1.00 13.75 ? 106 SER B CB  1 
ATOM   701 O OG  . SER B 1 39 ? -7.977  -4.579  -6.343  1.00 18.36 ? 106 SER B OG  1 
ATOM   702 N N   . LYS B 1 40 ? -7.044  -1.223  -5.401  1.00 11.91 ? 107 LYS B N   1 
ATOM   703 C CA  . LYS B 1 40 ? -7.895  -0.073  -5.117  1.00 11.43 ? 107 LYS B CA  1 
ATOM   704 C C   . LYS B 1 40 ? -7.577  1.086   -6.054  1.00 11.99 ? 107 LYS B C   1 
ATOM   705 O O   . LYS B 1 40 ? -8.482  1.760   -6.567  1.00 14.47 ? 107 LYS B O   1 
ATOM   706 C CB  . LYS B 1 40 ? -7.720  0.341   -3.652  1.00 12.99 ? 107 LYS B CB  1 
ATOM   707 C CG  . LYS B 1 40 ? -8.312  -0.659  -2.671  1.00 18.19 ? 107 LYS B CG  1 
ATOM   708 C CD  . LYS B 1 40 ? -7.972  -0.296  -1.234  1.00 26.87 ? 107 LYS B CD  1 
ATOM   709 C CE  . LYS B 1 40 ? -8.635  -1.252  -0.257  1.00 33.10 ? 107 LYS B CE  1 
ATOM   710 N NZ  . LYS B 1 40 ? -10.124 -1.191  -0.351  1.00 42.60 ? 107 LYS B NZ  1 
ATOM   711 N N   . TYR B 1 41 ? -6.290  1.302   -6.316  1.00 11.97 ? 108 TYR B N   1 
ATOM   712 C CA  . TYR B 1 41 ? -5.865  2.388   -7.193  1.00 11.20 ? 108 TYR B CA  1 
ATOM   713 C C   . TYR B 1 41 ? -6.386  2.182   -8.612  1.00 10.73 ? 108 TYR B C   1 
ATOM   714 O O   . TYR B 1 41 ? -6.978  3.093   -9.206  1.00 12.92 ? 108 TYR B O   1 
ATOM   715 C CB  . TYR B 1 41 ? -4.341  2.468   -7.164  1.00 12.63 ? 108 TYR B CB  1 
ATOM   716 C CG  . TYR B 1 41 ? -3.719  3.611   -7.921  1.00 11.06 ? 108 TYR B CG  1 
ATOM   717 C CD1 . TYR B 1 41 ? -3.614  4.876   -7.359  1.00 11.36 ? 108 TYR B CD1 1 
ATOM   718 C CD2 . TYR B 1 41 ? -3.228  3.424   -9.198  1.00 13.66 ? 108 TYR B CD2 1 
ATOM   719 C CE1 . TYR B 1 41 ? -3.018  5.919   -8.046  1.00 13.09 ? 108 TYR B CE1 1 
ATOM   720 C CE2 . TYR B 1 41 ? -2.638  4.461   -9.911  1.00 15.05 ? 108 TYR B CE2 1 
ATOM   721 C CZ  . TYR B 1 41 ? -2.533  5.709   -9.324  1.00 13.17 ? 108 TYR B CZ  1 
ATOM   722 O OH  . TYR B 1 41 ? -1.941  6.743   -10.007 1.00 13.40 ? 108 TYR B OH  1 
ATOM   723 N N   . ARG B 1 42 ? -6.166  0.981   -9.165  1.00 11.55 ? 109 ARG B N   1 
ATOM   724 C CA  . ARG B 1 42 ? -6.606  0.669   -10.521 1.00 11.98 ? 109 ARG B CA  1 
ATOM   725 C C   . ARG B 1 42 ? -8.123  0.767   -10.645 1.00 14.67 ? 109 ARG B C   1 
ATOM   726 O O   . ARG B 1 42 ? -8.651  1.285   -11.642 1.00 15.62 ? 109 ARG B O   1 
ATOM   727 C CB  . ARG B 1 42 ? -6.126  -0.736  -10.893 1.00 15.71 ? 109 ARG B CB  1 
ATOM   728 C CG  . ARG B 1 42 ? -6.321  -1.142  -12.337 1.00 18.05 ? 109 ARG B CG  1 
ATOM   729 C CD  . ARG B 1 42 ? -5.853  -2.601  -12.537 1.00 17.78 ? 109 ARG B CD  1 
ATOM   730 N NE  . ARG B 1 42 ? -6.635  -3.531  -11.716 1.00 19.12 ? 109 ARG B NE  1 
ATOM   731 C CZ  . ARG B 1 42 ? -6.180  -4.194  -10.656 1.00 20.35 ? 109 ARG B CZ  1 
ATOM   732 N NH1 . ARG B 1 42 ? -4.905  -4.105  -10.261 1.00 19.94 ? 109 ARG B NH1 1 
ATOM   733 N NH2 . ARG B 1 42 ? -7.012  -4.983  -9.989  1.00 22.06 ? 109 ARG B NH2 1 
ATOM   734 N N   . LYS B 1 43 ? -8.848  0.253   -9.648  1.00 15.10 ? 110 LYS B N   1 
ATOM   735 C CA  . LYS B 1 43 ? -10.305 0.281   -9.748  1.00 13.97 ? 110 LYS B CA  1 
ATOM   736 C C   . LYS B 1 43 ? -10.857 1.695   -9.618  1.00 13.79 ? 110 LYS B C   1 
ATOM   737 O O   . LYS B 1 43 ? -11.892 2.015   -10.223 1.00 14.85 ? 110 LYS B O   1 
ATOM   738 C CB  . LYS B 1 43 ? -10.914 -0.635  -8.692  1.00 16.39 ? 110 LYS B CB  1 
ATOM   739 C CG  . LYS B 1 43 ? -10.636 -2.118  -8.951  1.00 16.94 ? 110 LYS B CG  1 
ATOM   740 C CD  . LYS B 1 43 ? -11.213 -2.995  -7.853  1.00 17.92 ? 110 LYS B CD  1 
ATOM   741 C CE  . LYS B 1 43 ? -10.782 -4.449  -8.023  1.00 21.81 ? 110 LYS B CE  1 
ATOM   742 N NZ  . LYS B 1 43 ? -11.228 -4.932  -9.360  1.00 27.93 ? 110 LYS B NZ  1 
ATOM   743 N N   . GLN B 1 44 ? -10.177 2.560   -8.862  1.00 14.51 ? 111 GLN B N   1 
ATOM   744 C CA  . GLN B 1 44 ? -10.555 3.972   -8.850  1.00 13.10 ? 111 GLN B CA  1 
ATOM   745 C C   . GLN B 1 44 ? -10.372 4.609   -10.221 1.00 13.29 ? 111 GLN B C   1 
ATOM   746 O O   . GLN B 1 44 ? -11.214 5.410   -10.655 1.00 15.99 ? 111 GLN B O   1 
ATOM   747 C CB  . GLN B 1 44 ? -9.733  4.719   -7.801  1.00 12.93 ? 111 GLN B CB  1 
ATOM   748 C CG  . GLN B 1 44 ? -10.018 6.225   -7.666  1.00 13.82 ? 111 GLN B CG  1 
ATOM   749 C CD  . GLN B 1 44 ? -11.481 6.593   -7.532  1.00 19.16 ? 111 GLN B CD  1 
ATOM   750 O OE1 . GLN B 1 44 ? -12.311 5.785   -7.125  1.00 20.33 ? 111 GLN B OE1 1 
ATOM   751 N NE2 . GLN B 1 44 ? -11.785 7.855   -7.799  1.00 18.57 ? 111 GLN B NE2 1 
ATOM   752 N N   . MET B 1 45 ? -9.261  4.298   -10.899 1.00 14.37 ? 112 MET B N   1 
ATOM   753 C CA  . MET B 1 45 ? -9.036  4.839   -12.239 1.00 15.32 ? 112 MET B CA  1 
ATOM   754 C C   . MET B 1 45 ? -10.104 4.348   -13.210 1.00 14.46 ? 112 MET B C   1 
ATOM   755 O O   . MET B 1 45 ? -10.638 5.125   -14.018 1.00 16.69 ? 112 MET B O   1 
ATOM   756 C CB  . MET B 1 45 ? -7.641  4.457   -12.732 1.00 18.37 ? 112 MET B CB  1 
ATOM   757 C CG  . MET B 1 45 ? -6.516  5.275   -12.088 1.00 17.24 ? 112 MET B CG  1 
ATOM   758 S SD  . MET B 1 45 ? -4.873  4.838   -12.692 1.00 24.41 ? 112 MET B SD  1 
ATOM   759 C CE  . MET B 1 45 ? -4.921  5.678   -14.288 1.00 30.64 ? 112 MET B CE  1 
ATOM   760 N N   . LEU B 1 46 ? -10.448 3.060   -13.125 1.00 17.22 ? 113 LEU B N   1 
ATOM   761 C CA  . LEU B 1 46 ? -11.515 2.525   -13.971 1.00 17.30 ? 113 LEU B CA  1 
ATOM   762 C C   . LEU B 1 46 ? -12.839 3.217   -13.696 1.00 19.07 ? 113 LEU B C   1 
ATOM   763 O O   . LEU B 1 46 ? -13.615 3.481   -14.626 1.00 20.90 ? 113 LEU B O   1 
ATOM   764 C CB  . LEU B 1 46 ? -11.637 1.017   -13.746 1.00 20.31 ? 113 LEU B CB  1 
ATOM   765 C CG  . LEU B 1 46 ? -10.461 0.160   -14.231 1.00 24.24 ? 113 LEU B CG  1 
ATOM   766 C CD1 . LEU B 1 46 ? -10.580 -1.264  -13.735 1.00 21.71 ? 113 LEU B CD1 1 
ATOM   767 C CD2 . LEU B 1 46 ? -10.370 0.180   -15.746 1.00 26.52 ? 113 LEU B CD2 1 
ATOM   768 N N   . GLN B 1 47 ? -13.107 3.542   -12.429 1.00 20.33 ? 114 GLN B N   1 
ATOM   769 C CA  . GLN B 1 47 ? -14.346 4.229   -12.077 1.00 24.93 ? 114 GLN B CA  1 
ATOM   770 C C   . GLN B 1 47 ? -14.369 5.658   -12.622 1.00 27.74 ? 114 GLN B C   1 
ATOM   771 O O   . GLN B 1 47 ? -15.392 6.112   -13.158 1.00 28.72 ? 114 GLN B O   1 
ATOM   772 C CB  . GLN B 1 47 ? -14.519 4.221   -10.557 1.00 31.85 ? 114 GLN B CB  1 
ATOM   773 C CG  . GLN B 1 47 ? -15.639 5.110   -10.049 1.00 46.19 ? 114 GLN B CG  1 
ATOM   774 C CD  . GLN B 1 47 ? -17.007 4.501   -10.254 1.00 57.30 ? 114 GLN B CD  1 
ATOM   775 O OE1 . GLN B 1 47 ? -17.187 3.292   -10.110 1.00 64.07 ? 114 GLN B OE1 1 
ATOM   776 N NE2 . GLN B 1 47 ? -17.982 5.336   -10.591 1.00 59.16 ? 114 GLN B NE2 1 
ATOM   777 N N   . LEU B 1 48 ? -13.254 6.391   -12.487 1.00 18.43 ? 115 LEU B N   1 
ATOM   778 C CA  . LEU B 1 48 ? -13.178 7.742   -13.044 1.00 16.80 ? 115 LEU B CA  1 
ATOM   779 C C   . LEU B 1 48 ? -13.326 7.718   -14.556 1.00 18.44 ? 115 LEU B C   1 
ATOM   780 O O   . LEU B 1 48 ? -13.896 8.644   -15.137 1.00 25.10 ? 115 LEU B O   1 
ATOM   781 C CB  . LEU B 1 48 ? -11.840 8.399   -12.667 1.00 19.19 ? 115 LEU B CB  1 
ATOM   782 C CG  . LEU B 1 48 ? -11.464 8.677   -11.208 1.00 24.78 ? 115 LEU B CG  1 
ATOM   783 C CD1 . LEU B 1 48 ? -9.948  8.836   -11.060 1.00 23.63 ? 115 LEU B CD1 1 
ATOM   784 C CD2 . LEU B 1 48 ? -12.154 9.905   -10.709 1.00 26.35 ? 115 LEU B CD2 1 
ATOM   785 N N   . MET B 1 49 ? -12.814 6.666   -15.207 1.00 21.65 ? 116 MET B N   1 
ATOM   786 C CA  . MET B 1 49 ? -12.739 6.650   -16.666 1.00 26.54 ? 116 MET B CA  1 
ATOM   787 C C   . MET B 1 49 ? -14.115 6.495   -17.301 1.00 33.39 ? 116 MET B C   1 
ATOM   788 O O   . MET B 1 49 ? -14.393 7.097   -18.347 1.00 39.13 ? 116 MET B O   1 
ATOM   789 C CB  . MET B 1 49 ? -11.806 5.527   -17.120 1.00 26.42 ? 116 MET B CB  1 
ATOM   790 C CG  . MET B 1 49 ? -11.892 5.201   -18.597 1.00 36.95 ? 116 MET B CG  1 
ATOM   791 S SD  . MET B 1 49 ? -11.017 3.682   -19.006 1.00 52.84 ? 116 MET B SD  1 
ATOM   792 C CE  . MET B 1 49 ? -11.935 2.501   -18.021 1.00 62.52 ? 116 MET B CE  1 
ATOM   793 N N   . VAL B 1 50 ? -14.995 5.692   -16.692 1.00 29.70 ? 117 VAL B N   1 
ATOM   794 C CA  . VAL B 1 50 ? -16.343 5.520   -17.230 1.00 37.99 ? 117 VAL B CA  1 
ATOM   795 C C   . VAL B 1 50 ? -17.339 6.522   -16.662 1.00 52.15 ? 117 VAL B C   1 
ATOM   796 O O   . VAL B 1 50 ? -18.506 6.528   -17.082 1.00 56.85 ? 117 VAL B O   1 
ATOM   797 C CB  . VAL B 1 50 ? -16.863 4.087   -16.989 1.00 40.55 ? 117 VAL B CB  1 
ATOM   798 C CG1 . VAL B 1 50 ? -15.838 3.064   -17.456 1.00 37.37 ? 117 VAL B CG1 1 
ATOM   799 C CG2 . VAL B 1 50 ? -17.197 3.886   -15.523 1.00 38.31 ? 117 VAL B CG2 1 
ATOM   800 N N   . ALA B 1 51 ? -16.922 7.372   -15.731 1.00 55.51 ? 118 ALA B N   1 
ATOM   801 C CA  . ALA B 1 51 ? -17.808 8.396   -15.183 1.00 53.04 ? 118 ALA B CA  1 
ATOM   802 C C   . ALA B 1 51 ? -17.863 9.629   -16.086 1.00 54.43 ? 118 ALA B C   1 
ATOM   803 O O   . ALA B 1 51 ? -17.122 9.734   -17.066 1.00 52.63 ? 118 ALA B O   1 
ATOM   804 C CB  . ALA B 1 51 ? -17.362 8.786   -13.784 1.00 52.20 ? 118 ALA B CB  1 
HETATM 805 C C1  . GOL C 2 .  ? -14.334 -5.064  -8.977  1.00 69.10 ? 201 GOL B C1  1 
HETATM 806 O O1  . GOL C 2 .  ? -13.884 -4.108  -9.887  1.00 68.52 ? 201 GOL B O1  1 
HETATM 807 C C2  . GOL C 2 .  ? -14.962 -4.308  -7.787  1.00 71.65 ? 201 GOL B C2  1 
HETATM 808 O O2  . GOL C 2 .  ? -14.139 -4.322  -6.668  1.00 72.68 ? 201 GOL B O2  1 
HETATM 809 C C3  . GOL C 2 .  ? -16.278 -5.055  -7.532  1.00 74.43 ? 201 GOL B C3  1 
HETATM 810 O O3  . GOL C 2 .  ? -15.929 -6.389  -7.325  1.00 74.41 ? 201 GOL B O3  1 
HETATM 811 O O   . HOH D 3 .  ? 6.144   2.339   16.675  1.00 31.53 ? 201 HOH A O   1 
HETATM 812 O O   . HOH D 3 .  ? -27.737 36.015  -15.762 1.00 49.74 ? 202 HOH A O   1 
HETATM 813 O O   . HOH D 3 .  ? 6.439   7.863   6.372   1.00 39.90 ? 203 HOH A O   1 
HETATM 814 O O   . HOH D 3 .  ? -20.117 24.350  -22.754 1.00 39.46 ? 204 HOH A O   1 
HETATM 815 O O   . HOH D 3 .  ? -14.607 8.951   -7.264  1.00 26.03 ? 205 HOH A O   1 
HETATM 816 O O   . HOH D 3 .  ? -4.409  2.850   -3.471  1.00 15.28 ? 206 HOH A O   1 
HETATM 817 O O   . HOH D 3 .  ? -7.555  6.935   4.005   1.00 55.77 ? 207 HOH A O   1 
HETATM 818 O O   . HOH D 3 .  ? -15.371 16.153  -6.828  1.00 19.14 ? 208 HOH A O   1 
HETATM 819 O O   . HOH D 3 .  ? 11.396  1.152   11.423  1.00 21.91 ? 209 HOH A O   1 
HETATM 820 O O   . HOH D 3 .  ? 1.469   13.121  -2.594  1.00 36.82 ? 210 HOH A O   1 
HETATM 821 O O   . HOH D 3 .  ? 16.991  -8.358  20.967  1.00 45.61 ? 211 HOH A O   1 
HETATM 822 O O   . HOH D 3 .  ? -18.060 16.546  -12.771 1.00 34.40 ? 212 HOH A O   1 
HETATM 823 O O   . HOH D 3 .  ? 4.395   9.001   -1.921  1.00 20.49 ? 213 HOH A O   1 
HETATM 824 O O   . HOH D 3 .  ? 5.525   10.168  0.238   1.00 20.07 ? 214 HOH A O   1 
HETATM 825 O O   . HOH D 3 .  ? -10.817 5.866   0.575   1.00 36.18 ? 215 HOH A O   1 
HETATM 826 O O   . HOH D 3 .  ? -24.166 19.273  -16.827 1.00 38.22 ? 216 HOH A O   1 
HETATM 827 O O   . HOH D 3 .  ? -2.191  1.547   2.824   1.00 19.90 ? 217 HOH A O   1 
HETATM 828 O O   . HOH D 3 .  ? -17.606 23.351  -9.258  1.00 20.69 ? 218 HOH A O   1 
HETATM 829 O O   . HOH D 3 .  ? -6.799  6.502   -5.865  1.00 15.30 ? 219 HOH A O   1 
HETATM 830 O O   . HOH D 3 .  ? -27.285 24.731  -16.862 1.00 41.80 ? 220 HOH A O   1 
HETATM 831 O O   . HOH D 3 .  ? -8.907  17.800  -1.630  1.00 33.06 ? 221 HOH A O   1 
HETATM 832 O O   . HOH D 3 .  ? -19.635 29.115  -11.934 1.00 33.06 ? 222 HOH A O   1 
HETATM 833 O O   . HOH D 3 .  ? 3.837   -3.459  10.391  1.00 31.04 ? 223 HOH A O   1 
HETATM 834 O O   . HOH D 3 .  ? -15.728 18.021  -4.961  1.00 29.35 ? 224 HOH A O   1 
HETATM 835 O O   . HOH D 3 .  ? -5.144  20.760  -10.981 1.00 32.00 ? 225 HOH A O   1 
HETATM 836 O O   . HOH D 3 .  ? 9.036   -5.318  5.712   1.00 23.68 ? 226 HOH A O   1 
HETATM 837 O O   . HOH D 3 .  ? 0.860   2.774   8.661   1.00 31.34 ? 227 HOH A O   1 
HETATM 838 O O   . HOH D 3 .  ? 1.772   5.548   9.836   1.00 40.30 ? 228 HOH A O   1 
HETATM 839 O O   . HOH D 3 .  ? -11.891 23.002  -8.543  1.00 55.18 ? 229 HOH A O   1 
HETATM 840 O O   . HOH D 3 .  ? 9.353   6.690   1.493   1.00 43.85 ? 230 HOH A O   1 
HETATM 841 O O   . HOH D 3 .  ? -10.256 17.836  -3.974  1.00 39.57 ? 231 HOH A O   1 
HETATM 842 O O   . HOH D 3 .  ? -5.238  5.385   2.491   1.00 34.40 ? 232 HOH A O   1 
HETATM 843 O O   . HOH D 3 .  ? -21.482 20.515  -18.754 1.00 43.59 ? 233 HOH A O   1 
HETATM 844 O O   . HOH D 3 .  ? 0.266   10.485  4.809   1.00 28.80 ? 234 HOH A O   1 
HETATM 845 O O   . HOH D 3 .  ? 20.689  -12.663 19.403  1.00 51.43 ? 235 HOH A O   1 
HETATM 846 O O   . HOH D 3 .  ? 15.851  -13.514 15.072  1.00 48.72 ? 236 HOH A O   1 
HETATM 847 O O   . HOH D 3 .  ? -5.825  9.430   7.297   1.00 33.23 ? 237 HOH A O   1 
HETATM 848 O O   . HOH D 3 .  ? -20.390 16.843  -10.984 1.00 46.34 ? 238 HOH A O   1 
HETATM 849 O O   . HOH D 3 .  ? 9.904   -2.365  16.495  1.00 65.97 ? 239 HOH A O   1 
HETATM 850 O O   . HOH D 3 .  ? 4.459   -5.041  6.040   1.00 26.37 ? 240 HOH A O   1 
HETATM 851 O O   . HOH D 3 .  ? 8.597   -9.502  16.498  1.00 36.98 ? 241 HOH A O   1 
HETATM 852 O O   . HOH D 3 .  ? 19.709  -8.364  21.155  1.00 45.61 ? 242 HOH A O   1 
HETATM 853 O O   . HOH D 3 .  ? 3.176   -1.773  11.699  1.00 38.02 ? 243 HOH A O   1 
HETATM 854 O O   . HOH D 3 .  ? -1.297  -1.096  3.326   1.00 27.52 ? 244 HOH A O   1 
HETATM 855 O O   . HOH D 3 .  ? -19.808 19.091  -19.513 1.00 45.41 ? 245 HOH A O   1 
HETATM 856 O O   . HOH D 3 .  ? -20.331 30.198  -9.159  1.00 49.19 ? 246 HOH A O   1 
HETATM 857 O O   . HOH D 3 .  ? 9.927   -2.898  18.680  1.00 35.36 ? 247 HOH A O   1 
HETATM 858 O O   . HOH D 3 .  ? -5.634  -5.370  4.521   1.00 59.89 ? 248 HOH A O   1 
HETATM 859 O O   . HOH E 3 .  ? -1.451  -12.540 -6.873  1.00 21.08 ? 301 HOH B O   1 
HETATM 860 O O   . HOH E 3 .  ? 24.241  -32.161 15.180  1.00 42.85 ? 302 HOH B O   1 
HETATM 861 O O   . HOH E 3 .  ? 2.646   -14.054 4.283   1.00 49.35 ? 303 HOH B O   1 
HETATM 862 O O   . HOH E 3 .  ? 15.049  -17.687 15.593  1.00 40.58 ? 304 HOH B O   1 
HETATM 863 O O   . HOH E 3 .  ? -0.904  -8.143  3.644   1.00 37.05 ? 305 HOH B O   1 
HETATM 864 O O   . HOH E 3 .  ? 9.066   -17.800 11.950  1.00 17.27 ? 306 HOH B O   1 
HETATM 865 O O   . HOH E 3 .  ? -1.852  -12.293 -3.050  1.00 25.36 ? 307 HOH B O   1 
HETATM 866 O O   . HOH E 3 .  ? 7.750   -10.604 12.747  1.00 32.26 ? 308 HOH B O   1 
HETATM 867 O O   . HOH E 3 .  ? -11.006 1.561   -5.393  1.00 19.00 ? 309 HOH B O   1 
HETATM 868 O O   . HOH E 3 .  ? -12.887 3.096   -6.594  1.00 23.15 ? 310 HOH B O   1 
HETATM 869 O O   . HOH E 3 .  ? -2.939  -2.848  1.733   1.00 21.35 ? 311 HOH B O   1 
HETATM 870 O O   . HOH E 3 .  ? -13.922 0.111   -10.633 1.00 36.02 ? 312 HOH B O   1 
HETATM 871 O O   . HOH E 3 .  ? 12.893  -24.244 13.424  1.00 19.63 ? 313 HOH B O   1 
HETATM 872 O O   . HOH E 3 .  ? 15.378  -28.216 12.211  1.00 36.06 ? 314 HOH B O   1 
HETATM 873 O O   . HOH E 3 .  ? 3.675   -3.156  4.135   1.00 24.40 ? 315 HOH B O   1 
HETATM 874 O O   . HOH E 3 .  ? -4.055  -8.675  -1.548  1.00 37.96 ? 316 HOH B O   1 
HETATM 875 O O   . HOH E 3 .  ? -6.449  5.831   -8.534  1.00 15.91 ? 317 HOH B O   1 
HETATM 876 O O   . HOH E 3 .  ? 11.562  -24.116 7.389   1.00 34.82 ? 318 HOH B O   1 
HETATM 877 O O   . HOH E 3 .  ? -14.826 6.786   -5.796  1.00 32.73 ? 319 HOH B O   1 
HETATM 878 O O   . HOH E 3 .  ? 17.259  -29.208 14.249  1.00 37.50 ? 320 HOH B O   1 
HETATM 879 O O   . HOH E 3 .  ? 7.676   -19.884 11.827  1.00 23.31 ? 321 HOH B O   1 
HETATM 880 O O   . HOH E 3 .  ? 7.585   -18.902 6.070   1.00 22.07 ? 322 HOH B O   1 
HETATM 881 O O   . HOH E 3 .  ? 6.475   -6.680  5.539   1.00 24.06 ? 323 HOH B O   1 
HETATM 882 O O   . HOH E 3 .  ? 5.502   -16.436 2.993   1.00 32.43 ? 324 HOH B O   1 
HETATM 883 O O   . HOH E 3 .  ? -5.372  -12.020 -4.918  1.00 34.91 ? 325 HOH B O   1 
HETATM 884 O O   . HOH E 3 .  ? 15.610  -19.479 1.949   1.00 54.09 ? 326 HOH B O   1 
HETATM 885 O O   . HOH E 3 .  ? 10.875  -26.514 11.464  1.00 48.61 ? 327 HOH B O   1 
HETATM 886 O O   . HOH E 3 .  ? -14.940 -3.228  -12.918 1.00 37.14 ? 328 HOH B O   1 
HETATM 887 O O   . HOH E 3 .  ? 27.530  -29.462 20.663  1.00 62.34 ? 329 HOH B O   1 
HETATM 888 O O   . HOH E 3 .  ? 13.475  -21.783 6.784   1.00 34.56 ? 330 HOH B O   1 
HETATM 889 O O   . HOH E 3 .  ? -14.592 0.201   -15.598 1.00 48.26 ? 331 HOH B O   1 
HETATM 890 O O   . HOH E 3 .  ? 12.357  -26.429 8.396   1.00 44.82 ? 332 HOH B O   1 
HETATM 891 O O   . HOH E 3 .  ? 13.724  -20.109 4.991   1.00 28.58 ? 333 HOH B O   1 
HETATM 892 O O   . HOH E 3 .  ? -6.805  4.250   -4.206  1.00 20.04 ? 334 HOH B O   1 
HETATM 893 O O   . HOH E 3 .  ? -15.638 0.825   -12.675 1.00 31.99 ? 335 HOH B O   1 
HETATM 894 O O   . HOH E 3 .  ? -17.237 5.783   -6.898  1.00 41.85 ? 336 HOH B O   1 
HETATM 895 O O   . HOH E 3 .  ? 21.783  -39.719 16.630  1.00 46.83 ? 337 HOH B O   1 
HETATM 896 O O   . HOH E 3 .  ? 18.502  -37.566 16.752  1.00 43.55 ? 338 HOH B O   1 
HETATM 897 O O   . HOH E 3 .  ? -16.859 0.888   -14.610 1.00 49.39 ? 339 HOH B O   1 
HETATM 898 O O   . HOH E 3 .  ? 16.938  -20.959 3.067   1.00 52.01 ? 340 HOH B O   1 
HETATM 899 O O   . HOH E 3 .  ? -10.770 2.392   -2.683  1.00 27.00 ? 341 HOH B O   1 
HETATM 900 O O   . HOH E 3 .  ? -8.566  2.042   2.109   1.00 32.26 ? 342 HOH B O   1 
HETATM 901 O O   . HOH E 3 .  ? 5.516   -20.391 9.960   1.00 31.24 ? 343 HOH B O   1 
HETATM 902 O O   . HOH E 3 .  ? -11.827 -0.746  -5.067  1.00 30.93 ? 344 HOH B O   1 
HETATM 903 O O   . HOH E 3 .  ? -5.794  2.309   -0.968  1.00 21.78 ? 345 HOH B O   1 
HETATM 904 O O   . HOH E 3 .  ? -3.222  -4.866  3.615   1.00 30.85 ? 346 HOH B O   1 
HETATM 905 O O   . HOH E 3 .  ? -8.721  3.635   -2.284  1.00 34.75 ? 347 HOH B O   1 
HETATM 906 O O   . HOH E 3 .  ? -5.528  -1.489  1.747   1.00 29.11 ? 348 HOH B O   1 
HETATM 907 O O   . HOH E 3 .  ? 5.938   -20.552 7.711   1.00 41.16 ? 349 HOH B O   1 
HETATM 908 O O   . HOH E 3 .  ? -5.913  1.016   1.181   1.00 46.61 ? 350 HOH B O   1 
HETATM 909 O O   . HOH E 3 .  ? -14.872 5.912   -23.376 1.00 67.45 ? 351 HOH B O   1 
# 
loop_
_atom_site_anisotrop.id 
_atom_site_anisotrop.type_symbol 
_atom_site_anisotrop.pdbx_label_atom_id 
_atom_site_anisotrop.pdbx_label_alt_id 
_atom_site_anisotrop.pdbx_label_comp_id 
_atom_site_anisotrop.pdbx_label_asym_id 
_atom_site_anisotrop.pdbx_label_seq_id 
_atom_site_anisotrop.pdbx_PDB_ins_code 
_atom_site_anisotrop.U[1][1] 
_atom_site_anisotrop.U[2][2] 
_atom_site_anisotrop.U[3][3] 
_atom_site_anisotrop.U[1][2] 
_atom_site_anisotrop.U[1][3] 
_atom_site_anisotrop.U[2][3] 
_atom_site_anisotrop.pdbx_auth_seq_id 
_atom_site_anisotrop.pdbx_auth_comp_id 
_atom_site_anisotrop.pdbx_auth_asym_id 
_atom_site_anisotrop.pdbx_auth_atom_id 
1   N N   . GLY A 4  ? 0.7336 0.6265 0.8052 0.1965  -0.0434 0.1310  71  GLY A N   
2   C CA  . GLY A 4  ? 0.5989 0.5451 0.6996 0.1657  -0.0282 0.1520  71  GLY A CA  
3   C C   . GLY A 4  ? 0.5222 0.4881 0.6147 0.1525  -0.0145 0.1422  71  GLY A C   
4   O O   . GLY A 4  ? 0.4346 0.4353 0.5467 0.1234  -0.0080 0.1527  71  GLY A O   
5   N N   . LEU A 5  ? 0.4787 0.4236 0.5416 0.1755  -0.0109 0.1218  72  LEU A N   
6   C CA  . LEU A 5  ? 0.4813 0.4413 0.5351 0.1652  0.0006  0.1122  72  LEU A CA  
7   C C   . LEU A 5  ? 0.3799 0.4011 0.4466 0.1548  0.0266  0.1215  72  LEU A C   
8   O O   . LEU A 5  ? 0.2937 0.3311 0.3594 0.1404  0.0348  0.1170  72  LEU A O   
9   C CB  . LEU A 5  ? 0.5927 0.5213 0.6120 0.1945  -0.0008 0.0900  72  LEU A CB  
10  C CG  . LEU A 5  ? 0.6881 0.5511 0.6898 0.2022  -0.0287 0.0755  72  LEU A CG  
11  C CD1 . LEU A 5  ? 0.6827 0.5305 0.6526 0.2218  -0.0261 0.0510  72  LEU A CD1 
12  C CD2 . LEU A 5  ? 0.6440 0.4965 0.6620 0.1666  -0.0425 0.0822  72  LEU A CD2 
13  N N   . LEU A 6  ? 0.4683 0.5222 0.5476 0.1610  0.0379  0.1348  73  LEU A N   
14  C CA  . LEU A 6  ? 0.3516 0.4616 0.4429 0.1518  0.0598  0.1445  73  LEU A CA  
15  C C   . LEU A 6  ? 0.3643 0.5068 0.4848 0.1204  0.0609  0.1599  73  LEU A C   
16  O O   . LEU A 6  ? 0.3260 0.5129 0.4577 0.1101  0.0759  0.1674  73  LEU A O   
17  C CB  . LEU A 6  ? 0.3714 0.4998 0.4535 0.1711  0.0714  0.1470  73  LEU A CB  
18  C CG  . LEU A 6  ? 0.3976 0.5211 0.4481 0.1909  0.0788  0.1318  73  LEU A CG  
19  C CD1 . LEU A 6  ? 0.4090 0.5639 0.4511 0.1979  0.0916  0.1399  73  LEU A CD1 
20  C CD2 . LEU A 6  ? 0.4216 0.5569 0.4684 0.1780  0.0853  0.1273  73  LEU A CD2 
21  N N   . SER A 7  ? 0.2703 0.3931 0.4031 0.1055  0.0438  0.1653  74  SER A N   
22  C CA  . SER A 7  ? 0.2677 0.4258 0.4277 0.0775  0.0436  0.1804  74  SER A CA  
23  C C   . SER A 7  ? 0.3376 0.5235 0.4994 0.0595  0.0528  0.1745  74  SER A C   
24  O O   . SER A 7  ? 0.2910 0.4590 0.4353 0.0636  0.0539  0.1596  74  SER A O   
25  C CB  . SER A 7  ? 0.3252 0.4578 0.4967 0.0640  0.0213  0.1879  74  SER A CB  
26  O OG  . SER A 7  ? 0.3005 0.4026 0.4594 0.0579  0.0104  0.1756  74  SER A OG  
27  N N   . GLN A 8  ? 0.3028 0.5116 0.4686 0.0406  0.0506  0.1769  75  GLN A N   
28  C CA  . GLN A 8  ? 0.3373 0.5405 0.4828 0.0272  0.0446  0.1557  75  GLN A CA  
29  C C   . GLN A 8  ? 0.3602 0.5574 0.5114 0.0184  0.0397  0.1535  75  GLN A C   
30  O O   . GLN A 8  ? 0.2461 0.4357 0.3831 0.0160  0.0410  0.1379  75  GLN A O   
31  C CB  . GLN A 8  ? 0.4567 0.6668 0.5953 0.0158  0.0359  0.1498  75  GLN A CB  
32  C CG  . GLN A 8  ? 0.5823 0.7869 0.7035 0.0065  0.0324  0.1292  75  GLN A CG  
33  C CD  . GLN A 8  ? 0.6982 0.9180 0.8170 0.0012  0.0259  0.1326  75  GLN A CD  
34  O OE1 . GLN A 8  ? 0.7409 0.9697 0.8675 -0.0004 0.0218  0.1442  75  GLN A OE1 
35  N NE2 . GLN A 8  ? 0.7184 0.9445 0.8273 -0.0009 0.0244  0.1256  75  GLN A NE2 
36  N N   . GLU A 9  ? 0.2779 0.4773 0.4523 0.0120  0.0319  0.1712  76  GLU A N   
37  C CA  . GLU A 9  ? 0.2263 0.4179 0.4067 -0.0005 0.0228  0.1718  76  GLU A CA  
38  C C   . GLU A 9  ? 0.2492 0.3935 0.4043 0.0145  0.0199  0.1547  76  GLU A C   
39  O O   . GLU A 9  ? 0.1944 0.3333 0.3405 0.0088  0.0192  0.1438  76  GLU A O   
40  C CB  . GLU A 9  ? 0.3278 0.5140 0.5259 -0.0127 0.0043  0.1897  76  GLU A CB  
41  N N   . ASN A 10 ? 0.2665 0.3768 0.4083 0.0355  0.0174  0.1511  77  ASN A N   
42  C CA  . ASN A 10 ? 0.2679 0.3348 0.3828 0.0527  0.0135  0.1334  77  ASN A CA  
43  C C   . ASN A 10 ? 0.2283 0.3132 0.3307 0.0595  0.0317  0.1218  77  ASN A C   
44  O O   . ASN A 10 ? 0.2471 0.3115 0.3326 0.0626  0.0300  0.1082  77  ASN A O   
45  C CB  . ASN A 10 ? 0.3248 0.3553 0.4270 0.0776  0.0061  0.1310  77  ASN A CB  
46  C CG  . ASN A 10 ? 0.4208 0.4108 0.5279 0.0728  -0.0199 0.1369  77  ASN A CG  
47  O OD1 . ASN A 10 ? 0.3979 0.3682 0.5044 0.0583  -0.0346 0.1353  77  ASN A OD1 
48  N ND2 . ASN A 10 ? 0.4794 0.4571 0.5920 0.0846  -0.0272 0.1454  77  ASN A ND2 
49  N N   . THR A 11 ? 0.2628 0.3867 0.3742 0.0610  0.0479  0.1285  78  THR A N   
50  C CA  . THR A 11 ? 0.2666 0.4114 0.3711 0.0624  0.0622  0.1218  78  THR A CA  
51  C C   . THR A 11 ? 0.2073 0.3631 0.3173 0.0421  0.0603  0.1165  78  THR A C   
52  O O   . THR A 11 ? 0.2252 0.3729 0.3224 0.0442  0.0631  0.1055  78  THR A O   
53  C CB  . THR A 11 ? 0.3714 0.5451 0.4800 0.0623  0.0711  0.1291  78  THR A CB  
54  O OG1 . THR A 11 ? 0.3267 0.5043 0.4400 0.0835  0.0773  0.1397  78  THR A OG1 
55  C CG2 . THR A 11 ? 0.3664 0.5355 0.4556 0.0618  0.0717  0.1170  78  THR A CG2 
56  N N   . GLN A 12 ? 0.2307 0.4004 0.3543 0.0237  0.0519  0.1214  79  GLN A N   
57  C CA  . GLN A 12 ? 0.2090 0.3761 0.3248 0.0092  0.0437  0.1080  79  GLN A CA  
58  C C   . GLN A 12 ? 0.2019 0.3570 0.3211 0.0073  0.0413  0.1091  79  GLN A C   
59  O O   . GLN A 12 ? 0.1746 0.3298 0.2870 0.0029  0.0424  0.0988  79  GLN A O   
60  C CB  . GLN A 12 ? 0.2890 0.4645 0.4060 -0.0030 0.0331  0.1071  79  GLN A CB  
61  C CG  . GLN A 12 ? 0.2778 0.4520 0.3837 -0.0114 0.0282  0.0920  79  GLN A CG  
62  C CD  . GLN A 12 ? 0.3336 0.5175 0.4369 -0.0173 0.0215  0.0912  79  GLN A CD  
63  O OE1 . GLN A 12 ? 0.3726 0.5643 0.4819 -0.0175 0.0190  0.1018  79  GLN A OE1 
64  N NE2 . GLN A 12 ? 0.3286 0.5162 0.4239 -0.0208 0.0187  0.0819  79  GLN A NE2 
65  N N   . ILE A 13 ? 0.1539 0.2765 0.2689 0.0116  0.0286  0.1126  80  ILE A N   
66  C CA  . ILE A 13 ? 0.1673 0.2526 0.2683 0.0112  0.0156  0.1040  80  ILE A CA  
67  C C   . ILE A 13 ? 0.2269 0.2918 0.3051 0.0260  0.0230  0.0877  80  ILE A C   
68  O O   . ILE A 13 ? 0.1998 0.2567 0.2699 0.0205  0.0206  0.0786  80  ILE A O   
69  C CB  . ILE A 13 ? 0.2026 0.2505 0.3022 0.0152  -0.0023 0.1101  80  ILE A CB  
70  C CG1 . ILE A 13 ? 0.1930 0.2631 0.3178 -0.0048 -0.0135 0.1295  80  ILE A CG1 
71  C CG2 . ILE A 13 ? 0.2326 0.2345 0.3119 0.0199  -0.0158 0.0979  80  ILE A CG2 
72  C CD1 . ILE A 13 ? 0.2612 0.3023 0.3912 -0.0004 -0.0297 0.1406  80  ILE A CD1 
73  N N   . ARG A 14 ? 0.2336 0.2938 0.3014 0.0452  0.0323  0.0851  81  ARG A N   
74  C CA  . ARG A 14 ? 0.1984 0.2458 0.2451 0.0600  0.0391  0.0723  81  ARG A CA  
75  C C   . ARG A 14 ? 0.1863 0.2632 0.2382 0.0497  0.0501  0.0703  81  ARG A C   
76  O O   . ARG A 14 ? 0.2024 0.2674 0.2412 0.0518  0.0503  0.0602  81  ARG A O   
77  C CB  . ARG A 14 ? 0.2212 0.2666 0.2568 0.0843  0.0471  0.0726  81  ARG A CB  
78  C CG  . ARG A 14 ? 0.2723 0.2772 0.2950 0.1010  0.0334  0.0688  81  ARG A CG  
79  C CD  . ARG A 14 ? 0.3057 0.3116 0.3134 0.1302  0.0418  0.0663  81  ARG A CD  
80  N NE  . ARG A 14 ? 0.2591 0.3041 0.2841 0.1299  0.0546  0.0810  81  ARG A NE  
81  C CZ  . ARG A 14 ? 0.2806 0.3239 0.3168 0.1322  0.0496  0.0905  81  ARG A CZ  
82  N NH1 . ARG A 14 ? 0.2970 0.2997 0.3303 0.1335  0.0304  0.0877  81  ARG A NH1 
83  N NH2 . ARG A 14 ? 0.2922 0.3742 0.3437 0.1316  0.0623  0.1041  81  ARG A NH2 
84  N N   . ASP A 15 ? 0.1633 0.2770 0.2343 0.0384  0.0572  0.0792  82  ASP A N   
85  C CA  . ASP A 15 ? 0.1554 0.2908 0.2312 0.0276  0.0620  0.0752  82  ASP A CA  
86  C C   . ASP A 15 ? 0.1941 0.3247 0.2712 0.0151  0.0544  0.0683  82  ASP A C   
87  O O   . ASP A 15 ? 0.1574 0.2844 0.2274 0.0139  0.0557  0.0597  82  ASP A O   
88  C CB  . ASP A 15 ? 0.2356 0.3790 0.3140 0.0170  0.0546  0.0728  82  ASP A CB  
89  C CG  . ASP A 15 ? 0.5618 0.7060 0.6334 0.0221  0.0571  0.0723  82  ASP A CG  
90  O OD1 . ASP A 15 ? 0.6897 0.8302 0.7550 0.0217  0.0575  0.0667  82  ASP A OD1 
91  O OD2 . ASP A 15 ? 0.6578 0.8085 0.7321 0.0258  0.0576  0.0793  82  ASP A OD2 
92  N N   . LEU A 16 ? 0.1540 0.2856 0.2402 0.0052  0.0451  0.0730  83  LEU A N   
93  C CA  . LEU A 16 ? 0.1025 0.2333 0.1896 -0.0065 0.0366  0.0680  83  LEU A CA  
94  C C   . LEU A 16 ? 0.1699 0.2626 0.2379 -0.0006 0.0302  0.0587  83  LEU A C   
95  O O   . LEU A 16 ? 0.1531 0.2452 0.2172 -0.0064 0.0276  0.0513  83  LEU A O   
96  C CB  . LEU A 16 ? 0.1716 0.3175 0.2740 -0.0186 0.0270  0.0797  83  LEU A CB  
97  C CG  . LEU A 16 ? 0.1718 0.3316 0.2712 -0.0215 0.0244  0.0748  83  LEU A CG  
98  C CD1 . LEU A 16 ? 0.1455 0.3140 0.2547 -0.0276 0.0157  0.0886  83  LEU A CD1 
99  C CD2 . LEU A 16 ? 0.2003 0.3618 0.2900 -0.0243 0.0218  0.0607  83  LEU A CD2 
100 N N   . GLN A 17 ? 0.1685 0.2293 0.2234 0.0123  0.0266  0.0579  84  GLN A N   
101 C CA  . GLN A 17 ? 0.1776 0.2014 0.2119 0.0197  0.0197  0.0472  84  GLN A CA  
102 C C   . GLN A 17 ? 0.2145 0.2418 0.2370 0.0278  0.0305  0.0378  84  GLN A C   
103 O O   . GLN A 17 ? 0.2122 0.2234 0.2233 0.0268  0.0264  0.0292  84  GLN A O   
104 C CB  . GLN A 17 ? 0.2135 0.2020 0.2348 0.0352  0.0117  0.0463  84  GLN A CB  
105 C CG  . GLN A 17 ? 0.2297 0.2033 0.2609 0.0252  -0.0056 0.0559  84  GLN A CG  
106 C CD  . GLN A 17 ? 0.3499 0.2895 0.3710 0.0421  -0.0147 0.0556  84  GLN A CD  
107 O OE1 . GLN A 17 ? 0.3638 0.3050 0.3760 0.0616  -0.0040 0.0517  84  GLN A OE1 
108 N NE2 . GLN A 17 ? 0.3750 0.2847 0.3984 0.0350  -0.0360 0.0607  84  GLN A NE2 
109 N N   . GLN A 18 ? 0.1608 0.2099 0.1872 0.0349  0.0433  0.0414  85  GLN A N   
110 C CA  . GLN A 18 ? 0.1709 0.2293 0.1910 0.0394  0.0521  0.0372  85  GLN A CA  
111 C C   . GLN A 18 ? 0.1593 0.2327 0.1894 0.0237  0.0509  0.0341  85  GLN A C   
112 O O   . GLN A 18 ? 0.1715 0.2375 0.1931 0.0243  0.0508  0.0275  85  GLN A O   
113 C CB  . GLN A 18 ? 0.1534 0.2369 0.1794 0.0474  0.0639  0.0462  85  GLN A CB  
114 C CG  . GLN A 18 ? 0.1778 0.2747 0.1989 0.0531  0.0721  0.0475  85  GLN A CG  
115 C CD  . GLN A 18 ? 0.2918 0.3718 0.2900 0.0720  0.0737  0.0420  85  GLN A CD  
116 O OE1 . GLN A 18 ? 0.3589 0.4525 0.3536 0.0760  0.0782  0.0457  85  GLN A OE1 
117 N NE2 . GLN A 18 ? 0.3108 0.3596 0.2935 0.0820  0.0661  0.0333  85  GLN A NE2 
118 N N   . GLU A 19 ? 0.1435 0.2395 0.1911 0.0112  0.0493  0.0383  86  GLU A N   
119 C CA  . GLU A 19 ? 0.1636 0.2743 0.2192 -0.0004 0.0461  0.0331  86  GLU A CA  
120 C C   . GLU A 19 ? 0.2133 0.3056 0.2602 -0.0043 0.0374  0.0262  86  GLU A C   
121 O O   . GLU A 19 ? 0.1910 0.2807 0.2340 -0.0063 0.0360  0.0186  86  GLU A O   
122 C CB  . GLU A 19 ? 0.2147 0.3449 0.2829 -0.0091 0.0419  0.0349  86  GLU A CB  
123 N N   A ASN A 20 ? 0.1496 0.2298 0.1955 -0.0064 0.0298  0.0303  87  ASN A N   
124 N N   B ASN A 20 ? 0.1522 0.2306 0.1970 -0.0059 0.0298  0.0299  87  ASN A N   
125 C CA  A ASN A 20 ? 0.1813 0.2419 0.2189 -0.0111 0.0194  0.0267  87  ASN A CA  
126 C CA  B ASN A 20 ? 0.1845 0.2480 0.2227 -0.0118 0.0200  0.0258  87  ASN A CA  
127 C C   A ASN A 20 ? 0.2309 0.2660 0.2500 -0.0027 0.0207  0.0168  87  ASN A C   
128 C C   B ASN A 20 ? 0.2456 0.2775 0.2636 -0.0028 0.0193  0.0168  87  ASN A C   
129 O O   A ASN A 20 ? 0.2083 0.2422 0.2243 -0.0077 0.0174  0.0110  87  ASN A O   
130 O O   B ASN A 20 ? 0.2598 0.2834 0.2722 -0.0077 0.0134  0.0117  87  ASN A O   
131 C CB  A ASN A 20 ? 0.2315 0.2731 0.2685 -0.0123 0.0088  0.0345  87  ASN A CB  
132 C CB  B ASN A 20 ? 0.2190 0.2771 0.2630 -0.0188 0.0086  0.0355  87  ASN A CB  
133 C CG  A ASN A 20 ? 0.2063 0.2256 0.2356 -0.0190 -0.0051 0.0333  87  ASN A CG  
134 C CG  B ASN A 20 ? 0.2115 0.3100 0.2765 -0.0303 0.0078  0.0452  87  ASN A CG  
135 O OD1 A ASN A 20 ? 0.2154 0.2537 0.2569 -0.0326 -0.0128 0.0409  87  ASN A OD1 
136 O OD1 B ASN A 20 ? 0.1730 0.3011 0.2459 -0.0315 0.0149  0.0417  87  ASN A OD1 
137 N ND2 A ASN A 20 ? 0.2481 0.2300 0.2573 -0.0092 -0.0092 0.0247  87  ASN A ND2 
138 N ND2 B ASN A 20 ? 0.2109 0.3111 0.2849 -0.0382 -0.0025 0.0580  87  ASN A ND2 
139 N N   . ARG A 21 ? 0.2579 0.2765 0.2648 0.0112  0.0257  0.0153  88  ARG A N   
140 C CA  . ARG A 21 ? 0.2659 0.2645 0.2541 0.0212  0.0271  0.0070  88  ARG A CA  
141 C C   . ARG A 21 ? 0.2798 0.2965 0.2728 0.0176  0.0337  0.0047  88  ARG A C   
142 O O   . ARG A 21 ? 0.2296 0.2350 0.2128 0.0177  0.0313  -0.0016 88  ARG A O   
143 C CB  . ARG A 21 ? 0.3376 0.3246 0.3124 0.0399  0.0321  0.0068  88  ARG A CB  
144 C CG  . ARG A 21 ? 0.3768 0.3298 0.3378 0.0481  0.0204  0.0034  88  ARG A CG  
145 C CD  . ARG A 21 ? 0.4081 0.3490 0.3504 0.0721  0.0246  -0.0009 88  ARG A CD  
146 N NE  . ARG A 21 ? 0.2901 0.2555 0.2424 0.0791  0.0353  0.0081  88  ARG A NE  
147 C CZ  . ARG A 21 ? 0.3072 0.2658 0.2642 0.0833  0.0312  0.0127  88  ARG A CZ  
148 N NH1 . ARG A 21 ? 0.4890 0.4155 0.4424 0.0802  0.0149  0.0101  88  ARG A NH1 
149 N NH2 . ARG A 21 ? 0.3567 0.3408 0.3233 0.0895  0.0419  0.0217  88  ARG A NH2 
150 N N   . GLU A 22 ? 0.1676 0.2108 0.1756 0.0139  0.0403  0.0100  89  GLU A N   
151 C CA  . GLU A 22 ? 0.1491 0.2057 0.1632 0.0098  0.0429  0.0087  89  GLU A CA  
152 C C   . GLU A 22 ? 0.1553 0.2135 0.1740 -0.0004 0.0355  0.0017  89  GLU A C   
153 O O   . GLU A 22 ? 0.1379 0.1926 0.1541 -0.0014 0.0339  -0.0028 89  GLU A O   
154 C CB  . GLU A 22 ? 0.2164 0.2978 0.2457 0.0074  0.0482  0.0163  89  GLU A CB  
155 C CG  . GLU A 22 ? 0.2144 0.3043 0.2478 0.0065  0.0499  0.0193  89  GLU A CG  
156 C CD  . GLU A 22 ? 0.2626 0.3487 0.2839 0.0180  0.0562  0.0252  89  GLU A CD  
157 O OE1 . GLU A 22 ? 0.3120 0.3899 0.3212 0.0296  0.0602  0.0258  89  GLU A OE1 
158 O OE2 . GLU A 22 ? 0.2426 0.3358 0.2669 0.0164  0.0562  0.0300  89  GLU A OE2 
159 N N   . LEU A 23 ? 0.1566 0.2239 0.1831 -0.0073 0.0305  0.0019  90  LEU A N   
160 C CA  . LEU A 23 ? 0.1105 0.1855 0.1404 -0.0146 0.0236  -0.0037 90  LEU A CA  
161 C C   . LEU A 23 ? 0.1851 0.2366 0.2009 -0.0141 0.0188  -0.0080 90  LEU A C   
162 O O   . LEU A 23 ? 0.1787 0.2305 0.1929 -0.0158 0.0160  -0.0141 90  LEU A O   
163 C CB  . LEU A 23 ? 0.1481 0.2446 0.1892 -0.0214 0.0197  0.0013  90  LEU A CB  
164 C CG  . LEU A 23 ? 0.1694 0.2945 0.2250 -0.0224 0.0233  0.0034  90  LEU A CG  
165 C CD1 . LEU A 23 ? 0.2018 0.3471 0.2668 -0.0275 0.0201  0.0118  90  LEU A CD1 
166 C CD2 . LEU A 23 ? 0.2700 0.4102 0.3305 -0.0225 0.0207  -0.0063 90  LEU A CD2 
167 N N   . TRP A 24 ? 0.1735 0.2029 0.1784 -0.0111 0.0160  -0.0053 91  TRP A N   
168 C CA  . TRP A 24 ? 0.2079 0.2117 0.1971 -0.0099 0.0098  -0.0098 91  TRP A CA  
169 C C   . TRP A 24 ? 0.2217 0.2164 0.2003 -0.0025 0.0151  -0.0155 91  TRP A C   
170 O O   . TRP A 24 ? 0.2072 0.1935 0.1789 -0.0048 0.0110  -0.0203 91  TRP A O   
171 C CB  . TRP A 24 ? 0.2531 0.2301 0.2308 -0.0052 0.0038  -0.0076 91  TRP A CB  
172 C CG  . TRP A 24 ? 0.3122 0.2873 0.2960 -0.0164 -0.0087 -0.0012 91  TRP A CG  
173 C CD1 . TRP A 24 ? 0.2362 0.2151 0.2298 -0.0204 -0.0135 0.0082  91  TRP A CD1 
174 C CD2 . TRP A 24 ? 0.3423 0.3146 0.3246 -0.0265 -0.0191 -0.0005 91  TRP A CD2 
175 N NE1 . TRP A 24 ? 0.3158 0.2958 0.3155 -0.0334 -0.0272 0.0163  91  TRP A NE1 
176 C CE2 . TRP A 24 ? 0.2449 0.2216 0.2376 -0.0373 -0.0306 0.0112  91  TRP A CE2 
177 C CE3 . TRP A 24 ? 0.3313 0.2999 0.3060 -0.0281 -0.0203 -0.0068 91  TRP A CE3 
178 C CZ2 . TRP A 24 ? 0.2874 0.2671 0.2831 -0.0501 -0.0435 0.0180  91  TRP A CZ2 
179 C CZ3 . TRP A 24 ? 0.2809 0.2511 0.2576 -0.0396 -0.0321 -0.0018 91  TRP A CZ3 
180 C CH2 . TRP A 24 ? 0.3432 0.3202 0.3304 -0.0507 -0.0436 0.0110  91  TRP A CH2 
181 N N   . ILE A 25 ? 0.1784 0.1770 0.1560 0.0062  0.0237  -0.0132 92  ILE A N   
182 C CA  . ILE A 25 ? 0.1959 0.1930 0.1665 0.0120  0.0281  -0.0146 92  ILE A CA  
183 C C   . ILE A 25 ? 0.2250 0.2350 0.2075 0.0034  0.0262  -0.0163 92  ILE A C   
184 O O   . ILE A 25 ? 0.1920 0.1952 0.1686 0.0034  0.0242  -0.0193 92  ILE A O   
185 C CB  . ILE A 25 ? 0.2359 0.2431 0.2059 0.0221  0.0372  -0.0077 92  ILE A CB  
186 C CG1 . ILE A 25 ? 0.2650 0.2546 0.2176 0.0357  0.0376  -0.0096 92  ILE A CG1 
187 C CG2 . ILE A 25 ? 0.2454 0.2619 0.2147 0.0248  0.0412  -0.0040 92  ILE A CG2 
188 C CD1 . ILE A 25 ? 0.2741 0.2785 0.2281 0.0468  0.0464  -0.0021 92  ILE A CD1 
189 N N   . SER A 26 ? 0.1640 0.1924 0.1628 -0.0030 0.0254  -0.0152 93  SER A N   
190 C CA  . SER A 26 ? 0.1271 0.1650 0.1358 -0.0085 0.0205  -0.0197 93  SER A CA  
191 C C   . SER A 26 ? 0.1374 0.1686 0.1406 -0.0117 0.0140  -0.0264 93  SER A C   
192 O O   . SER A 26 ? 0.1316 0.1591 0.1344 -0.0122 0.0106  -0.0303 93  SER A O   
193 C CB  . SER A 26 ? 0.1633 0.2221 0.1875 -0.0123 0.0190  -0.0202 93  SER A CB  
194 O OG  . SER A 26 ? 0.1822 0.2484 0.2127 -0.0107 0.0242  -0.0126 93  SER A OG  
195 N N   . LEU A 27 ? 0.1612 0.1916 0.1610 -0.0145 0.0112  -0.0261 94  LEU A N   
196 C CA  . LEU A 27 ? 0.1391 0.1667 0.1343 -0.0187 0.0043  -0.0294 94  LEU A CA  
197 C C   . LEU A 27 ? 0.1396 0.1430 0.1190 -0.0158 0.0036  -0.0313 94  LEU A C   
198 O O   . LEU A 27 ? 0.1561 0.1581 0.1332 -0.0177 -0.0003 -0.0351 94  LEU A O   
199 C CB  . LEU A 27 ? 0.1596 0.1936 0.1566 -0.0245 -0.0007 -0.0240 94  LEU A CB  
200 C CG  . LEU A 27 ? 0.1397 0.2065 0.1527 -0.0279 -0.0012 -0.0213 94  LEU A CG  
201 C CD1 . LEU A 27 ? 0.1918 0.2637 0.2086 -0.0337 -0.0049 -0.0109 94  LEU A CD1 
202 C CD2 . LEU A 27 ? 0.1406 0.2296 0.1585 -0.0294 -0.0061 -0.0257 94  LEU A CD2 
203 N N   . GLU A 28 ? 0.1801 0.1663 0.1479 -0.0097 0.0070  -0.0293 95  GLU A N   
204 C CA  . GLU A 28 ? 0.2059 0.1708 0.1561 -0.0049 0.0056  -0.0322 95  GLU A CA  
205 C C   . GLU A 28 ? 0.2423 0.2122 0.1932 -0.0019 0.0098  -0.0326 95  GLU A C   
206 O O   . GLU A 28 ? 0.2271 0.1891 0.1703 -0.0027 0.0066  -0.0353 95  GLU A O   
207 C CB  . GLU A 28 ? 0.2260 0.1737 0.1619 0.0048  0.0071  -0.0318 95  GLU A CB  
208 C CG  . GLU A 28 ? 0.2501 0.1849 0.1841 0.0005  -0.0019 -0.0308 95  GLU A CG  
209 C CD  . GLU A 28 ? 0.3567 0.2776 0.2819 0.0113  -0.0008 -0.0302 95  GLU A CD  
210 O OE1 . GLU A 28 ? 0.3381 0.2657 0.2601 0.0228  0.0090  -0.0299 95  GLU A OE1 
211 O OE2 . GLU A 28 ? 0.3538 0.2577 0.2761 0.0084  -0.0111 -0.0290 95  GLU A OE2 
212 N N   . GLU A 29 ? 0.2002 0.1841 0.1619 0.0001  0.0156  -0.0279 96  GLU A N   
213 C CA  . GLU A 29 ? 0.1658 0.1556 0.1318 0.0007  0.0169  -0.0244 96  GLU A CA  
214 C C   . GLU A 29 ? 0.1996 0.1913 0.1744 -0.0062 0.0097  -0.0290 96  GLU A C   
215 O O   . GLU A 29 ? 0.1887 0.1756 0.1599 -0.0063 0.0074  -0.0286 96  GLU A O   
216 C CB  . GLU A 29 ? 0.1880 0.1935 0.1668 0.0016  0.0216  -0.0159 96  GLU A CB  
217 C CG  . GLU A 29 ? 0.3794 0.3928 0.3669 -0.0006 0.0199  -0.0081 96  GLU A CG  
218 C CD  . GLU A 29 ? 0.5799 0.5942 0.5540 0.0070  0.0248  -0.0017 96  GLU A CD  
219 O OE1 . GLU A 29 ? 0.6147 0.6249 0.5726 0.0169  0.0306  -0.0036 96  GLU A OE1 
220 O OE2 . GLU A 29 ? 0.7018 0.7216 0.6814 0.0039  0.0218  0.0053  96  GLU A OE2 
221 N N   . HIS A 30 ? 0.1540 0.1545 0.1390 -0.0105 0.0056  -0.0337 97  HIS A N   
222 C CA  . HIS A 30 ? 0.1320 0.1363 0.1234 -0.0134 -0.0019 -0.0398 97  HIS A CA  
223 C C   . HIS A 30 ? 0.1326 0.1293 0.1127 -0.0149 -0.0050 -0.0429 97  HIS A C   
224 O O   . HIS A 30 ? 0.1530 0.1484 0.1341 -0.0153 -0.0098 -0.0457 97  HIS A O   
225 C CB  . HIS A 30 ? 0.1139 0.1357 0.1177 -0.0143 -0.0054 -0.0447 97  HIS A CB  
226 C CG  . HIS A 30 ? 0.1111 0.1399 0.1201 -0.0130 -0.0137 -0.0530 97  HIS A CG  
227 N ND1 . HIS A 30 ? 0.1452 0.1677 0.1612 -0.0113 -0.0202 -0.0559 97  HIS A ND1 
228 C CD2 . HIS A 30 ? 0.1075 0.1503 0.1159 -0.0123 -0.0175 -0.0581 97  HIS A CD2 
229 C CE1 . HIS A 30 ? 0.1313 0.1612 0.1493 -0.0076 -0.0278 -0.0649 97  HIS A CE1 
230 N NE2 . HIS A 30 ? 0.1398 0.1849 0.1532 -0.0076 -0.0253 -0.0661 97  HIS A NE2 
231 N N   . GLN A 31 ? 0.1380 0.1278 0.1074 -0.0161 -0.0042 -0.0415 98  GLN A N   
232 C CA  . GLN A 31 ? 0.1587 0.1383 0.1167 -0.0190 -0.0092 -0.0427 98  GLN A CA  
233 C C   . GLN A 31 ? 0.1958 0.1621 0.1438 -0.0157 -0.0080 -0.0429 98  GLN A C   
234 O O   . GLN A 31 ? 0.1951 0.1602 0.1406 -0.0181 -0.0124 -0.0445 98  GLN A O   
235 C CB  . GLN A 31 ? 0.1969 0.1652 0.1451 -0.0212 -0.0117 -0.0402 98  GLN A CB  
236 C CG  . GLN A 31 ? 0.2770 0.2263 0.2093 -0.0235 -0.0184 -0.0409 98  GLN A CG  
237 C CD  . GLN A 31 ? 0.2502 0.2120 0.1876 -0.0315 -0.0254 -0.0396 98  GLN A CD  
238 O OE1 . GLN A 31 ? 0.2927 0.2791 0.2443 -0.0341 -0.0259 -0.0382 98  GLN A OE1 
239 N NE2 . GLN A 31 ? 0.2825 0.2307 0.2077 -0.0342 -0.0313 -0.0401 98  GLN A NE2 
240 N N   . ASP A 32 ? 0.2074 0.1685 0.1502 -0.0097 -0.0019 -0.0397 99  ASP A N   
241 C CA  . ASP A 32 ? 0.2309 0.1870 0.1654 -0.0058 -0.0002 -0.0375 99  ASP A CA  
242 C C   . ASP A 32 ? 0.1812 0.1466 0.1302 -0.0092 -0.0030 -0.0350 99  ASP A C   
243 O O   . ASP A 32 ? 0.2036 0.1657 0.1484 -0.0101 -0.0057 -0.0344 99  ASP A O   
244 C CB  . ASP A 32 ? 0.2381 0.1955 0.1656 0.0030  0.0073  -0.0325 99  ASP A CB  
245 C CG  . ASP A 32 ? 0.3232 0.2805 0.2384 0.0091  0.0094  -0.0294 99  ASP A CG  
246 O OD1 . ASP A 32 ? 0.3908 0.3345 0.2891 0.0110  0.0056  -0.0351 99  ASP A OD1 
247 O OD2 . ASP A 32 ? 0.5050 0.4781 0.4280 0.0114  0.0136  -0.0198 99  ASP A OD2 
248 N N   . ALA A 33 ? 0.1577 0.1333 0.1237 -0.0111 -0.0040 -0.0340 100 ALA A N   
249 C CA  . ALA A 33 ? 0.1867 0.1659 0.1670 -0.0137 -0.0105 -0.0328 100 ALA A CA  
250 C C   . ALA A 33 ? 0.1467 0.1244 0.1270 -0.0151 -0.0176 -0.0407 100 ALA A C   
251 O O   . ALA A 33 ? 0.1676 0.1420 0.1510 -0.0159 -0.0228 -0.0393 100 ALA A O   
252 C CB  . ALA A 33 ? 0.2100 0.1971 0.2067 -0.0148 -0.0133 -0.0323 100 ALA A CB  
253 N N   . LEU A 34 ? 0.1755 0.1586 0.1530 -0.0156 -0.0181 -0.0469 101 LEU A N   
254 C CA  . LEU A 34 ? 0.1845 0.1732 0.1617 -0.0160 -0.0241 -0.0523 101 LEU A CA  
255 C C   . LEU A 34 ? 0.1831 0.1616 0.1477 -0.0183 -0.0245 -0.0495 101 LEU A C   
256 O O   . LEU A 34 ? 0.1854 0.1656 0.1523 -0.0180 -0.0296 -0.0512 101 LEU A O   
257 C CB  . LEU A 34 ? 0.2269 0.2297 0.2036 -0.0175 -0.0242 -0.0546 101 LEU A CB  
258 C CG  . LEU A 34 ? 0.1470 0.1679 0.1360 -0.0141 -0.0255 -0.0592 101 LEU A CG  
259 C CD1 . LEU A 34 ? 0.1855 0.2223 0.1732 -0.0176 -0.0243 -0.0562 101 LEU A CD1 
260 C CD2 . LEU A 34 ? 0.1744 0.2063 0.1716 -0.0077 -0.0334 -0.0675 101 LEU A CD2 
261 N N   . GLU A 35 ? 0.1762 0.1438 0.1266 -0.0194 -0.0200 -0.0463 102 GLU A N   
262 C CA  . GLU A 35 ? 0.1908 0.1479 0.1269 -0.0207 -0.0216 -0.0451 102 GLU A CA  
263 C C   . GLU A 35 ? 0.2006 0.1566 0.1393 -0.0186 -0.0210 -0.0410 102 GLU A C   
264 O O   . GLU A 35 ? 0.1990 0.1538 0.1346 -0.0204 -0.0249 -0.0405 102 GLU A O   
265 C CB  . GLU A 35 ? 0.2544 0.1975 0.1731 -0.0192 -0.0192 -0.0448 102 GLU A CB  
266 C CG  . GLU A 35 ? 0.3230 0.2627 0.2373 -0.0246 -0.0248 -0.0460 102 GLU A CG  
267 C CD  . GLU A 35 ? 0.3462 0.2856 0.2555 -0.0309 -0.0323 -0.0454 102 GLU A CD  
268 O OE1 . GLU A 35 ? 0.3945 0.3489 0.3128 -0.0364 -0.0369 -0.0434 102 GLU A OE1 
269 O OE2 . GLU A 35 ? 0.3813 0.3091 0.2778 -0.0296 -0.0336 -0.0461 102 GLU A OE2 
270 N N   . LEU A 36 ? 0.2134 0.1722 0.1590 -0.0158 -0.0170 -0.0359 103 LEU A N   
271 C CA  . LEU A 36 ? 0.2063 0.1682 0.1574 -0.0157 -0.0180 -0.0276 103 LEU A CA  
272 C C   . LEU A 36 ? 0.2295 0.1927 0.1962 -0.0185 -0.0270 -0.0287 103 LEU A C   
273 O O   . LEU A 36 ? 0.2203 0.1826 0.1872 -0.0199 -0.0306 -0.0245 103 LEU A O   
274 C CB  . LEU A 36 ? 0.2206 0.1904 0.1792 -0.0137 -0.0134 -0.0186 103 LEU A CB  
275 C CG  . LEU A 36 ? 0.3538 0.3240 0.2942 -0.0069 -0.0046 -0.0176 103 LEU A CG  
276 C CD1 . LEU A 36 ? 0.4386 0.4223 0.3870 -0.0039 0.0009  -0.0075 103 LEU A CD1 
277 C CD2 . LEU A 36 ? 0.2980 0.2669 0.2207 -0.0030 -0.0032 -0.0162 103 LEU A CD2 
278 N N   . ILE A 37 ? 0.1703 0.1360 0.1493 -0.0180 -0.0316 -0.0351 104 ILE A N   
279 C CA  . ILE A 37 ? 0.1630 0.1279 0.1554 -0.0170 -0.0424 -0.0385 104 ILE A CA  
280 C C   . ILE A 37 ? 0.1646 0.1313 0.1493 -0.0160 -0.0449 -0.0440 104 ILE A C   
281 O O   . ILE A 37 ? 0.2030 0.1670 0.1936 -0.0152 -0.0521 -0.0428 104 ILE A O   
282 C CB  . ILE A 37 ? 0.1703 0.1381 0.1753 -0.0137 -0.0481 -0.0464 104 ILE A CB  
283 C CG1 . ILE A 37 ? 0.2712 0.2316 0.2911 -0.0112 -0.0624 -0.0486 104 ILE A CG1 
284 C CG2 . ILE A 37 ? 0.2277 0.2068 0.2270 -0.0099 -0.0462 -0.0570 104 ILE A CG2 
285 C CD1 . ILE A 37 ? 0.2804 0.2413 0.3109 -0.0057 -0.0715 -0.0591 104 ILE A CD1 
286 N N   . MET A 38 ? 0.1992 0.1714 0.1722 -0.0168 -0.0402 -0.0480 105 MET A N   
287 C CA  . MET A 38 ? 0.1875 0.1650 0.1538 -0.0176 -0.0432 -0.0499 105 MET A CA  
288 C C   . MET A 38 ? 0.2414 0.2101 0.1980 -0.0212 -0.0423 -0.0433 105 MET A C   
289 O O   . MET A 38 ? 0.2336 0.2051 0.1912 -0.0211 -0.0471 -0.0427 105 MET A O   
290 C CB  . MET A 38 ? 0.2266 0.2128 0.1846 -0.0205 -0.0408 -0.0515 105 MET A CB  
291 C CG  . MET A 38 ? 0.2570 0.2524 0.2091 -0.0234 -0.0450 -0.0501 105 MET A CG  
292 S SD  . MET A 38 ? 0.2948 0.3095 0.2595 -0.0149 -0.0523 -0.0554 105 MET A SD  
293 C CE  . MET A 38 ? 0.3535 0.3966 0.3236 -0.0113 -0.0521 -0.0579 105 MET A CE  
294 N N   A SER A 39 ? 0.2284 0.1891 0.1749 -0.0227 -0.0362 -0.0384 106 SER A N   
295 N N   B SER A 39 ? 0.2259 0.1865 0.1723 -0.0227 -0.0362 -0.0384 106 SER A N   
296 C CA  A SER A 39 ? 0.2089 0.1651 0.1444 -0.0241 -0.0354 -0.0326 106 SER A CA  
297 C CA  B SER A 39 ? 0.2048 0.1609 0.1403 -0.0240 -0.0351 -0.0326 106 SER A CA  
298 C C   A SER A 39 ? 0.2076 0.1669 0.1571 -0.0240 -0.0395 -0.0254 106 SER A C   
299 C C   B SER A 39 ? 0.2040 0.1631 0.1533 -0.0240 -0.0395 -0.0256 106 SER A C   
300 O O   A SER A 39 ? 0.2349 0.1951 0.1817 -0.0257 -0.0425 -0.0218 106 SER A O   
301 O O   B SER A 39 ? 0.2437 0.2038 0.1904 -0.0257 -0.0427 -0.0223 106 SER A O   
302 C CB  A SER A 39 ? 0.2489 0.1996 0.1691 -0.0219 -0.0286 -0.0305 106 SER A CB  
303 C CB  B SER A 39 ? 0.2588 0.2101 0.1806 -0.0214 -0.0280 -0.0300 106 SER A CB  
304 O OG  A SER A 39 ? 0.3426 0.2858 0.2506 -0.0224 -0.0281 -0.0369 106 SER A OG  
305 O OG  B SER A 39 ? 0.2892 0.2400 0.1980 -0.0203 -0.0270 -0.0256 106 SER A OG  
306 N N   . LYS A 40 ? 0.1893 0.1495 0.1545 -0.0230 -0.0414 -0.0220 107 LYS A N   
307 C CA  . LYS A 40 ? 0.1878 0.1483 0.1695 -0.0246 -0.0494 -0.0133 107 LYS A CA  
308 C C   . LYS A 40 ? 0.2111 0.1685 0.2015 -0.0224 -0.0594 -0.0204 107 LYS A C   
309 O O   . LYS A 40 ? 0.2297 0.1859 0.2267 -0.0237 -0.0661 -0.0141 107 LYS A O   
310 C CB  . LYS A 40 ? 0.2413 0.2018 0.2392 -0.0256 -0.0526 -0.0071 107 LYS A CB  
311 C CG  . LYS A 40 ? 0.3026 0.2721 0.2940 -0.0263 -0.0427 0.0031  107 LYS A CG  
312 C CD  . LYS A 40 ? 0.4176 0.3913 0.4290 -0.0300 -0.0484 0.0154  107 LYS A CD  
313 C CE  . LYS A 40 ? 0.5596 0.5393 0.5676 -0.0279 -0.0400 0.0151  107 LYS A CE  
314 N NZ  . LYS A 40 ? 0.6286 0.6210 0.6522 -0.0326 -0.0426 0.0342  107 LYS A NZ  
315 N N   . TYR A 41 ? 0.2626 0.2218 0.2533 -0.0178 -0.0609 -0.0328 108 TYR A N   
316 C CA  . TYR A 41 ? 0.2108 0.1726 0.2081 -0.0116 -0.0701 -0.0411 108 TYR A CA  
317 C C   . TYR A 41 ? 0.2009 0.1684 0.1882 -0.0134 -0.0688 -0.0386 108 TYR A C   
318 O O   . TYR A 41 ? 0.2124 0.1788 0.2070 -0.0106 -0.0768 -0.0374 108 TYR A O   
319 C CB  . TYR A 41 ? 0.2158 0.1876 0.2129 -0.0051 -0.0699 -0.0535 108 TYR A CB  
320 C CG  . TYR A 41 ? 0.2286 0.2084 0.2328 0.0060  -0.0799 -0.0642 108 TYR A CG  
321 C CD1 . TYR A 41 ? 0.2167 0.1863 0.2345 0.0141  -0.0926 -0.0711 108 TYR A CD1 
322 C CD2 . TYR A 41 ? 0.2978 0.2964 0.2944 0.0096  -0.0783 -0.0672 108 TYR A CD2 
323 C CE1 . TYR A 41 ? 0.2413 0.2182 0.2632 0.0285  -0.1009 -0.0818 108 TYR A CE1 
324 C CE2 . TYR A 41 ? 0.2796 0.2911 0.2813 0.0230  -0.0868 -0.0771 108 TYR A CE2 
325 C CZ  . TYR A 41 ? 0.2873 0.2870 0.3010 0.0339  -0.0967 -0.0849 108 TYR A CZ  
326 O OH  . TYR A 41 ? 0.3011 0.3120 0.3185 0.0508  -0.1034 -0.0949 108 TYR A OH  
327 N N   . ARG A 42 ? 0.2256 0.1973 0.1965 -0.0183 -0.0603 -0.0373 109 ARG A N   
328 C CA  . ARG A 42 ? 0.2092 0.1858 0.1694 -0.0217 -0.0604 -0.0343 109 ARG A CA  
329 C C   . ARG A 42 ? 0.2087 0.1794 0.1667 -0.0255 -0.0604 -0.0246 109 ARG A C   
330 O O   . ARG A 42 ? 0.2436 0.2185 0.2000 -0.0268 -0.0638 -0.0213 109 ARG A O   
331 C CB  . ARG A 42 ? 0.2183 0.1971 0.1622 -0.0269 -0.0551 -0.0355 109 ARG A CB  
332 C CG  . ARG A 42 ? 0.2417 0.2345 0.1893 -0.0246 -0.0563 -0.0414 109 ARG A CG  
333 C CD  . ARG A 42 ? 0.4335 0.4240 0.3674 -0.0319 -0.0534 -0.0396 109 ARG A CD  
334 N NE  . ARG A 42 ? 0.5685 0.5779 0.5062 -0.0326 -0.0555 -0.0404 109 ARG A NE  
335 C CZ  . ARG A 42 ? 0.5906 0.5984 0.5219 -0.0390 -0.0551 -0.0375 109 ARG A CZ  
336 N NH1 . ARG A 42 ? 0.6306 0.6160 0.5507 -0.0422 -0.0525 -0.0364 109 ARG A NH1 
337 N NH2 . ARG A 42 ? 0.5199 0.5496 0.4592 -0.0389 -0.0566 -0.0343 109 ARG A NH2 
338 N N   . LYS A 43 ? 0.2574 0.2229 0.2154 -0.0272 -0.0563 -0.0182 110 LYS A N   
339 C CA  . LYS A 43 ? 0.2410 0.2083 0.1988 -0.0301 -0.0565 -0.0065 110 LYS A CA  
340 C C   . LYS A 43 ? 0.2233 0.1901 0.2016 -0.0296 -0.0669 -0.0005 110 LYS A C   
341 O O   . LYS A 43 ? 0.2443 0.2153 0.2235 -0.0323 -0.0698 0.0082  110 LYS A O   
342 C CB  . LYS A 43 ? 0.2689 0.2387 0.2236 -0.0303 -0.0500 0.0010  110 LYS A CB  
343 C CG  . LYS A 43 ? 0.4259 0.3949 0.3559 -0.0288 -0.0413 -0.0032 110 LYS A CG  
344 C CD  . LYS A 43 ? 0.4813 0.4562 0.4089 -0.0251 -0.0344 0.0022  110 LYS A CD  
345 C CE  . LYS A 43 ? 0.5414 0.5163 0.4424 -0.0200 -0.0281 -0.0015 110 LYS A CE  
346 N NZ  . LYS A 43 ? 0.6057 0.5920 0.4980 -0.0192 -0.0282 0.0064  110 LYS A NZ  
347 N N   . GLN A 44 ? 0.2231 0.1834 0.2178 -0.0258 -0.0744 -0.0054 111 GLN A N   
348 C CA  . GLN A 44 ? 0.2108 0.1649 0.2252 -0.0238 -0.0884 -0.0017 111 GLN A CA  
349 C C   . GLN A 44 ? 0.2238 0.1807 0.2360 -0.0181 -0.0933 -0.0093 111 GLN A C   
350 O O   . GLN A 44 ? 0.2506 0.2053 0.2723 -0.0180 -0.1020 -0.0024 111 GLN A O   
351 C CB  . GLN A 44 ? 0.2263 0.1693 0.2564 -0.0199 -0.0978 -0.0072 111 GLN A CB  
352 C CG  . GLN A 44 ? 0.2671 0.1969 0.3163 -0.0149 -0.1165 -0.0086 111 GLN A CG  
353 C CD  . GLN A 44 ? 0.3357 0.2626 0.3981 -0.0230 -0.1248 0.0108  111 GLN A CD  
354 O OE1 . GLN A 44 ? 0.3289 0.2664 0.3889 -0.0322 -0.1168 0.0269  111 GLN A OE1 
355 N NE2 . GLN A 44 ? 0.3286 0.2432 0.4047 -0.0183 -0.1416 0.0100  111 GLN A NE2 
356 N N   . MET A 45 ? 0.2707 0.2357 0.2722 -0.0132 -0.0886 -0.0216 112 MET A N   
357 C CA  . MET A 45 ? 0.2582 0.2335 0.2570 -0.0077 -0.0920 -0.0262 112 MET A CA  
358 C C   . MET A 45 ? 0.2665 0.2467 0.2565 -0.0155 -0.0886 -0.0153 112 MET A C   
359 O O   . MET A 45 ? 0.3183 0.3028 0.3134 -0.0125 -0.0951 -0.0128 112 MET A O   
360 C CB  . MET A 45 ? 0.3140 0.3046 0.3030 -0.0037 -0.0867 -0.0362 112 MET A CB  
361 C CG  . MET A 45 ? 0.3934 0.3889 0.3919 0.0099  -0.0937 -0.0495 112 MET A CG  
362 S SD  . MET A 45 ? 0.4009 0.4228 0.3898 0.0127  -0.0864 -0.0567 112 MET A SD  
363 C CE  . MET A 45 ? 0.2899 0.3387 0.2783 0.0225  -0.0914 -0.0576 112 MET A CE  
364 N N   . LEU A 46 ? 0.2726 0.2525 0.2488 -0.0242 -0.0794 -0.0093 113 LEU A N   
365 C CA  . LEU A 46 ? 0.2587 0.2433 0.2243 -0.0307 -0.0770 -0.0002 113 LEU A CA  
366 C C   . LEU A 46 ? 0.2641 0.2470 0.2434 -0.0326 -0.0825 0.0127  113 LEU A C   
367 O O   . LEU A 46 ? 0.2250 0.2138 0.2051 -0.0343 -0.0859 0.0195  113 LEU A O   
368 C CB  . LEU A 46 ? 0.2382 0.2213 0.1830 -0.0362 -0.0679 0.0000  113 LEU A CB  
369 C CG  . LEU A 46 ? 0.2530 0.2408 0.1831 -0.0415 -0.0664 0.0073  113 LEU A CG  
370 C CD1 . LEU A 46 ? 0.2750 0.2701 0.2009 -0.0439 -0.0708 0.0063  113 LEU A CD1 
371 C CD2 . LEU A 46 ? 0.3103 0.2930 0.2184 -0.0431 -0.0598 0.0043  113 LEU A CD2 
372 N N   . GLN A 47 ? 0.2903 0.2672 0.2818 -0.0332 -0.0845 0.0183  114 GLN A N   
373 C CA  . GLN A 47 ? 0.3326 0.3108 0.3407 -0.0370 -0.0920 0.0346  114 GLN A CA  
374 C C   . GLN A 47 ? 0.2900 0.2608 0.3156 -0.0325 -0.1062 0.0339  114 GLN A C   
375 O O   . GLN A 47 ? 0.2821 0.2571 0.3160 -0.0360 -0.1122 0.0468  114 GLN A O   
376 C CB  . GLN A 47 ? 0.3057 0.2811 0.3261 -0.0398 -0.0935 0.0432  114 GLN A CB  
377 C CG  . GLN A 47 ? 0.4540 0.4439 0.4593 -0.0434 -0.0807 0.0510  114 GLN A CG  
378 C CD  . GLN A 47 ? 0.6578 0.6500 0.6745 -0.0453 -0.0808 0.0598  114 GLN A CD  
379 O OE1 . GLN A 47 ? 0.7544 0.7341 0.7790 -0.0430 -0.0844 0.0510  114 GLN A OE1 
380 N NE2 . GLN A 47 ? 0.7069 0.7195 0.7245 -0.0491 -0.0769 0.0782  114 GLN A NE2 
381 N N   . LEU A 48 ? 0.2372 0.1990 0.2674 -0.0231 -0.1122 0.0186  115 LEU A N   
382 C CA  . LEU A 48 ? 0.2425 0.1979 0.2860 -0.0142 -0.1263 0.0143  115 LEU A CA  
383 C C   . LEU A 48 ? 0.3045 0.2743 0.3380 -0.0135 -0.1226 0.0157  115 LEU A C   
384 O O   . LEU A 48 ? 0.3010 0.2693 0.3455 -0.0119 -0.1323 0.0230  115 LEU A O   
385 C CB  . LEU A 48 ? 0.2948 0.2435 0.3408 -0.0007 -0.1321 -0.0049 115 LEU A CB  
386 C CG  . LEU A 48 ? 0.3206 0.2514 0.3796 0.0011  -0.1414 -0.0087 115 LEU A CG  
387 C CD1 . LEU A 48 ? 0.3514 0.2852 0.4040 0.0134  -0.1401 -0.0291 115 LEU A CD1 
388 C CD2 . LEU A 48 ? 0.3362 0.2465 0.4177 0.0038  -0.1633 -0.0031 115 LEU A CD2 
389 N N   . MET A 49 ? 0.2670 0.2502 0.2806 -0.0153 -0.1102 0.0097  116 MET A N   
390 C CA  . MET A 49 ? 0.2718 0.2700 0.2752 -0.0168 -0.1075 0.0125  116 MET A CA  
391 C C   . MET A 49 ? 0.2661 0.2675 0.2682 -0.0268 -0.1063 0.0287  116 MET A C   
392 O O   . MET A 49 ? 0.2798 0.2885 0.2860 -0.0262 -0.1111 0.0349  116 MET A O   
393 C CB  . MET A 49 ? 0.3395 0.3494 0.3232 -0.0202 -0.0973 0.0060  116 MET A CB  
394 C CG  . MET A 49 ? 0.3763 0.3947 0.3614 -0.0097 -0.0987 -0.0070 116 MET A CG  
395 S SD  . MET A 49 ? 0.5276 0.5668 0.4938 -0.0165 -0.0914 -0.0071 116 MET A SD  
396 C CE  . MET A 49 ? 0.4827 0.5054 0.4337 -0.0291 -0.0829 -0.0054 116 MET A CE  
397 N N   . VAL A 50 ? 0.3345 0.3339 0.3312 -0.0348 -0.0999 0.0359  117 VAL A N   
398 C CA  . VAL A 50 ? 0.2675 0.2764 0.2612 -0.0427 -0.0980 0.0515  117 VAL A CA  
399 C C   . VAL A 50 ? 0.2845 0.2914 0.3028 -0.0430 -0.1103 0.0655  117 VAL A C   
400 O O   . VAL A 50 ? 0.3180 0.3352 0.3382 -0.0467 -0.1128 0.0767  117 VAL A O   
401 C CB  . VAL A 50 ? 0.3097 0.3217 0.2917 -0.0474 -0.0886 0.0554  117 VAL A CB  
402 C CG1 . VAL A 50 ? 0.3268 0.3546 0.3093 -0.0532 -0.0877 0.0736  117 VAL A CG1 
403 C CG2 . VAL A 50 ? 0.3368 0.3480 0.2924 -0.0476 -0.0792 0.0427  117 VAL A CG2 
404 N N   . ALA A 51 ? 0.3280 0.3204 0.3660 -0.0397 -0.1200 0.0654  118 ALA A N   
405 C CA  . ALA A 51 ? 0.3837 0.3688 0.4476 -0.0408 -0.1362 0.0792  118 ALA A CA  
406 C C   . ALA A 51 ? 0.4486 0.4289 0.5187 -0.0318 -0.1463 0.0730  118 ALA A C   
407 O O   . ALA A 51 ? 0.4727 0.4511 0.5601 -0.0336 -0.1584 0.0866  118 ALA A O   
408 C CB  . ALA A 51 ? 0.4088 0.3754 0.4911 -0.0397 -0.1474 0.0793  118 ALA A CB  
409 N N   . LYS A 52 ? 0.4583 0.4397 0.5160 -0.0216 -0.1420 0.0541  119 LYS A N   
410 C CA  . LYS A 52 ? 0.4594 0.4434 0.5211 -0.0103 -0.1499 0.0478  119 LYS A CA  
411 C C   . LYS A 52 ? 0.5431 0.5469 0.5951 -0.0173 -0.1433 0.0589  119 LYS A C   
412 O O   . LYS A 52 ? 0.6225 0.6290 0.6840 -0.0254 -0.1474 0.0763  119 LYS A O   
413 C CB  . LYS A 52 ? 0.4640 0.4525 0.5152 0.0030  -0.1465 0.0269  119 LYS A CB  
418 N N   . LEU B 5  ? 0.3838 0.6469 0.5907 0.1208  0.1115  0.2754  72  LEU B N   
419 C CA  . LEU B 5  ? 0.3844 0.6396 0.5811 0.1126  0.1021  0.2618  72  LEU B CA  
420 C C   . LEU B 5  ? 0.3403 0.6188 0.5212 0.1081  0.0885  0.2549  72  LEU B C   
421 O O   . LEU B 5  ? 0.2511 0.5264 0.4205 0.1014  0.0805  0.2441  72  LEU B O   
422 C CB  . LEU B 5  ? 0.5250 0.7616 0.7408 0.1084  0.1055  0.2652  72  LEU B CB  
423 C CG  . LEU B 5  ? 0.5997 0.8030 0.8302 0.1116  0.1129  0.2696  72  LEU B CG  
424 C CD1 . LEU B 5  ? 0.6566 0.8323 0.9099 0.1036  0.1060  0.2708  72  LEU B CD1 
425 C CD2 . LEU B 5  ? 0.6687 0.8461 0.8712 0.1137  0.1062  0.2528  72  LEU B CD2 
426 N N   . LEU B 6  ? 0.3752 0.6782 0.5557 0.1119  0.0874  0.2627  73  LEU B N   
427 C CA  . LEU B 6  ? 0.2519 0.5822 0.4181 0.1080  0.0779  0.2597  73  LEU B CA  
428 C C   . LEU B 6  ? 0.3161 0.6642 0.4794 0.1035  0.0726  0.2599  73  LEU B C   
429 O O   . LEU B 6  ? 0.3473 0.7240 0.5038 0.0982  0.0658  0.2619  73  LEU B O   
430 C CB  . LEU B 6  ? 0.3066 0.6591 0.4739 0.1154  0.0814  0.2702  73  LEU B CB  
431 C CG  . LEU B 6  ? 0.2472 0.5900 0.4184 0.1201  0.0865  0.2730  73  LEU B CG  
432 C CD1 . LEU B 6  ? 0.2600 0.6300 0.4298 0.1308  0.0915  0.2850  73  LEU B CD1 
433 C CD2 . LEU B 6  ? 0.3317 0.6674 0.4898 0.1147  0.0808  0.2611  73  LEU B CD2 
434 N N   . SER B 7  ? 0.3389 0.6732 0.5082 0.1061  0.0769  0.2606  74  SER B N   
435 C CA  . SER B 7  ? 0.3044 0.6555 0.4746 0.1020  0.0727  0.2630  74  SER B CA  
436 C C   . SER B 7  ? 0.3926 0.7505 0.5539 0.0888  0.0614  0.2541  74  SER B C   
437 O O   . SER B 7  ? 0.2843 0.6255 0.4373 0.0856  0.0587  0.2433  74  SER B O   
438 C CB  . SER B 7  ? 0.3739 0.7071 0.5484 0.1112  0.0827  0.2648  74  SER B CB  
439 O OG  . SER B 7  ? 0.3895 0.6943 0.5568 0.1120  0.0856  0.2543  74  SER B OG  
440 N N   . GLN B 8  ? 0.3626 0.7467 0.5280 0.0795  0.0549  0.2616  75  GLN B N   
441 C CA  . GLN B 8  ? 0.4280 0.8188 0.5888 0.0646  0.0439  0.2570  75  GLN B CA  
442 C C   . GLN B 8  ? 0.3729 0.7350 0.5308 0.0677  0.0467  0.2456  75  GLN B C   
443 O O   . GLN B 8  ? 0.3232 0.6747 0.4718 0.0607  0.0409  0.2346  75  GLN B O   
444 C CB  . GLN B 8  ? 0.3015 0.7231 0.4737 0.0528  0.0364  0.2734  75  GLN B CB  
445 N N   . GLU B 9  ? 0.4374 0.7892 0.6019 0.0801  0.0563  0.2495  76  GLU B N   
446 C CA  . GLU B 9  ? 0.5449 0.8678 0.7031 0.0911  0.0643  0.2418  76  GLU B CA  
447 C C   . GLU B 9  ? 0.4272 0.7257 0.5744 0.0888  0.0630  0.2286  76  GLU B C   
448 O O   . GLU B 9  ? 0.2851 0.5788 0.4256 0.0807  0.0562  0.2200  76  GLU B O   
449 C CB  . GLU B 9  ? 0.6672 0.9786 0.8276 0.1084  0.0800  0.2486  76  GLU B CB  
450 N N   . ASN B 10 ? 0.3411 0.6253 0.4890 0.0958  0.0704  0.2294  77  ASN B N   
451 C CA  . ASN B 10 ? 0.3816 0.6418 0.5259 0.0949  0.0726  0.2216  77  ASN B CA  
452 C C   . ASN B 10 ? 0.3521 0.6210 0.4901 0.0831  0.0607  0.2147  77  ASN B C   
453 O O   . ASN B 10 ? 0.3063 0.5589 0.4401 0.0797  0.0595  0.2066  77  ASN B O   
454 C CB  . ASN B 10 ? 0.4097 0.6565 0.5642 0.1029  0.0846  0.2296  77  ASN B CB  
455 C CG  . ASN B 10 ? 0.4680 0.7016 0.6230 0.1165  0.1002  0.2375  77  ASN B CG  
456 O OD1 . ASN B 10 ? 0.4728 0.7009 0.6165 0.1228  0.1039  0.2346  77  ASN B OD1 
457 N ND2 . ASN B 10 ? 0.5424 0.7717 0.7092 0.1237  0.1103  0.2492  77  ASN B ND2 
458 N N   . THR B 11 ? 0.2919 0.5882 0.4288 0.0777  0.0537  0.2185  78  THR B N   
459 C CA  . THR B 11 ? 0.3431 0.6519 0.4699 0.0691  0.0455  0.2126  78  THR B CA  
460 C C   . THR B 11 ? 0.2133 0.5219 0.3334 0.0574  0.0367  0.2037  78  THR B C   
461 O O   . THR B 11 ? 0.2541 0.5439 0.3577 0.0517  0.0329  0.1920  78  THR B O   
462 C CB  . THR B 11 ? 0.4604 0.8033 0.5859 0.0676  0.0422  0.2211  78  THR B CB  
463 O OG1 . THR B 11 ? 0.3507 0.6931 0.4811 0.0794  0.0507  0.2287  78  THR B OG1 
464 C CG2 . THR B 11 ? 0.5242 0.8628 0.6196 0.0588  0.0300  0.2102  78  THR B CG2 
465 N N   . GLN B 12 ? 0.3226 0.6414 0.4484 0.0519  0.0332  0.2081  79  GLN B N   
466 C CA  . GLN B 12 ? 0.3426 0.6615 0.4653 0.0396  0.0249  0.2029  79  GLN B CA  
467 C C   . GLN B 12 ? 0.2446 0.5346 0.3636 0.0470  0.0306  0.1935  79  GLN B C   
468 O O   . GLN B 12 ? 0.2722 0.5506 0.3799 0.0376  0.0244  0.1834  79  GLN B O   
469 C CB  . GLN B 12 ? 0.3855 0.7232 0.5203 0.0323  0.0211  0.2153  79  GLN B CB  
470 C CG  . GLN B 12 ? 0.4424 0.7872 0.5742 0.0120  0.0050  0.2160  79  GLN B CG  
471 C CD  . GLN B 12 ? 0.4897 0.8503 0.6410 0.0053  0.0039  0.2336  79  GLN B CD  
472 O OE1 . GLN B 12 ? 0.5153 0.8642 0.6693 0.0077  0.0068  0.2317  79  GLN B OE1 
473 N NE2 . GLN B 12 ? 0.5315 0.9160 0.6949 -0.0011 -0.0013 0.2508  79  GLN B NE2 
474 N N   . ILE B 13 ? 0.1805 0.4529 0.3028 0.0626  0.0428  0.1962  80  ILE B N   
475 C CA  . ILE B 13 ? 0.1841 0.4272 0.2995 0.0700  0.0508  0.1890  80  ILE B CA  
476 C C   . ILE B 13 ? 0.1858 0.4075 0.2884 0.0596  0.0473  0.1768  80  ILE B C   
477 O O   . ILE B 13 ? 0.2111 0.4162 0.3023 0.0531  0.0454  0.1661  80  ILE B O   
478 C CB  . ILE B 13 ? 0.2268 0.4544 0.3467 0.0875  0.0666  0.1959  80  ILE B CB  
479 C CG1 . ILE B 13 ? 0.2975 0.5342 0.4173 0.0977  0.0735  0.2030  80  ILE B CG1 
480 C CG2 . ILE B 13 ? 0.2813 0.4654 0.3860 0.0922  0.0711  0.1873  80  ILE B CG2 
481 C CD1 . ILE B 13 ? 0.3465 0.5675 0.4627 0.1158  0.0913  0.2108  80  ILE B CD1 
482 N N   . ARG B 14 ? 0.2030 0.4290 0.3093 0.0591  0.0470  0.1800  81  ARG B N   
483 C CA  . ARG B 14 ? 0.2031 0.4131 0.3028 0.0530  0.0465  0.1726  81  ARG B CA  
484 C C   . ARG B 14 ? 0.2045 0.4189 0.2854 0.0407  0.0365  0.1611  81  ARG B C   
485 O O   . ARG B 14 ? 0.1779 0.3735 0.2520 0.0351  0.0363  0.1504  81  ARG B O   
486 C CB  . ARG B 14 ? 0.2202 0.4401 0.3302 0.0593  0.0500  0.1826  81  ARG B CB  
487 C CG  . ARG B 14 ? 0.1796 0.3883 0.3118 0.0691  0.0601  0.1944  81  ARG B CG  
488 C CD  . ARG B 14 ? 0.2499 0.4671 0.3989 0.0745  0.0644  0.2058  81  ARG B CD  
489 N NE  . ARG B 14 ? 0.1844 0.4309 0.3271 0.0796  0.0623  0.2115  81  ARG B NE  
490 C CZ  . ARG B 14 ? 0.2330 0.4879 0.3819 0.0851  0.0663  0.2196  81  ARG B CZ  
491 N NH1 . ARG B 14 ? 0.2539 0.4931 0.4153 0.0887  0.0739  0.2239  81  ARG B NH1 
492 N NH2 . ARG B 14 ? 0.2382 0.5194 0.3807 0.0881  0.0642  0.2244  81  ARG B NH2 
493 N N   . ASP B 15 ? 0.1828 0.4204 0.2567 0.0358  0.0268  0.1630  82  ASP B N   
494 C CA  . ASP B 15 ? 0.2205 0.4569 0.2731 0.0244  0.0132  0.1530  82  ASP B CA  
495 C C   . ASP B 15 ? 0.2266 0.4493 0.2811 0.0165  0.0102  0.1431  82  ASP B C   
496 O O   . ASP B 15 ? 0.2431 0.4470 0.2852 0.0099  0.0052  0.1267  82  ASP B O   
497 C CB  . ASP B 15 ? 0.4379 0.6943 0.4838 0.0193  -0.0015 0.1558  82  ASP B CB  
498 C CG  . ASP B 15 ? 0.6801 0.9377 0.7058 0.0267  -0.0033 0.1534  82  ASP B CG  
499 O OD1 . ASP B 15 ? 0.7750 1.0344 0.8090 0.0383  0.0119  0.1603  82  ASP B OD1 
500 O OD2 . ASP B 15 ? 0.7857 1.0392 0.7870 0.0226  -0.0211 0.1443  82  ASP B OD2 
501 N N   . LEU B 16 ? 0.1740 0.4064 0.2440 0.0197  0.0150  0.1535  83  LEU B N   
502 C CA  . LEU B 16 ? 0.1714 0.3932 0.2433 0.0170  0.0151  0.1466  83  LEU B CA  
503 C C   . LEU B 16 ? 0.1359 0.3236 0.2001 0.0221  0.0229  0.1303  83  LEU B C   
504 O O   . LEU B 16 ? 0.1571 0.3300 0.2141 0.0169  0.0193  0.1174  83  LEU B O   
505 C CB  . LEU B 16 ? 0.2083 0.4490 0.2981 0.0267  0.0216  0.1627  83  LEU B CB  
506 C CG  . LEU B 16 ? 0.2477 0.5238 0.3574 0.0169  0.0107  0.1777  83  LEU B CG  
507 C CD1 . LEU B 16 ? 0.2393 0.5269 0.3639 0.0311  0.0202  0.1912  83  LEU B CD1 
508 C CD2 . LEU B 16 ? 0.2896 0.5667 0.4015 0.0033  0.0013  0.1776  83  LEU B CD2 
509 N N   . GLN B 17 ? 0.1769 0.3515 0.2449 0.0317  0.0314  0.1322  84  GLN B N   
510 C CA  . GLN B 17 ? 0.1747 0.3147 0.2401 0.0340  0.0331  0.1182  84  GLN B CA  
511 C C   . GLN B 17 ? 0.1397 0.2720 0.1995 0.0224  0.0268  0.1063  84  GLN B C   
512 O O   . GLN B 17 ? 0.1596 0.2697 0.2149 0.0191  0.0234  0.0923  84  GLN B O   
513 C CB  . GLN B 17 ? 0.1574 0.2843 0.2349 0.0443  0.0395  0.1265  84  GLN B CB  
514 C CG  . GLN B 17 ? 0.1886 0.3101 0.2654 0.0607  0.0462  0.1341  84  GLN B CG  
515 C CD  . GLN B 17 ? 0.3298 0.4406 0.4200 0.0702  0.0509  0.1449  84  GLN B CD  
516 O OE1 . GLN B 17 ? 0.2725 0.4028 0.3764 0.0658  0.0532  0.1575  84  GLN B OE1 
517 N NE2 . GLN B 17 ? 0.4216 0.4985 0.5057 0.0855  0.0516  0.1404  84  GLN B NE2 
518 N N   . GLN B 18 ? 0.1452 0.2958 0.2027 0.0194  0.0255  0.1127  85  GLN B N   
519 C CA  . GLN B 18 ? 0.1396 0.2846 0.1865 0.0139  0.0216  0.1034  85  GLN B CA  
520 C C   . GLN B 18 ? 0.1356 0.2745 0.1669 0.0045  0.0117  0.0886  85  GLN B C   
521 O O   . GLN B 18 ? 0.1430 0.2649 0.1692 0.0007  0.0101  0.0765  85  GLN B O   
522 C CB  . GLN B 18 ? 0.1509 0.3160 0.1892 0.0190  0.0227  0.1138  85  GLN B CB  
523 C CG  . GLN B 18 ? 0.2245 0.3842 0.2479 0.0210  0.0229  0.1079  85  GLN B CG  
524 C CD  . GLN B 18 ? 0.3413 0.4952 0.3880 0.0257  0.0340  0.1176  85  GLN B CD  
525 O OE1 . GLN B 18 ? 0.2904 0.4340 0.3629 0.0240  0.0368  0.1227  85  GLN B OE1 
526 N NE2 . GLN B 18 ? 0.2795 0.4386 0.3178 0.0330  0.0391  0.1218  85  GLN B NE2 
527 N N   . GLU B 19 ? 0.1893 0.3431 0.2173 0.0001  0.0040  0.0918  86  GLU B N   
528 C CA  . GLU B 19 ? 0.1431 0.2918 0.1627 -0.0102 -0.0072 0.0815  86  GLU B CA  
529 C C   . GLU B 19 ? 0.1788 0.3114 0.2039 -0.0098 -0.0020 0.0742  86  GLU B C   
530 O O   . GLU B 19 ? 0.1615 0.2797 0.1785 -0.0158 -0.0067 0.0615  86  GLU B O   
531 C CB  . GLU B 19 ? 0.1991 0.3698 0.2250 -0.0166 -0.0187 0.0926  86  GLU B CB  
532 C CG  . GLU B 19 ? 0.3087 0.4936 0.3254 -0.0159 -0.0280 0.0991  86  GLU B CG  
533 N N   . ASN B 20 ? 0.1586 0.2918 0.1938 0.0000  0.0073  0.0819  87  ASN B N   
534 C CA  . ASN B 20 ? 0.1784 0.2935 0.2109 0.0055  0.0111  0.0742  87  ASN B CA  
535 C C   . ASN B 20 ? 0.1561 0.2424 0.1832 0.0048  0.0102  0.0589  87  ASN B C   
536 O O   . ASN B 20 ? 0.1570 0.2283 0.1765 0.0031  0.0072  0.0476  87  ASN B O   
537 C CB  . ASN B 20 ? 0.2681 0.3862 0.3045 0.0216  0.0208  0.0855  87  ASN B CB  
538 C CG  . ASN B 20 ? 0.3048 0.4566 0.3524 0.0222  0.0221  0.1049  87  ASN B CG  
539 O OD1 . ASN B 20 ? 0.2165 0.2987 0.3034 0.0273  0.0553  0.0897  87  ASN B OD1 
540 N ND2 . ASN B 20 ? 0.2433 0.4018 0.2932 0.0401  0.0332  0.1179  87  ASN B ND2 
541 N N   . ARG B 21 ? 0.1563 0.2377 0.1910 0.0058  0.0120  0.0615  88  ARG B N   
542 C CA  . ARG B 21 ? 0.1415 0.2021 0.1803 0.0026  0.0092  0.0528  88  ARG B CA  
543 C C   . ARG B 21 ? 0.1276 0.1909 0.1569 -0.0063 0.0053  0.0443  88  ARG B C   
544 O O   . ARG B 21 ? 0.1408 0.1871 0.1689 -0.0092 0.0018  0.0341  88  ARG B O   
545 C CB  . ARG B 21 ? 0.1875 0.2503 0.2447 0.0050  0.0129  0.0648  88  ARG B CB  
546 C CG  . ARG B 21 ? 0.1871 0.2330 0.2563 0.0134  0.0132  0.0700  88  ARG B CG  
547 C CD  . ARG B 21 ? 0.2273 0.2721 0.3232 0.0130  0.0144  0.0840  88  ARG B CD  
548 N NE  . ARG B 21 ? 0.2006 0.2771 0.3005 0.0154  0.0239  0.1006  88  ARG B NE  
549 C CZ  . ARG B 21 ? 0.2648 0.3526 0.3695 0.0229  0.0294  0.1132  88  ARG B CZ  
550 N NH1 . ARG B 21 ? 0.2994 0.3683 0.4049 0.0299  0.0277  0.1112  88  ARG B NH1 
551 N NH2 . ARG B 21 ? 0.2768 0.3937 0.3819 0.0260  0.0365  0.1277  88  ARG B NH2 
552 N N   . GLU B 22 ? 0.1570 0.2383 0.1765 -0.0094 0.0039  0.0477  89  GLU B N   
553 C CA  . GLU B 22 ? 0.1677 0.2450 0.1721 -0.0147 -0.0015 0.0380  89  GLU B CA  
554 C C   . GLU B 22 ? 0.1848 0.2530 0.1835 -0.0212 -0.0076 0.0279  89  GLU B C   
555 O O   . GLU B 22 ? 0.1698 0.2255 0.1612 -0.0246 -0.0103 0.0179  89  GLU B O   
556 C CB  . GLU B 22 ? 0.1888 0.2797 0.1770 -0.0139 -0.0065 0.0416  89  GLU B CB  
557 C CG  . GLU B 22 ? 0.2360 0.3182 0.2028 -0.0108 -0.0089 0.0338  89  GLU B CG  
558 C CD  . GLU B 22 ? 0.2484 0.3344 0.2215 0.0003  0.0038  0.0428  89  GLU B CD  
559 O OE1 . GLU B 22 ? 0.3509 0.4311 0.3081 0.0068  0.0057  0.0392  89  GLU B OE1 
560 O OE2 . GLU B 22 ? 0.2579 0.3536 0.2533 0.0037  0.0120  0.0565  89  GLU B OE2 
561 N N   . LEU B 23 ? 0.1425 0.2198 0.1466 -0.0213 -0.0084 0.0336  90  LEU B N   
562 C CA  . LEU B 23 ? 0.1443 0.2178 0.1469 -0.0250 -0.0118 0.0296  90  LEU B CA  
563 C C   . LEU B 23 ? 0.1590 0.2125 0.1593 -0.0192 -0.0076 0.0202  90  LEU B C   
564 O O   . LEU B 23 ? 0.1681 0.2118 0.1627 -0.0231 -0.0109 0.0117  90  LEU B O   
565 C CB  . LEU B 23 ? 0.1624 0.2567 0.1759 -0.0231 -0.0107 0.0448  90  LEU B CB  
566 C CG  . LEU B 23 ? 0.1484 0.2626 0.1680 -0.0328 -0.0218 0.0549  90  LEU B CG  
567 C CD1 . LEU B 23 ? 0.1677 0.3087 0.2060 -0.0282 -0.0178 0.0763  90  LEU B CD1 
568 C CD2 . LEU B 23 ? 0.2346 0.3433 0.2525 -0.0456 -0.0356 0.0499  90  LEU B CD2 
569 N N   . TRP B 24 ? 0.1623 0.2063 0.1661 -0.0095 -0.0029 0.0212  91  TRP B N   
570 C CA  . TRP B 24 ? 0.1363 0.1546 0.1356 -0.0039 -0.0051 0.0106  91  TRP B CA  
571 C C   . TRP B 24 ? 0.2095 0.2175 0.2128 -0.0125 -0.0099 0.0025  91  TRP B C   
572 O O   . TRP B 24 ? 0.1917 0.1850 0.1893 -0.0128 -0.0143 -0.0071 91  TRP B O   
573 C CB  . TRP B 24 ? 0.2213 0.2252 0.2239 0.0070  -0.0044 0.0129  91  TRP B CB  
574 C CG  . TRP B 24 ? 0.2265 0.2292 0.2167 0.0235  0.0008  0.0167  91  TRP B CG  
575 C CD1 . TRP B 24 ? 0.2798 0.2981 0.2736 0.0320  0.0085  0.0302  91  TRP B CD1 
576 C CD2 . TRP B 24 ? 0.2756 0.2621 0.2452 0.0373  0.0004  0.0093  91  TRP B CD2 
577 N NE1 . TRP B 24 ? 0.3040 0.3179 0.2815 0.0516  0.0144  0.0330  91  TRP B NE1 
578 C CE2 . TRP B 24 ? 0.3299 0.3236 0.2901 0.0565  0.0098  0.0200  91  TRP B CE2 
579 C CE3 . TRP B 24 ? 0.3459 0.3137 0.3027 0.0379  -0.0063 -0.0041 91  TRP B CE3 
580 C CZ2 . TRP B 24 ? 0.4544 0.4374 0.3897 0.0791  0.0144  0.0185  91  TRP B CZ2 
581 C CZ3 . TRP B 24 ? 0.3505 0.3063 0.2821 0.0587  -0.0037 -0.0072 91  TRP B CZ3 
582 C CH2 . TRP B 24 ? 0.3367 0.3003 0.2563 0.0804  0.0074  0.0043  91  TRP B CH2 
583 N N   . ILE B 25 ? 0.1765 0.1942 0.1888 -0.0169 -0.0080 0.0086  92  ILE B N   
584 C CA  . ILE B 25 ? 0.1567 0.1700 0.1746 -0.0213 -0.0092 0.0063  92  ILE B CA  
585 C C   . ILE B 25 ? 0.1674 0.1810 0.1694 -0.0258 -0.0111 -0.0023 92  ILE B C   
586 O O   . ILE B 25 ? 0.1920 0.1955 0.1946 -0.0277 -0.0133 -0.0084 92  ILE B O   
587 C CB  . ILE B 25 ? 0.1847 0.2127 0.2128 -0.0192 -0.0031 0.0193  92  ILE B CB  
588 C CG1 . ILE B 25 ? 0.1709 0.1956 0.2227 -0.0163 -0.0027 0.0302  92  ILE B CG1 
589 C CG2 . ILE B 25 ? 0.1708 0.2011 0.1999 -0.0190 -0.0005 0.0206  92  ILE B CG2 
590 C CD1 . ILE B 25 ? 0.1928 0.2374 0.2576 -0.0119 0.0059  0.0481  92  ILE B CD1 
591 N N   . SER B 26 ? 0.1807 0.2045 0.1707 -0.0281 -0.0124 -0.0018 93  SER B N   
592 C CA  . SER B 26 ? 0.1671 0.1867 0.1444 -0.0335 -0.0177 -0.0092 93  SER B CA  
593 C C   . SER B 26 ? 0.2249 0.2351 0.2032 -0.0344 -0.0190 -0.0149 93  SER B C   
594 O O   . SER B 26 ? 0.2280 0.2285 0.2011 -0.0367 -0.0211 -0.0220 93  SER B O   
595 C CB  . SER B 26 ? 0.2094 0.2396 0.1806 -0.0383 -0.0245 -0.0050 93  SER B CB  
596 O OG  . SER B 26 ? 0.2392 0.2759 0.2025 -0.0350 -0.0250 -0.0013 93  SER B OG  
597 N N   . LEU B 27 ? 0.1951 0.2079 0.1776 -0.0293 -0.0168 -0.0110 94  LEU B N   
598 C CA  . LEU B 27 ? 0.1952 0.2001 0.1729 -0.0247 -0.0168 -0.0149 94  LEU B CA  
599 C C   . LEU B 27 ? 0.2349 0.2205 0.2106 -0.0226 -0.0200 -0.0253 94  LEU B C   
600 O O   . LEU B 27 ? 0.2320 0.2108 0.2020 -0.0233 -0.0222 -0.0310 94  LEU B O   
601 C CB  . LEU B 27 ? 0.2081 0.2182 0.1841 -0.0125 -0.0118 -0.0075 94  LEU B CB  
602 C CG  . LEU B 27 ? 0.2531 0.2879 0.2372 -0.0137 -0.0086 0.0081  94  LEU B CG  
603 C CD1 . LEU B 27 ? 0.2498 0.2920 0.2325 0.0023  -0.0005 0.0185  94  LEU B CD1 
604 C CD2 . LEU B 27 ? 0.2317 0.2725 0.2176 -0.0164 -0.0094 0.0125  94  LEU B CD2 
605 N N   . GLU B 28 ? 0.2268 0.2043 0.2112 -0.0210 -0.0219 -0.0254 95  GLU B N   
606 C CA  . GLU B 28 ? 0.2278 0.1874 0.2177 -0.0209 -0.0294 -0.0320 95  GLU B CA  
607 C C   . GLU B 28 ? 0.2628 0.2277 0.2608 -0.0285 -0.0285 -0.0312 95  GLU B C   
608 O O   . GLU B 28 ? 0.2447 0.2003 0.2435 -0.0296 -0.0337 -0.0365 95  GLU B O   
609 C CB  . GLU B 28 ? 0.2851 0.2327 0.2885 -0.0182 -0.0352 -0.0291 95  GLU B CB  
610 C CG  . GLU B 28 ? 0.2322 0.1620 0.2521 -0.0221 -0.0485 -0.0315 95  GLU B CG  
611 C CD  . GLU B 28 ? 0.3486 0.2596 0.3504 -0.0140 -0.0569 -0.0421 95  GLU B CD  
612 O OE1 . GLU B 28 ? 0.3530 0.2579 0.3290 -0.0033 -0.0547 -0.0492 95  GLU B OE1 
613 O OE2 . GLU B 28 ? 0.3016 0.2093 0.3153 -0.0162 -0.0642 -0.0394 95  GLU B OE2 
614 N N   . GLU B 29 ? 0.2233 0.2027 0.2234 -0.0310 -0.0218 -0.0243 96  GLU B N   
615 C CA  . GLU B 29 ? 0.2070 0.1898 0.2073 -0.0321 -0.0188 -0.0230 96  GLU B CA  
616 C C   . GLU B 29 ? 0.2222 0.1982 0.2069 -0.0341 -0.0208 -0.0324 96  GLU B C   
617 O O   . GLU B 29 ? 0.2283 0.1998 0.2153 -0.0337 -0.0211 -0.0341 96  GLU B O   
618 C CB  . GLU B 29 ? 0.2657 0.2612 0.2599 -0.0285 -0.0117 -0.0157 96  GLU B CB  
619 C CG  . GLU B 29 ? 0.4287 0.4348 0.4452 -0.0246 -0.0066 -0.0008 96  GLU B CG  
620 C CD  . GLU B 29 ? 0.6237 0.6275 0.6667 -0.0262 -0.0091 0.0061  96  GLU B CD  
621 O OE1 . GLU B 29 ? 0.6345 0.6328 0.7017 -0.0301 -0.0164 0.0111  96  GLU B OE1 
622 O OE2 . GLU B 29 ? 0.6561 0.6620 0.6967 -0.0234 -0.0056 0.0071  96  GLU B OE2 
623 N N   . HIS B 30 ? 0.2363 0.2134 0.2090 -0.0362 -0.0223 -0.0353 97  HIS B N   
624 C CA  . HIS B 30 ? 0.1884 0.1624 0.1570 -0.0344 -0.0237 -0.0379 97  HIS B CA  
625 C C   . HIS B 30 ? 0.2439 0.2139 0.2184 -0.0292 -0.0247 -0.0407 97  HIS B C   
626 O O   . HIS B 30 ? 0.2419 0.2112 0.2185 -0.0264 -0.0244 -0.0422 97  HIS B O   
627 C CB  . HIS B 30 ? 0.1901 0.1700 0.1551 -0.0385 -0.0261 -0.0346 97  HIS B CB  
628 C CG  . HIS B 30 ? 0.2401 0.2175 0.2065 -0.0386 -0.0276 -0.0344 97  HIS B CG  
629 N ND1 . HIS B 30 ? 0.2311 0.2028 0.1967 -0.0362 -0.0285 -0.0375 97  HIS B ND1 
630 C CD2 . HIS B 30 ? 0.2679 0.2471 0.2333 -0.0421 -0.0286 -0.0316 97  HIS B CD2 
631 C CE1 . HIS B 30 ? 0.2452 0.2150 0.2135 -0.0387 -0.0298 -0.0361 97  HIS B CE1 
632 N NE2 . HIS B 30 ? 0.2618 0.2362 0.2297 -0.0429 -0.0302 -0.0316 97  HIS B NE2 
633 N N   . GLN B 31 ? 0.2343 0.2006 0.2073 -0.0278 -0.0259 -0.0426 98  GLN B N   
634 C CA  . GLN B 31 ? 0.2846 0.2420 0.2534 -0.0226 -0.0272 -0.0451 98  GLN B CA  
635 C C   . GLN B 31 ? 0.2561 0.2121 0.2349 -0.0254 -0.0276 -0.0437 98  GLN B C   
636 O O   . GLN B 31 ? 0.2515 0.2068 0.2276 -0.0240 -0.0272 -0.0446 98  GLN B O   
637 C CB  . GLN B 31 ? 0.3274 0.2724 0.2908 -0.0144 -0.0335 -0.0475 98  GLN B CB  
638 C CG  . GLN B 31 ? 0.4983 0.4311 0.4486 -0.0029 -0.0379 -0.0514 98  GLN B CG  
639 C CD  . GLN B 31 ? 0.5406 0.4668 0.5023 -0.0052 -0.0449 -0.0511 98  GLN B CD  
640 O OE1 . GLN B 31 ? 0.6299 0.5572 0.6096 -0.0126 -0.0478 -0.0474 98  GLN B OE1 
641 N NE2 . GLN B 31 ? 0.4265 0.3455 0.3780 0.0023  -0.0496 -0.0540 98  GLN B NE2 
642 N N   . ASP B 32 ? 0.2679 0.2231 0.2602 -0.0290 -0.0307 -0.0405 99  ASP B N   
643 C CA  . ASP B 32 ? 0.3150 0.2691 0.3229 -0.0314 -0.0352 -0.0367 99  ASP B CA  
644 C C   . ASP B 32 ? 0.1837 0.1413 0.1860 -0.0326 -0.0301 -0.0379 99  ASP B C   
645 O O   . ASP B 32 ? 0.2295 0.1858 0.2386 -0.0324 -0.0332 -0.0367 99  ASP B O   
646 C CB  . ASP B 32 ? 0.3150 0.2718 0.3496 -0.0360 -0.0399 -0.0281 99  ASP B CB  
647 C CG  . ASP B 32 ? 0.3464 0.2950 0.3898 -0.0344 -0.0476 -0.0256 99  ASP B CG  
648 O OD1 . ASP B 32 ? 0.4179 0.3558 0.4448 -0.0284 -0.0518 -0.0330 99  ASP B OD1 
649 O OD2 . ASP B 32 ? 0.3463 0.2993 0.4152 -0.0384 -0.0498 -0.0148 99  ASP B OD2 
650 N N   . ALA B 33 ? 0.2046 0.1652 0.1944 -0.0330 -0.0244 -0.0409 100 ALA B N   
651 C CA  . ALA B 33 ? 0.2068 0.1638 0.1868 -0.0306 -0.0224 -0.0432 100 ALA B CA  
652 C C   . ALA B 33 ? 0.2357 0.1982 0.2183 -0.0257 -0.0210 -0.0447 100 ALA B C   
653 O O   . ALA B 33 ? 0.2011 0.1589 0.1808 -0.0255 -0.0200 -0.0459 100 ALA B O   
654 C CB  . ALA B 33 ? 0.2252 0.1813 0.1868 -0.0298 -0.0189 -0.0444 100 ALA B CB  
655 N N   . LEU B 34 ? 0.2092 0.1779 0.1924 -0.0240 -0.0203 -0.0446 101 LEU B N   
656 C CA  . LEU B 34 ? 0.2398 0.2090 0.2193 -0.0231 -0.0191 -0.0453 101 LEU B CA  
657 C C   . LEU B 34 ? 0.1962 0.1579 0.1692 -0.0250 -0.0196 -0.0450 101 LEU B C   
658 O O   . LEU B 34 ? 0.1875 0.1469 0.1587 -0.0241 -0.0200 -0.0458 101 LEU B O   
659 C CB  . LEU B 34 ? 0.2835 0.2515 0.2553 -0.0228 -0.0220 -0.0449 101 LEU B CB  
660 C CG  . LEU B 34 ? 0.2915 0.2535 0.2521 -0.0231 -0.0235 -0.0445 101 LEU B CG  
661 C CD1 . LEU B 34 ? 0.3233 0.2823 0.2880 -0.0275 -0.0239 -0.0423 101 LEU B CD1 
662 C CD2 . LEU B 34 ? 0.3216 0.2823 0.2684 -0.0227 -0.0248 -0.0392 101 LEU B CD2 
663 N N   . GLU B 35 ? 0.2183 0.1750 0.1924 -0.0240 -0.0248 -0.0450 102 GLU B N   
664 C CA  . GLU B 35 ? 0.1707 0.1205 0.1478 -0.0204 -0.0335 -0.0455 102 GLU B CA  
665 C C   . GLU B 35 ? 0.1902 0.1408 0.1786 -0.0235 -0.0363 -0.0433 102 GLU B C   
666 O O   . GLU B 35 ? 0.2127 0.1602 0.2013 -0.0209 -0.0420 -0.0440 102 GLU B O   
667 C CB  . GLU B 35 ? 0.2398 0.1827 0.2223 -0.0185 -0.0419 -0.0455 102 GLU B CB  
668 C CG  . GLU B 35 ? 0.3321 0.2643 0.3188 -0.0145 -0.0562 -0.0466 102 GLU B CG  
669 C CD  . GLU B 35 ? 0.4270 0.3481 0.4197 -0.0128 -0.0672 -0.0466 102 GLU B CD  
670 O OE1 . GLU B 35 ? 0.4485 0.3721 0.4634 -0.0195 -0.0715 -0.0402 102 GLU B OE1 
671 O OE2 . GLU B 35 ? 0.4825 0.3914 0.4583 -0.0037 -0.0725 -0.0520 102 GLU B OE2 
672 N N   . LEU B 36 ? 0.1834 0.1365 0.1811 -0.0277 -0.0341 -0.0407 103 LEU B N   
673 C CA  . LEU B 36 ? 0.1815 0.1342 0.1962 -0.0295 -0.0392 -0.0373 103 LEU B CA  
674 C C   . LEU B 36 ? 0.1697 0.1184 0.1704 -0.0267 -0.0338 -0.0415 103 LEU B C   
675 O O   . LEU B 36 ? 0.1753 0.1236 0.1865 -0.0256 -0.0388 -0.0393 103 LEU B O   
676 C CB  . LEU B 36 ? 0.2160 0.1766 0.2475 -0.0303 -0.0345 -0.0286 103 LEU B CB  
677 C CG  . LEU B 36 ? 0.2332 0.2081 0.2829 -0.0246 -0.0261 -0.0128 103 LEU B CG  
678 C CD1 . LEU B 36 ? 0.2722 0.2533 0.3556 -0.0297 -0.0397 -0.0028 103 LEU B CD1 
679 C CD2 . LEU B 36 ? 0.2920 0.2820 0.3508 -0.0180 -0.0137 0.0018  103 LEU B CD2 
680 N N   . ILE B 37 ? 0.1732 0.1207 0.1545 -0.0258 -0.0241 -0.0448 104 ILE B N   
681 C CA  . ILE B 37 ? 0.1438 0.0866 0.1164 -0.0231 -0.0204 -0.0473 104 ILE B CA  
682 C C   . ILE B 37 ? 0.1744 0.1200 0.1464 -0.0221 -0.0226 -0.0467 104 ILE B C   
683 O O   . ILE B 37 ? 0.1890 0.1287 0.1586 -0.0196 -0.0241 -0.0474 104 ILE B O   
684 C CB  . ILE B 37 ? 0.2465 0.1905 0.2134 -0.0208 -0.0167 -0.0497 104 ILE B CB  
685 C CG1 . ILE B 37 ? 0.2357 0.1899 0.2082 -0.0218 -0.0178 -0.0478 104 ILE B CG1 
686 C CG2 . ILE B 37 ? 0.2952 0.2306 0.2500 -0.0188 -0.0154 -0.0506 104 ILE B CG2 
687 C CD1 . ILE B 37 ? 0.3071 0.2548 0.2746 -0.0241 -0.0196 -0.0478 104 ILE B CD1 
688 N N   . MET B 38 ? 0.1800 0.1304 0.1508 -0.0215 -0.0245 -0.0463 105 MET B N   
689 C CA  . MET B 38 ? 0.1831 0.1307 0.1472 -0.0160 -0.0299 -0.0475 105 MET B CA  
690 C C   . MET B 38 ? 0.1918 0.1362 0.1630 -0.0140 -0.0403 -0.0476 105 MET B C   
691 O O   . MET B 38 ? 0.1979 0.1389 0.1641 -0.0094 -0.0454 -0.0490 105 MET B O   
692 C CB  . MET B 38 ? 0.1802 0.1276 0.1356 -0.0112 -0.0318 -0.0487 105 MET B CB  
693 C CG  . MET B 38 ? 0.2103 0.1602 0.1599 -0.0121 -0.0268 -0.0482 105 MET B CG  
694 S SD  . MET B 38 ? 0.3087 0.2550 0.2429 -0.0015 -0.0302 -0.0497 105 MET B SD  
695 C CE  . MET B 38 ? 0.3005 0.2388 0.2155 0.0151  -0.0364 -0.0520 105 MET B CE  
696 N N   . SER B 39 ? 0.1916 0.1368 0.1771 -0.0172 -0.0464 -0.0454 106 SER B N   
697 C CA  . SER B 39 ? 0.1642 0.1076 0.1664 -0.0179 -0.0605 -0.0427 106 SER B CA  
698 C C   . SER B 39 ? 0.1702 0.1149 0.1825 -0.0194 -0.0613 -0.0408 106 SER B C   
699 O O   . SER B 39 ? 0.1787 0.1222 0.1943 -0.0173 -0.0710 -0.0404 106 SER B O   
700 C CB  . SER B 39 ? 0.1842 0.1295 0.2088 -0.0231 -0.0675 -0.0366 106 SER B CB  
701 O OG  . SER B 39 ? 0.2336 0.1801 0.2839 -0.0261 -0.0829 -0.0289 106 SER B OG  
702 N N   . LYS B 40 ? 0.1635 0.1106 0.1783 -0.0204 -0.0494 -0.0382 107 LYS B N   
703 C CA  . LYS B 40 ? 0.1539 0.1076 0.1729 -0.0148 -0.0386 -0.0296 107 LYS B CA  
704 C C   . LYS B 40 ? 0.1702 0.1154 0.1699 -0.0108 -0.0368 -0.0358 107 LYS B C   
705 O O   . LYS B 40 ? 0.1978 0.1477 0.2044 -0.0065 -0.0365 -0.0296 107 LYS B O   
706 C CB  . LYS B 40 ? 0.1759 0.1302 0.1874 -0.0099 -0.0227 -0.0260 107 LYS B CB  
707 C CG  . LYS B 40 ? 0.2288 0.1984 0.2640 -0.0096 -0.0202 -0.0127 107 LYS B CG  
708 C CD  . LYS B 40 ? 0.3454 0.3130 0.3624 -0.0002 -0.0048 -0.0113 107 LYS B CD  
709 C CE  . LYS B 40 ? 0.4089 0.3971 0.4517 0.0038  0.0012  0.0074  107 LYS B CE  
710 N NZ  . LYS B 40 ? 0.5107 0.5209 0.5868 0.0100  0.0052  0.0301  107 LYS B NZ  
711 N N   . TYR B 41 ? 0.1801 0.1155 0.1593 -0.0119 -0.0353 -0.0447 108 TYR B N   
712 C CA  . TYR B 41 ? 0.1765 0.1066 0.1424 -0.0081 -0.0325 -0.0458 108 TYR B CA  
713 C C   . TYR B 41 ? 0.1692 0.1034 0.1350 -0.0030 -0.0427 -0.0456 108 TYR B C   
714 O O   . TYR B 41 ? 0.1961 0.1323 0.1625 0.0018  -0.0407 -0.0408 108 TYR B O   
715 C CB  . TYR B 41 ? 0.1996 0.1263 0.1538 -0.0108 -0.0292 -0.0484 108 TYR B CB  
716 C CG  . TYR B 41 ? 0.1833 0.1063 0.1304 -0.0081 -0.0258 -0.0445 108 TYR B CG  
717 C CD1 . TYR B 41 ? 0.1906 0.1030 0.1380 -0.0107 -0.0210 -0.0416 108 TYR B CD1 
718 C CD2 . TYR B 41 ? 0.2162 0.1464 0.1566 -0.0010 -0.0277 -0.0415 108 TYR B CD2 
719 C CE1 . TYR B 41 ? 0.2127 0.1230 0.1616 -0.0101 -0.0191 -0.0337 108 TYR B CE1 
720 C CE2 . TYR B 41 ? 0.2328 0.1661 0.1728 0.0028  -0.0220 -0.0314 108 TYR B CE2 
721 C CZ  . TYR B 41 ? 0.2092 0.1335 0.1579 -0.0039 -0.0182 -0.0264 108 TYR B CZ  
722 O OH  . TYR B 41 ? 0.2089 0.1361 0.1643 -0.0022 -0.0142 -0.0130 108 TYR B OH  
723 N N   . ARG B 42 ? 0.1812 0.1143 0.1433 -0.0024 -0.0545 -0.0507 109 ARG B N   
724 C CA  . ARG B 42 ? 0.1897 0.1212 0.1441 0.0055  -0.0675 -0.0525 109 ARG B CA  
725 C C   . ARG B 42 ? 0.2158 0.1513 0.1904 0.0027  -0.0796 -0.0481 109 ARG B C   
726 O O   . ARG B 42 ? 0.2292 0.1662 0.1983 0.0096  -0.0855 -0.0463 109 ARG B O   
727 C CB  . ARG B 42 ? 0.2392 0.1687 0.1890 0.0083  -0.0723 -0.0538 109 ARG B CB  
728 C CG  . ARG B 42 ? 0.2774 0.1981 0.2104 0.0207  -0.0851 -0.0575 109 ARG B CG  
729 C CD  . ARG B 42 ? 0.2789 0.1902 0.2063 0.0247  -0.0911 -0.0603 109 ARG B CD  
730 N NE  . ARG B 42 ? 0.2879 0.1982 0.2403 0.0134  -0.0992 -0.0573 109 ARG B NE  
731 C CZ  . ARG B 42 ? 0.2985 0.2132 0.2616 0.0062  -0.0921 -0.0548 109 ARG B CZ  
732 N NH1 . ARG B 42 ? 0.2952 0.2150 0.2473 0.0076  -0.0777 -0.0556 109 ARG B NH1 
733 N NH2 . ARG B 42 ? 0.3124 0.2265 0.2994 -0.0020 -0.1012 -0.0500 109 ARG B NH2 
734 N N   . LYS B 43 ? 0.2097 0.1520 0.2119 -0.0060 -0.0811 -0.0412 110 LYS B N   
735 C CA  . LYS B 43 ? 0.1817 0.1359 0.2133 -0.0085 -0.0904 -0.0290 110 LYS B CA  
736 C C   . LYS B 43 ? 0.1748 0.1396 0.2095 -0.0025 -0.0735 -0.0190 110 LYS B C   
737 O O   . LYS B 43 ? 0.1801 0.1543 0.2297 -0.0003 -0.0811 -0.0100 110 LYS B O   
738 C CB  . LYS B 43 ? 0.1974 0.1618 0.2637 -0.0175 -0.0938 -0.0176 110 LYS B CB  
739 C CG  . LYS B 43 ? 0.2085 0.1603 0.2749 -0.0219 -0.1105 -0.0234 110 LYS B CG  
740 C CD  . LYS B 43 ? 0.2043 0.1679 0.3086 -0.0304 -0.1117 -0.0080 110 LYS B CD  
741 C CE  . LYS B 43 ? 0.2620 0.2099 0.3567 -0.0297 -0.1190 -0.0123 110 LYS B CE  
742 N NZ  . LYS B 43 ? 0.3482 0.2792 0.4339 -0.0258 -0.1383 -0.0167 110 LYS B NZ  
743 N N   . GLN B 44 ? 0.1904 0.1508 0.2102 0.0007  -0.0529 -0.0206 111 GLN B N   
744 C CA  . GLN B 44 ? 0.1736 0.1350 0.1890 0.0083  -0.0390 -0.0142 111 GLN B CA  
745 C C   . GLN B 44 ? 0.1819 0.1401 0.1830 0.0134  -0.0438 -0.0171 111 GLN B C   
746 O O   . GLN B 44 ? 0.2114 0.1764 0.2196 0.0194  -0.0412 -0.0082 111 GLN B O   
747 C CB  . GLN B 44 ? 0.1818 0.1299 0.1797 0.0103  -0.0228 -0.0186 111 GLN B CB  
748 C CG  . GLN B 44 ? 0.1992 0.1383 0.1877 0.0195  -0.0104 -0.0144 111 GLN B CG  
749 C CD  . GLN B 44 ? 0.2565 0.2092 0.2622 0.0289  -0.0045 0.0002  111 GLN B CD  
750 O OE1 . GLN B 44 ? 0.2576 0.2286 0.2864 0.0286  -0.0064 0.0107  111 GLN B OE1 
751 N NE2 . GLN B 44 ? 0.2545 0.1991 0.2518 0.0381  0.0036  0.0040  111 GLN B NE2 
752 N N   . MET B 45 ? 0.2051 0.1551 0.1859 0.0138  -0.0485 -0.0268 112 MET B N   
753 C CA  . MET B 45 ? 0.2224 0.1725 0.1873 0.0228  -0.0511 -0.0264 112 MET B CA  
754 C C   . MET B 45 ? 0.2078 0.1639 0.1776 0.0270  -0.0700 -0.0254 112 MET B C   
755 O O   . MET B 45 ? 0.2346 0.1966 0.2027 0.0347  -0.0700 -0.0188 112 MET B O   
756 C CB  . MET B 45 ? 0.2703 0.2146 0.2130 0.0268  -0.0506 -0.0330 112 MET B CB  
757 C CG  . MET B 45 ? 0.2576 0.1983 0.1991 0.0230  -0.0345 -0.0291 112 MET B CG  
758 S SD  . MET B 45 ? 0.3534 0.2964 0.2776 0.0293  -0.0316 -0.0285 112 MET B SD  
759 C CE  . MET B 45 ? 0.4331 0.3857 0.3452 0.0467  -0.0282 -0.0170 112 MET B CE  
760 N N   . LEU B 46 ? 0.2410 0.1942 0.2191 0.0212  -0.0886 -0.0308 113 LEU B N   
761 C CA  . LEU B 46 ? 0.2386 0.1933 0.2256 0.0221  -0.1137 -0.0296 113 LEU B CA  
762 C C   . LEU B 46 ? 0.2438 0.2171 0.2639 0.0190  -0.1106 -0.0124 113 LEU B C   
763 O O   . LEU B 46 ? 0.2641 0.2431 0.2869 0.0240  -0.1239 -0.0076 113 LEU B O   
764 C CB  . LEU B 46 ? 0.2769 0.2210 0.2738 0.0133  -0.1369 -0.0366 113 LEU B CB  
765 C CG  . LEU B 46 ? 0.3439 0.2691 0.3079 0.0208  -0.1328 -0.0493 113 LEU B CG  
766 C CD1 . LEU B 46 ? 0.3095 0.2257 0.2896 0.0126  -0.1396 -0.0488 113 LEU B CD1 
767 C CD2 . LEU B 46 ? 0.3867 0.3011 0.3200 0.0367  -0.1406 -0.0554 113 LEU B CD2 
768 N N   . GLN B 47 ? 0.2489 0.2322 0.2915 0.0139  -0.0922 -0.0019 114 GLN B N   
769 C CA  . GLN B 47 ? 0.2907 0.2936 0.3631 0.0160  -0.0843 0.0176  114 GLN B CA  
770 C C   . GLN B 47 ? 0.3316 0.3345 0.3879 0.0273  -0.0697 0.0207  114 GLN B C   
771 O O   . GLN B 47 ? 0.3337 0.3510 0.4064 0.0318  -0.0742 0.0336  114 GLN B O   
772 C CB  . GLN B 47 ? 0.3696 0.3805 0.4600 0.0145  -0.0656 0.0278  114 GLN B CB  
773 C CG  . GLN B 47 ? 0.5377 0.5675 0.6499 0.0240  -0.0494 0.0491  114 GLN B CG  
774 C CD  . GLN B 47 ? 0.6535 0.7105 0.8133 0.0193  -0.0652 0.0717  114 GLN B CD  
775 O OE1 . GLN B 47 ? 0.7287 0.7914 0.9142 0.0074  -0.0835 0.0755  114 GLN B OE1 
776 N NE2 . GLN B 47 ? 0.6662 0.7402 0.8417 0.0281  -0.0598 0.0889  114 GLN B NE2 
777 N N   . LEU B 48 ? 0.2280 0.2159 0.2564 0.0316  -0.0533 0.0114  115 LEU B N   
778 C CA  . LEU B 48 ? 0.2124 0.1977 0.2284 0.0413  -0.0411 0.0158  115 LEU B CA  
779 C C   . LEU B 48 ? 0.2348 0.2252 0.2407 0.0476  -0.0557 0.0156  115 LEU B C   
780 O O   . LEU B 48 ? 0.3157 0.3136 0.3243 0.0559  -0.0512 0.0257  115 LEU B O   
781 C CB  . LEU B 48 ? 0.2560 0.2229 0.2504 0.0413  -0.0267 0.0081  115 LEU B CB  
782 C CG  . LEU B 48 ? 0.3319 0.2852 0.3245 0.0381  -0.0136 0.0052  115 LEU B CG  
783 C CD1 . LEU B 48 ? 0.3284 0.2656 0.3038 0.0329  -0.0108 -0.0039 115 LEU B CD1 
784 C CD2 . LEU B 48 ? 0.3533 0.3003 0.3477 0.0477  0.0001  0.0140  115 LEU B CD2 
785 N N   . MET B 49 ? 0.2825 0.2672 0.2727 0.0465  -0.0736 0.0038  116 MET B N   
786 C CA  . MET B 49 ? 0.3522 0.3367 0.3194 0.0584  -0.0870 0.0008  116 MET B CA  
787 C C   . MET B 49 ? 0.4297 0.4255 0.4136 0.0595  -0.1078 0.0081  116 MET B C   
788 O O   . MET B 49 ? 0.5049 0.5061 0.4761 0.0716  -0.1112 0.0129  116 MET B O   
789 C CB  . MET B 49 ? 0.3652 0.3352 0.3037 0.0619  -0.1004 -0.0149 116 MET B CB  
790 C CG  . MET B 49 ? 0.5106 0.4755 0.4179 0.0786  -0.1205 -0.0208 116 MET B CG  
791 S SD  . MET B 49 ? 0.7302 0.6718 0.6057 0.0834  -0.1342 -0.0403 116 MET B SD  
792 C CE  . MET B 49 ? 0.8420 0.7771 0.7565 0.0596  -0.1524 -0.0435 116 MET B CE  
793 N N   . VAL B 50 ? 0.3704 0.3720 0.3861 0.0471  -0.1228 0.0121  117 VAL B N   
794 C CA  . VAL B 50 ? 0.4621 0.4776 0.5037 0.0451  -0.1460 0.0235  117 VAL B CA  
795 C C   . VAL B 50 ? 0.6218 0.6611 0.6983 0.0456  -0.1272 0.0465  117 VAL B C   
796 O O   . VAL B 50 ? 0.6661 0.7233 0.7705 0.0445  -0.1435 0.0614  117 VAL B O   
797 C CB  . VAL B 50 ? 0.4878 0.4993 0.5538 0.0303  -0.1747 0.0212  117 VAL B CB  
798 C CG1 . VAL B 50 ? 0.4708 0.4525 0.4967 0.0312  -0.1827 -0.0028 117 VAL B CG1 
799 C CG2 . VAL B 50 ? 0.4406 0.4667 0.5485 0.0187  -0.1612 0.0358  117 VAL B CG2 
800 N N   . ALA B 51 ? 0.6654 0.7039 0.7399 0.0486  -0.0954 0.0502  118 ALA B N   
801 C CA  . ALA B 51 ? 0.6208 0.6760 0.7187 0.0551  -0.0753 0.0705  118 ALA B CA  
802 C C   . ALA B 51 ? 0.6435 0.6995 0.7252 0.0683  -0.0664 0.0750  118 ALA B C   
803 O O   . ALA B 51 ? 0.6341 0.6794 0.6860 0.0730  -0.0724 0.0638  118 ALA B O   
804 C CB  . ALA B 51 ? 0.6140 0.6604 0.7089 0.0564  -0.0486 0.0701  118 ALA B CB  
# 
